data_4D80
#
_entry.id   4D80
#
_cell.length_a   99.700
_cell.length_b   127.390
_cell.length_c   191.230
_cell.angle_alpha   90.00
_cell.angle_beta   90.00
_cell.angle_gamma   90.00
#
_symmetry.space_group_name_H-M   'P 21 21 21'
#
_entity_poly.entity_id   1
_entity_poly.type   'polypeptide(L)'
_entity_poly.pdbx_seq_one_letter_code
;MSYYHHHHHHLESTSLYKKAGVPEGGEETEKAEEDIVMKEKPKVTLNEIVGLEDVKEALKEAVVYPSKRPDLFPLGWPRG
ILLYGPPGCGKTMIAAAVANELDSEFIHVDAASIMSKWLGEAEKNVAKIFKTARELSKKENKPAIIFIDELDALLASYTS
EVGGEARVRNQFLKEMDGLADKNEISKVYVIGATNKPWRLDEPFLRRFQKRIYITLPDKAHRLELLKHYSSKVKLDPNVN
LEELAELTDGYTASDIRDIVQSAHMRVVKEMFEKNLQEPRAINMDDFREVLKVRKPSVNQDMLKAYAAWHEKFKAL
;
_entity_poly.pdbx_strand_id   A,B,C,D,E,F
#
# COMPACT_ATOMS: atom_id res chain seq x y z
N VAL A 44 -41.40 22.17 -16.60
CA VAL A 44 -40.09 22.67 -17.16
C VAL A 44 -39.66 21.78 -18.35
N THR A 45 -40.50 21.84 -19.37
CA THR A 45 -40.27 21.05 -20.57
C THR A 45 -39.12 21.65 -21.35
N LEU A 46 -39.02 21.28 -22.63
CA LEU A 46 -38.20 22.01 -23.56
C LEU A 46 -39.05 22.47 -24.76
N ASN A 47 -38.38 23.10 -25.70
CA ASN A 47 -39.00 23.81 -26.81
C ASN A 47 -37.93 24.74 -27.37
N GLU A 48 -37.00 25.05 -26.44
CA GLU A 48 -35.73 25.79 -26.46
C GLU A 48 -35.83 26.71 -25.23
N ILE A 49 -36.34 26.12 -24.16
CA ILE A 49 -36.52 26.80 -22.91
C ILE A 49 -35.23 27.46 -22.50
N VAL A 50 -34.10 26.94 -22.98
CA VAL A 50 -32.84 27.60 -22.73
C VAL A 50 -32.08 28.17 -23.96
N GLY A 51 -32.33 27.65 -25.15
CA GLY A 51 -31.98 28.49 -26.35
C GLY A 51 -30.60 28.12 -26.87
N LEU A 52 -30.43 26.86 -27.26
CA LEU A 52 -29.11 26.21 -27.44
C LEU A 52 -29.10 25.10 -28.55
N GLU A 53 -30.25 24.91 -29.20
CA GLU A 53 -30.49 23.99 -30.34
C GLU A 53 -29.53 22.85 -30.66
N ASP A 54 -28.34 23.16 -31.18
CA ASP A 54 -27.37 22.11 -31.59
C ASP A 54 -27.41 20.90 -30.65
N VAL A 55 -27.01 21.15 -29.41
CA VAL A 55 -27.14 20.17 -28.31
C VAL A 55 -28.52 19.53 -28.27
N LYS A 56 -29.55 20.36 -28.37
CA LYS A 56 -30.91 19.89 -28.19
C LYS A 56 -31.38 18.92 -29.27
N GLU A 57 -31.26 19.30 -30.53
CA GLU A 57 -31.68 18.43 -31.63
C GLU A 57 -30.96 17.08 -31.61
N ALA A 58 -29.71 17.08 -31.14
CA ALA A 58 -28.93 15.86 -30.99
C ALA A 58 -29.45 14.98 -29.84
N LEU A 59 -30.14 15.60 -28.90
CA LEU A 59 -30.76 14.91 -27.79
C LEU A 59 -32.12 14.33 -28.21
N LYS A 60 -32.87 15.13 -28.96
CA LYS A 60 -34.10 14.66 -29.59
C LYS A 60 -33.76 13.40 -30.39
N GLU A 61 -32.94 13.59 -31.42
CA GLU A 61 -32.39 12.52 -32.25
C GLU A 61 -32.23 11.19 -31.50
N ALA A 62 -31.59 11.26 -30.34
CA ALA A 62 -31.21 10.08 -29.58
C ALA A 62 -32.39 9.37 -28.95
N VAL A 63 -33.37 10.14 -28.52
CA VAL A 63 -34.29 9.64 -27.53
C VAL A 63 -35.78 9.94 -27.83
N VAL A 64 -36.09 11.15 -28.27
CA VAL A 64 -37.49 11.51 -28.52
C VAL A 64 -38.05 10.81 -29.77
N TYR A 65 -37.21 10.53 -30.76
CA TYR A 65 -37.68 9.92 -32.01
C TYR A 65 -38.02 8.45 -31.79
N PRO A 66 -37.03 7.62 -31.40
CA PRO A 66 -37.32 6.21 -31.10
C PRO A 66 -38.48 6.00 -30.12
N SER A 67 -38.75 6.98 -29.28
CA SER A 67 -39.92 6.94 -28.45
C SER A 67 -41.16 7.10 -29.33
N LYS A 68 -41.19 8.17 -30.11
CA LYS A 68 -42.34 8.46 -30.98
C LYS A 68 -42.56 7.45 -32.12
N ARG A 69 -41.49 6.82 -32.58
CA ARG A 69 -41.58 5.98 -33.75
C ARG A 69 -40.44 4.95 -33.87
N PRO A 70 -40.50 3.87 -33.07
CA PRO A 70 -39.42 2.89 -33.02
C PRO A 70 -39.28 2.09 -34.31
N ASP A 71 -40.40 1.69 -34.89
CA ASP A 71 -40.40 0.96 -36.15
C ASP A 71 -39.45 1.54 -37.21
N LEU A 72 -39.20 2.85 -37.14
CA LEU A 72 -38.31 3.51 -38.09
C LEU A 72 -36.83 3.22 -37.86
N PHE A 73 -36.50 2.57 -36.75
CA PHE A 73 -35.13 2.24 -36.43
C PHE A 73 -34.96 0.73 -36.36
N PRO A 74 -34.64 0.10 -37.51
CA PRO A 74 -34.53 -1.36 -37.56
C PRO A 74 -33.24 -1.88 -36.94
N LEU A 75 -32.15 -1.11 -37.07
CA LEU A 75 -30.90 -1.45 -36.39
C LEU A 75 -30.91 -0.97 -34.95
N GLY A 76 -32.09 -0.69 -34.41
CA GLY A 76 -32.23 -0.26 -33.04
C GLY A 76 -31.72 1.15 -32.85
N TRP A 77 -31.48 1.49 -31.59
CA TRP A 77 -31.03 2.83 -31.18
C TRP A 77 -30.51 2.71 -29.77
N PRO A 78 -29.49 3.51 -29.43
CA PRO A 78 -28.77 3.31 -28.18
C PRO A 78 -29.52 3.94 -27.02
N ARG A 79 -29.54 3.23 -25.89
CA ARG A 79 -30.25 3.66 -24.69
C ARG A 79 -29.36 4.45 -23.73
N GLY A 80 -28.05 4.36 -23.95
CA GLY A 80 -27.06 5.02 -23.11
C GLY A 80 -26.61 6.31 -23.77
N ILE A 81 -26.72 7.41 -23.03
CA ILE A 81 -26.48 8.71 -23.60
C ILE A 81 -25.71 9.60 -22.59
N LEU A 82 -24.62 10.22 -23.06
CA LEU A 82 -23.63 10.88 -22.18
C LEU A 82 -23.53 12.39 -22.40
N LEU A 83 -23.70 13.14 -21.32
CA LEU A 83 -23.60 14.59 -21.36
C LEU A 83 -22.27 15.01 -20.75
N TYR A 84 -21.34 15.45 -21.58
CA TYR A 84 -19.98 15.75 -21.12
C TYR A 84 -19.55 17.14 -21.53
N GLY A 85 -19.00 17.87 -20.56
CA GLY A 85 -18.52 19.22 -20.82
C GLY A 85 -18.10 19.92 -19.55
N PRO A 86 -17.70 21.18 -19.67
CA PRO A 86 -17.37 21.94 -18.48
C PRO A 86 -18.57 22.03 -17.57
N PRO A 87 -18.31 22.24 -16.27
CA PRO A 87 -19.36 22.18 -15.27
C PRO A 87 -20.11 23.48 -15.18
N GLY A 88 -21.33 23.40 -14.66
CA GLY A 88 -22.14 24.58 -14.47
C GLY A 88 -23.16 24.77 -15.56
N CYS A 89 -22.84 24.29 -16.77
CA CYS A 89 -23.79 24.37 -17.88
C CYS A 89 -25.09 23.59 -17.61
N GLY A 90 -25.24 23.03 -16.40
CA GLY A 90 -26.52 22.58 -15.88
C GLY A 90 -27.05 21.40 -16.67
N LYS A 91 -26.18 20.41 -16.83
CA LYS A 91 -26.53 19.18 -17.51
C LYS A 91 -27.75 18.54 -16.89
N THR A 92 -27.98 18.80 -15.61
CA THR A 92 -29.06 18.19 -14.88
C THR A 92 -30.41 18.73 -15.35
N MET A 93 -30.46 20.02 -15.67
CA MET A 93 -31.68 20.70 -16.13
C MET A 93 -32.06 20.31 -17.54
N ILE A 94 -31.05 20.10 -18.36
CA ILE A 94 -31.26 19.64 -19.72
C ILE A 94 -31.94 18.27 -19.74
N ALA A 95 -31.40 17.33 -18.97
CA ALA A 95 -31.93 15.97 -18.93
C ALA A 95 -33.36 15.92 -18.35
N ALA A 96 -33.64 16.81 -17.42
CA ALA A 96 -35.00 16.97 -16.91
C ALA A 96 -35.95 17.37 -18.05
N ALA A 97 -35.45 18.24 -18.92
CA ALA A 97 -36.23 18.75 -20.05
C ALA A 97 -36.75 17.63 -20.97
N VAL A 98 -35.97 16.57 -21.14
CA VAL A 98 -36.38 15.52 -22.09
C VAL A 98 -37.41 14.61 -21.46
N ALA A 99 -37.31 14.38 -20.16
CA ALA A 99 -38.31 13.59 -19.47
C ALA A 99 -39.65 14.29 -19.61
N ASN A 100 -39.66 15.60 -19.38
CA ASN A 100 -40.89 16.36 -19.45
C ASN A 100 -41.37 16.56 -20.88
N GLU A 101 -40.47 16.45 -21.85
CA GLU A 101 -40.85 16.38 -23.27
C GLU A 101 -41.66 15.11 -23.54
N LEU A 102 -41.38 14.05 -22.79
CA LEU A 102 -42.03 12.75 -23.01
C LEU A 102 -43.03 12.38 -21.90
N ASP A 103 -43.50 13.38 -21.15
CA ASP A 103 -44.39 13.13 -19.99
C ASP A 103 -43.86 11.92 -19.21
N SER A 104 -42.55 11.92 -18.99
CA SER A 104 -41.81 10.74 -18.59
C SER A 104 -41.24 10.90 -17.19
N GLU A 105 -40.98 9.77 -16.55
CA GLU A 105 -40.44 9.75 -15.19
C GLU A 105 -38.93 10.01 -15.25
N PHE A 106 -38.41 10.66 -14.21
CA PHE A 106 -37.04 11.16 -14.21
C PHE A 106 -36.33 10.70 -12.94
N ILE A 107 -35.81 9.47 -12.97
CA ILE A 107 -35.20 8.86 -11.80
C ILE A 107 -33.78 9.40 -11.62
N HIS A 108 -33.66 10.42 -10.76
CA HIS A 108 -32.41 11.13 -10.55
C HIS A 108 -31.59 10.48 -9.45
N VAL A 109 -30.29 10.28 -9.71
CA VAL A 109 -29.38 9.71 -8.71
C VAL A 109 -27.97 10.25 -8.85
N ASP A 110 -27.38 10.63 -7.72
CA ASP A 110 -26.02 11.13 -7.72
C ASP A 110 -25.11 9.96 -7.41
N ALA A 111 -24.14 9.77 -8.28
CA ALA A 111 -23.23 8.64 -8.18
C ALA A 111 -22.37 8.69 -6.90
N ALA A 112 -22.18 9.89 -6.37
CA ALA A 112 -21.54 10.04 -5.08
C ALA A 112 -22.25 9.17 -4.05
N SER A 113 -23.54 9.45 -3.82
CA SER A 113 -24.33 8.76 -2.80
C SER A 113 -24.33 7.24 -2.97
N ILE A 114 -24.60 6.78 -4.19
CA ILE A 114 -24.67 5.35 -4.50
C ILE A 114 -23.35 4.60 -4.23
N MET A 115 -22.24 5.33 -4.20
CA MET A 115 -20.95 4.76 -3.79
C MET A 115 -20.75 4.75 -2.27
N SER A 116 -20.66 5.94 -1.68
CA SER A 116 -20.45 6.04 -0.25
C SER A 116 -21.65 5.39 0.46
N LYS A 117 -22.80 6.02 0.27
CA LYS A 117 -24.03 5.72 1.00
C LYS A 117 -24.60 4.36 0.56
N ALA A 122 -24.36 -1.62 -1.33
CA ALA A 122 -24.76 -0.71 -2.44
C ALA A 122 -25.16 -1.31 -3.82
N GLU A 123 -25.02 -2.62 -3.98
CA GLU A 123 -25.58 -3.33 -5.13
C GLU A 123 -27.09 -3.33 -5.05
N LYS A 124 -27.62 -3.41 -3.82
CA LYS A 124 -29.06 -3.48 -3.60
C LYS A 124 -29.77 -2.30 -4.25
N ASN A 125 -29.19 -1.11 -4.11
CA ASN A 125 -29.79 0.12 -4.65
C ASN A 125 -29.65 0.24 -6.18
N VAL A 126 -28.49 -0.12 -6.73
CA VAL A 126 -28.24 0.03 -8.17
C VAL A 126 -29.18 -0.85 -9.02
N ALA A 127 -29.55 -2.01 -8.52
CA ALA A 127 -30.50 -2.87 -9.21
C ALA A 127 -31.91 -2.33 -9.06
N LYS A 128 -32.20 -1.74 -7.91
CA LYS A 128 -33.51 -1.16 -7.61
C LYS A 128 -33.82 0.04 -8.49
N ILE A 129 -32.80 0.86 -8.74
CA ILE A 129 -32.96 2.04 -9.59
C ILE A 129 -33.45 1.67 -10.98
N PHE A 130 -32.88 0.61 -11.53
CA PHE A 130 -33.34 0.11 -12.81
C PHE A 130 -34.70 -0.58 -12.65
N LYS A 131 -34.77 -1.58 -11.77
CA LYS A 131 -36.04 -2.20 -11.32
C LYS A 131 -37.22 -1.26 -11.46
N THR A 132 -37.19 -0.18 -10.68
CA THR A 132 -38.33 0.73 -10.57
C THR A 132 -38.58 1.49 -11.87
N ALA A 133 -37.52 1.83 -12.60
CA ALA A 133 -37.66 2.54 -13.87
C ALA A 133 -38.33 1.69 -14.95
N ARG A 134 -38.03 0.39 -14.98
CA ARG A 134 -38.68 -0.52 -15.91
C ARG A 134 -40.13 -0.66 -15.50
N GLU A 135 -40.33 -0.96 -14.22
CA GLU A 135 -41.65 -1.13 -13.60
C GLU A 135 -42.53 0.11 -13.86
N LEU A 136 -41.95 1.30 -13.64
CA LEU A 136 -42.63 2.60 -13.91
C LEU A 136 -42.84 2.86 -15.39
N SER A 137 -42.08 2.19 -16.24
CA SER A 137 -42.42 2.08 -17.66
C SER A 137 -43.43 0.93 -17.77
N LYS A 138 -44.69 1.26 -17.47
CA LYS A 138 -45.76 0.26 -17.36
C LYS A 138 -46.16 -0.20 -18.76
N LYS A 139 -47.27 -0.93 -18.85
CA LYS A 139 -47.94 -1.13 -20.13
C LYS A 139 -48.09 0.21 -20.85
N GLU A 140 -48.49 1.24 -20.09
CA GLU A 140 -48.32 2.62 -20.51
C GLU A 140 -46.89 2.81 -20.99
N ASN A 141 -46.73 2.76 -22.32
CA ASN A 141 -45.43 2.94 -22.94
C ASN A 141 -44.98 4.40 -22.75
N LYS A 142 -44.72 4.76 -21.50
CA LYS A 142 -44.14 6.04 -21.12
C LYS A 142 -42.68 5.62 -20.83
N PRO A 143 -41.72 6.12 -21.62
CA PRO A 143 -40.36 5.72 -21.38
C PRO A 143 -39.79 6.43 -20.16
N ALA A 144 -39.12 5.68 -19.28
CA ALA A 144 -38.50 6.27 -18.09
C ALA A 144 -37.04 6.63 -18.33
N ILE A 145 -36.57 7.71 -17.71
CA ILE A 145 -35.20 8.20 -17.89
C ILE A 145 -34.43 8.23 -16.60
N ILE A 146 -33.38 7.41 -16.54
CA ILE A 146 -32.47 7.40 -15.41
C ILE A 146 -31.41 8.48 -15.67
N PHE A 147 -31.22 9.37 -14.71
CA PHE A 147 -30.19 10.38 -14.85
C PHE A 147 -29.13 10.23 -13.78
N ILE A 148 -27.87 10.19 -14.22
CA ILE A 148 -26.76 9.97 -13.33
C ILE A 148 -25.83 11.18 -13.29
N ASP A 149 -25.86 11.88 -12.16
CA ASP A 149 -25.01 13.01 -11.93
C ASP A 149 -23.64 12.48 -11.55
N GLU A 150 -22.59 13.16 -12.00
CA GLU A 150 -21.20 12.78 -11.69
C GLU A 150 -20.94 11.31 -12.02
N LEU A 151 -21.13 10.93 -13.28
CA LEU A 151 -20.89 9.55 -13.69
C LEU A 151 -19.47 9.06 -13.35
N ASP A 152 -18.49 9.97 -13.44
CA ASP A 152 -17.11 9.76 -12.95
C ASP A 152 -17.02 8.98 -11.63
N ALA A 153 -18.01 9.20 -10.75
CA ALA A 153 -17.94 8.73 -9.38
C ALA A 153 -18.24 7.24 -9.18
N LEU A 154 -18.66 6.57 -10.24
CA LEU A 154 -18.81 5.12 -10.18
C LEU A 154 -17.47 4.38 -10.34
N LEU A 155 -16.43 5.11 -10.72
CA LEU A 155 -15.11 4.54 -10.93
C LEU A 155 -14.16 4.71 -9.73
N ALA A 156 -14.62 5.33 -8.64
CA ALA A 156 -13.80 5.40 -7.43
C ALA A 156 -14.73 5.49 -6.23
N SER A 157 -14.23 5.91 -5.07
CA SER A 157 -15.13 6.16 -3.93
C SER A 157 -14.45 6.75 -2.68
N TYR A 158 -14.27 4.29 -2.06
CA TYR A 158 -14.85 3.00 -1.66
C TYR A 158 -14.22 2.70 -0.31
N THR A 159 -14.16 1.43 0.09
CA THR A 159 -13.58 1.07 1.39
C THR A 159 -12.87 -0.29 1.31
N SER A 160 -13.64 -1.33 1.05
CA SER A 160 -13.11 -2.68 0.78
C SER A 160 -12.68 -2.72 -0.68
N GLU A 161 -11.47 -2.25 -0.94
CA GLU A 161 -10.89 -2.43 -2.28
C GLU A 161 -11.31 -3.83 -2.73
N VAL A 162 -12.18 -3.84 -3.75
CA VAL A 162 -12.63 -5.00 -4.52
C VAL A 162 -14.17 -5.09 -4.56
N GLY A 163 -14.82 -4.63 -3.50
CA GLY A 163 -16.26 -4.35 -3.57
C GLY A 163 -16.48 -2.99 -4.19
N GLY A 164 -15.51 -2.10 -4.01
CA GLY A 164 -15.52 -0.77 -4.64
C GLY A 164 -15.61 -0.83 -6.16
N GLU A 165 -14.56 -1.34 -6.79
CA GLU A 165 -14.57 -1.62 -8.25
C GLU A 165 -15.34 -2.90 -8.50
N ALA A 166 -15.59 -3.17 -9.76
CA ALA A 166 -16.28 -4.38 -10.21
C ALA A 166 -17.64 -4.58 -9.53
N ARG A 167 -17.63 -5.11 -8.31
CA ARG A 167 -18.86 -5.54 -7.64
C ARG A 167 -20.05 -4.66 -8.03
N VAL A 168 -19.99 -3.38 -7.65
CA VAL A 168 -21.07 -2.43 -7.96
C VAL A 168 -20.97 -1.90 -9.38
N ARG A 169 -19.76 -1.81 -9.95
CA ARG A 169 -19.62 -1.17 -11.27
C ARG A 169 -20.09 -2.10 -12.38
N ASN A 170 -19.71 -3.37 -12.33
CA ASN A 170 -20.11 -4.33 -13.38
C ASN A 170 -21.61 -4.66 -13.29
N GLN A 171 -22.14 -4.73 -12.08
CA GLN A 171 -23.58 -4.89 -11.83
C GLN A 171 -24.37 -3.81 -12.59
N PHE A 172 -23.82 -2.60 -12.58
CA PHE A 172 -24.40 -1.45 -13.24
C PHE A 172 -24.15 -1.46 -14.75
N LEU A 173 -22.92 -1.80 -15.12
CA LEU A 173 -22.55 -1.92 -16.51
C LEU A 173 -23.43 -3.00 -17.18
N LYS A 174 -23.64 -4.13 -16.48
CA LYS A 174 -24.51 -5.24 -16.94
C LYS A 174 -25.91 -4.71 -17.21
N GLU A 175 -26.45 -3.93 -16.26
CA GLU A 175 -27.81 -3.41 -16.38
C GLU A 175 -28.06 -2.73 -17.73
N MET A 176 -27.05 -2.01 -18.24
CA MET A 176 -27.16 -1.31 -19.53
C MET A 176 -27.10 -2.20 -20.76
N ASP A 177 -26.36 -3.28 -20.68
CA ASP A 177 -26.40 -4.28 -21.72
C ASP A 177 -27.83 -4.85 -21.77
N GLY A 178 -28.47 -4.94 -20.60
CA GLY A 178 -29.86 -5.39 -20.47
C GLY A 178 -30.90 -4.51 -21.13
N LEU A 179 -30.69 -3.20 -21.11
CA LEU A 179 -31.65 -2.26 -21.71
C LEU A 179 -31.85 -2.51 -23.20
N ALA A 180 -30.75 -2.94 -23.86
CA ALA A 180 -30.73 -3.24 -25.29
C ALA A 180 -32.05 -3.79 -25.81
N ASP A 181 -32.32 -5.09 -25.64
CA ASP A 181 -33.48 -5.70 -26.31
C ASP A 181 -33.86 -7.07 -25.72
N LYS A 182 -33.73 -7.25 -24.40
CA LYS A 182 -34.13 -8.51 -23.78
C LYS A 182 -35.65 -8.61 -23.92
N ASN A 183 -36.13 -9.77 -24.39
CA ASN A 183 -37.54 -9.97 -24.77
C ASN A 183 -38.34 -8.67 -24.93
N GLU A 184 -37.90 -7.83 -25.87
CA GLU A 184 -38.44 -6.48 -26.08
C GLU A 184 -38.48 -5.57 -24.82
N ILE A 185 -39.55 -5.64 -24.02
CA ILE A 185 -39.87 -4.68 -22.92
C ILE A 185 -39.56 -3.21 -23.29
N SER A 186 -38.28 -2.90 -23.54
CA SER A 186 -37.85 -1.62 -24.14
C SER A 186 -38.00 -0.41 -23.20
N LYS A 187 -37.95 0.79 -23.77
CA LYS A 187 -38.47 2.02 -23.16
C LYS A 187 -37.48 2.82 -22.30
N VAL A 188 -36.77 2.17 -21.38
CA VAL A 188 -35.95 2.88 -20.38
C VAL A 188 -34.61 3.39 -20.92
N TYR A 189 -34.25 4.61 -20.57
CA TYR A 189 -32.95 5.22 -20.98
C TYR A 189 -32.06 5.57 -19.80
N VAL A 190 -30.79 5.82 -20.09
CA VAL A 190 -29.82 6.27 -19.10
C VAL A 190 -29.06 7.48 -19.59
N ILE A 191 -29.31 8.63 -18.99
CA ILE A 191 -28.52 9.81 -19.27
C ILE A 191 -27.49 10.01 -18.18
N GLY A 192 -26.23 9.82 -18.54
CA GLY A 192 -25.11 10.04 -17.63
C GLY A 192 -24.50 11.41 -17.83
N ALA A 193 -24.18 12.07 -16.71
CA ALA A 193 -23.61 13.42 -16.74
C ALA A 193 -22.25 13.45 -16.05
N THR A 194 -21.33 14.18 -16.66
CA THR A 194 -19.96 14.25 -16.19
C THR A 194 -19.26 15.51 -16.63
N ASN A 195 -18.43 16.04 -15.75
CA ASN A 195 -17.54 17.14 -16.07
C ASN A 195 -16.12 16.63 -16.27
N LYS A 196 -15.92 15.35 -16.02
CA LYS A 196 -14.60 14.77 -16.06
C LYS A 196 -14.66 13.43 -16.79
N PRO A 197 -14.85 13.46 -18.13
CA PRO A 197 -14.83 12.25 -18.94
C PRO A 197 -13.44 11.58 -19.11
N TRP A 198 -12.41 12.22 -18.60
CA TRP A 198 -11.12 11.58 -18.44
C TRP A 198 -11.27 10.34 -17.58
N ARG A 199 -11.83 10.52 -16.38
CA ARG A 199 -12.18 9.39 -15.46
C ARG A 199 -12.85 8.21 -16.19
N LEU A 200 -13.74 8.53 -17.12
CA LEU A 200 -14.49 7.52 -17.85
C LEU A 200 -13.60 6.55 -18.62
N ASP A 201 -13.97 5.29 -18.46
CA ASP A 201 -13.14 4.12 -18.68
C ASP A 201 -13.68 3.36 -19.91
N GLU A 202 -12.78 2.86 -20.74
CA GLU A 202 -13.12 2.44 -22.10
C GLU A 202 -14.18 1.32 -22.24
N PRO A 203 -14.37 0.48 -21.21
CA PRO A 203 -15.59 -0.33 -21.09
C PRO A 203 -16.84 0.49 -20.75
N PHE A 204 -16.85 1.18 -19.60
CA PHE A 204 -17.93 2.12 -19.28
C PHE A 204 -18.38 2.91 -20.47
N LEU A 205 -17.40 3.51 -21.14
CA LEU A 205 -17.63 4.38 -22.30
C LEU A 205 -18.50 3.77 -23.36
N ARG A 206 -18.31 2.49 -23.62
CA ARG A 206 -19.01 1.83 -24.71
C ARG A 206 -20.40 1.33 -24.36
N ARG A 207 -20.89 1.61 -23.15
CA ARG A 207 -22.33 1.43 -22.89
C ARG A 207 -23.06 2.77 -22.93
N PHE A 208 -22.37 3.77 -23.48
CA PHE A 208 -22.93 5.06 -23.80
C PHE A 208 -22.49 5.37 -25.21
N GLN A 209 -23.32 4.99 -26.19
CA GLN A 209 -22.93 5.15 -27.58
C GLN A 209 -23.29 6.56 -28.08
N LYS A 210 -24.20 7.24 -27.39
CA LYS A 210 -24.59 8.60 -27.78
C LYS A 210 -23.94 9.60 -26.84
N ARG A 211 -23.03 10.42 -27.37
CA ARG A 211 -22.29 11.37 -26.54
C ARG A 211 -22.39 12.80 -27.06
N ILE A 212 -22.99 13.66 -26.24
CA ILE A 212 -23.26 15.04 -26.60
C ILE A 212 -22.47 15.98 -25.73
N TYR A 213 -21.55 16.70 -26.36
CA TYR A 213 -20.73 17.72 -25.71
C TYR A 213 -21.64 18.90 -25.38
N ILE A 214 -21.92 19.11 -24.09
CA ILE A 214 -22.62 20.31 -23.70
C ILE A 214 -21.59 21.41 -23.61
N THR A 215 -21.57 22.22 -24.65
CA THR A 215 -20.56 23.25 -24.81
C THR A 215 -20.83 24.50 -23.96
N LEU A 216 -19.75 25.24 -23.69
CA LEU A 216 -19.86 26.53 -23.02
C LEU A 216 -20.77 27.42 -23.84
N PRO A 217 -21.71 28.13 -23.17
CA PRO A 217 -22.82 28.75 -23.89
C PRO A 217 -22.43 29.99 -24.72
N ASP A 218 -23.01 30.11 -25.91
CA ASP A 218 -22.68 31.19 -26.84
C ASP A 218 -23.36 32.49 -26.44
N LYS A 219 -23.08 33.57 -27.16
CA LYS A 219 -23.55 34.90 -26.80
C LYS A 219 -25.06 34.97 -26.73
N ALA A 220 -25.71 34.38 -27.73
CA ALA A 220 -27.18 34.34 -27.79
C ALA A 220 -27.77 33.52 -26.65
N HIS A 221 -27.09 32.44 -26.27
CA HIS A 221 -27.51 31.62 -25.15
C HIS A 221 -27.50 32.49 -23.88
N ARG A 222 -26.36 33.12 -23.61
CA ARG A 222 -26.15 33.93 -22.39
C ARG A 222 -27.25 34.95 -22.19
N LEU A 223 -27.55 35.70 -23.24
CA LEU A 223 -28.59 36.73 -23.18
C LEU A 223 -29.86 36.23 -22.48
N GLU A 224 -30.38 35.10 -22.94
CA GLU A 224 -31.61 34.53 -22.39
C GLU A 224 -31.42 34.01 -20.96
N LEU A 225 -30.17 33.71 -20.61
CA LEU A 225 -29.82 33.44 -19.21
C LEU A 225 -29.86 34.72 -18.39
N LEU A 226 -29.10 35.73 -18.81
CA LEU A 226 -29.08 37.04 -18.17
C LEU A 226 -30.49 37.59 -17.95
N LYS A 227 -31.36 37.36 -18.92
CA LYS A 227 -32.80 37.59 -18.75
C LYS A 227 -33.42 36.73 -17.64
N HIS A 228 -33.22 35.41 -17.75
CA HIS A 228 -33.81 34.46 -16.80
C HIS A 228 -33.29 34.61 -15.38
N TYR A 229 -32.07 35.13 -15.22
CA TYR A 229 -31.51 35.37 -13.89
C TYR A 229 -31.71 36.80 -13.41
N SER A 230 -32.04 37.73 -14.31
CA SER A 230 -32.66 38.98 -13.84
C SER A 230 -34.07 38.74 -13.35
N SER A 231 -34.81 37.85 -14.02
CA SER A 231 -36.17 37.43 -13.62
C SER A 231 -36.85 38.33 -12.60
N LYS A 232 -36.38 38.24 -11.34
CA LYS A 232 -36.84 39.12 -10.28
C LYS A 232 -35.70 39.66 -9.42
N VAL A 233 -34.93 40.56 -10.03
CA VAL A 233 -34.17 41.58 -9.33
C VAL A 233 -34.42 42.88 -10.10
N LYS A 234 -35.10 43.81 -9.46
CA LYS A 234 -35.49 45.05 -10.12
C LYS A 234 -34.25 45.68 -10.77
N LEU A 235 -34.24 45.79 -12.09
CA LEU A 235 -32.98 45.94 -12.83
C LEU A 235 -32.49 47.36 -13.17
N ASP A 236 -33.40 48.34 -13.28
CA ASP A 236 -33.03 49.72 -13.67
C ASP A 236 -32.59 49.77 -15.14
N PRO A 237 -33.19 50.65 -15.95
CA PRO A 237 -32.61 50.85 -17.29
C PRO A 237 -31.14 51.33 -17.20
N ASN A 238 -30.48 51.52 -18.33
CA ASN A 238 -29.02 51.78 -18.40
C ASN A 238 -28.20 50.49 -18.46
N VAL A 239 -28.87 49.35 -18.28
CA VAL A 239 -28.21 48.07 -18.03
C VAL A 239 -27.88 47.33 -19.32
N ASN A 240 -28.79 47.37 -20.29
CA ASN A 240 -28.57 46.80 -21.62
C ASN A 240 -27.88 45.44 -21.59
N LEU A 241 -28.69 44.39 -21.37
CA LEU A 241 -28.19 43.02 -21.18
C LEU A 241 -27.32 42.57 -22.35
N GLU A 242 -27.71 42.95 -23.57
CA GLU A 242 -26.97 42.57 -24.78
C GLU A 242 -25.46 42.78 -24.68
N GLU A 243 -25.03 43.93 -24.17
CA GLU A 243 -23.60 44.23 -24.13
C GLU A 243 -22.91 43.49 -22.97
N LEU A 244 -23.70 43.04 -21.98
CA LEU A 244 -23.22 42.11 -20.97
C LEU A 244 -22.96 40.73 -21.59
N ALA A 245 -23.99 40.15 -22.20
CA ALA A 245 -23.85 38.86 -22.87
C ALA A 245 -22.49 38.77 -23.59
N GLU A 246 -22.14 39.83 -24.32
CA GLU A 246 -20.88 39.86 -25.08
C GLU A 246 -19.66 40.19 -24.22
N LEU A 247 -19.88 40.91 -23.13
CA LEU A 247 -18.83 41.08 -22.11
C LEU A 247 -18.51 39.77 -21.38
N THR A 248 -19.52 38.91 -21.21
CA THR A 248 -19.35 37.61 -20.56
C THR A 248 -18.98 36.48 -21.50
N ASP A 249 -17.99 36.72 -22.33
CA ASP A 249 -17.51 35.68 -23.23
C ASP A 249 -16.60 34.77 -22.43
N GLY A 250 -16.93 33.48 -22.40
CA GLY A 250 -16.08 32.48 -21.75
C GLY A 250 -16.55 31.99 -20.39
N TYR A 251 -17.66 32.54 -19.90
CA TYR A 251 -18.22 32.13 -18.62
C TYR A 251 -19.21 31.00 -18.82
N THR A 252 -19.23 30.06 -17.88
CA THR A 252 -20.28 29.04 -17.91
C THR A 252 -21.61 29.64 -17.43
N ALA A 253 -22.70 28.95 -17.71
CA ALA A 253 -24.02 29.37 -17.27
C ALA A 253 -24.12 29.45 -15.75
N SER A 254 -23.36 28.60 -15.05
CA SER A 254 -23.32 28.63 -13.59
C SER A 254 -22.82 29.97 -13.10
N ASP A 255 -21.66 30.39 -13.59
CA ASP A 255 -21.06 31.64 -13.12
C ASP A 255 -21.61 32.87 -13.87
N ILE A 256 -22.85 32.76 -14.36
CA ILE A 256 -23.65 33.91 -14.75
C ILE A 256 -24.58 34.18 -13.58
N ARG A 257 -25.35 33.18 -13.15
CA ARG A 257 -26.15 33.26 -11.91
C ARG A 257 -25.35 33.89 -10.81
N ASP A 258 -24.08 33.50 -10.69
CA ASP A 258 -23.18 34.09 -9.70
C ASP A 258 -22.99 35.58 -9.94
N ILE A 259 -22.65 35.95 -11.17
CA ILE A 259 -22.36 37.34 -11.50
C ILE A 259 -23.55 38.30 -11.16
N VAL A 260 -24.76 37.94 -11.55
CA VAL A 260 -25.97 38.71 -11.23
C VAL A 260 -26.27 38.65 -9.71
N GLN A 261 -26.19 37.47 -9.10
CA GLN A 261 -26.46 37.35 -7.66
C GLN A 261 -25.54 38.24 -6.86
N SER A 262 -24.26 38.24 -7.23
CA SER A 262 -23.24 39.07 -6.62
C SER A 262 -23.32 40.56 -6.99
N ALA A 263 -23.88 40.88 -8.16
CA ALA A 263 -24.20 42.27 -8.49
C ALA A 263 -25.39 42.77 -7.66
N HIS A 264 -26.45 41.97 -7.58
CA HIS A 264 -27.60 42.26 -6.72
C HIS A 264 -27.19 42.34 -5.26
N MET A 265 -26.27 41.48 -4.81
CA MET A 265 -25.76 41.54 -3.45
C MET A 265 -25.07 42.89 -3.20
N ARG A 266 -24.40 43.41 -4.22
CA ARG A 266 -23.80 44.74 -4.17
C ARG A 266 -24.82 45.79 -3.67
N VAL A 267 -26.01 45.78 -4.28
CA VAL A 267 -27.09 46.72 -3.94
C VAL A 267 -27.71 46.50 -2.55
N VAL A 268 -27.77 45.24 -2.09
CA VAL A 268 -28.33 44.95 -0.77
C VAL A 268 -27.32 45.37 0.31
N LYS A 269 -26.03 45.20 0.03
CA LYS A 269 -25.00 45.70 0.94
C LYS A 269 -25.18 47.18 1.16
N GLU A 270 -25.46 47.93 0.08
CA GLU A 270 -25.74 49.36 0.25
C GLU A 270 -26.86 49.49 1.26
N MET A 271 -28.04 48.94 0.94
CA MET A 271 -29.11 48.92 1.90
C MET A 271 -28.45 48.35 3.18
N PHE A 272 -28.38 49.08 4.29
CA PHE A 272 -27.86 48.50 5.53
C PHE A 272 -26.45 49.06 5.80
N GLU A 273 -25.69 49.38 4.74
CA GLU A 273 -24.53 50.33 4.84
C GLU A 273 -24.98 51.79 4.68
N LYS A 274 -26.23 51.98 4.24
CA LYS A 274 -26.86 53.30 4.01
C LYS A 274 -28.18 53.40 4.81
N ASN A 275 -28.89 52.27 4.87
CA ASN A 275 -29.98 51.97 5.83
C ASN A 275 -31.40 52.18 5.30
N LEU A 276 -31.63 51.68 4.09
CA LEU A 276 -32.94 51.69 3.46
C LEU A 276 -33.65 50.36 3.75
N GLN A 277 -34.97 50.36 3.63
CA GLN A 277 -35.81 49.15 3.87
C GLN A 277 -36.02 48.18 2.69
N GLU A 278 -35.99 48.70 1.47
CA GLU A 278 -35.94 47.90 0.24
C GLU A 278 -34.58 48.19 -0.35
N PRO A 279 -34.19 47.46 -1.40
CA PRO A 279 -32.94 47.82 -2.07
C PRO A 279 -33.18 49.02 -2.97
N ARG A 280 -32.07 49.67 -3.34
CA ARG A 280 -31.93 51.03 -3.99
C ARG A 280 -32.49 51.21 -5.44
N ALA A 281 -31.72 50.90 -6.51
CA ALA A 281 -30.41 50.34 -6.44
C ALA A 281 -29.90 50.09 -7.85
N ILE A 282 -30.62 49.23 -8.53
CA ILE A 282 -29.88 48.20 -9.22
C ILE A 282 -29.50 48.56 -10.63
N ASN A 283 -28.21 48.47 -10.90
CA ASN A 283 -27.62 49.28 -11.92
C ASN A 283 -26.48 48.69 -12.76
N MET A 284 -26.10 49.41 -13.82
CA MET A 284 -24.99 49.00 -14.66
C MET A 284 -23.87 49.76 -13.90
N ASP A 285 -22.68 49.21 -13.94
CA ASP A 285 -21.52 49.65 -13.16
C ASP A 285 -21.38 48.81 -11.93
N ASP A 286 -22.50 48.24 -11.48
CA ASP A 286 -22.48 47.13 -10.54
C ASP A 286 -21.85 45.95 -11.27
N PHE A 287 -22.43 45.62 -12.40
CA PHE A 287 -21.92 44.55 -13.25
C PHE A 287 -20.47 44.83 -13.64
N ARG A 288 -20.13 46.08 -13.93
CA ARG A 288 -18.78 46.40 -14.34
C ARG A 288 -17.75 46.07 -13.25
N GLU A 289 -18.00 46.51 -12.01
CA GLU A 289 -17.05 46.25 -10.91
C GLU A 289 -17.01 44.80 -10.47
N VAL A 290 -18.17 44.14 -10.48
CA VAL A 290 -18.25 42.72 -10.17
C VAL A 290 -17.60 41.87 -11.27
N LEU A 291 -17.62 42.38 -12.50
CA LEU A 291 -17.01 41.71 -13.64
C LEU A 291 -15.48 41.88 -13.73
N LYS A 292 -14.90 42.81 -12.98
CA LYS A 292 -13.43 42.87 -12.93
C LYS A 292 -12.96 41.68 -12.11
N VAL A 293 -13.50 41.58 -10.91
CA VAL A 293 -13.10 40.57 -9.93
C VAL A 293 -13.48 39.14 -10.33
N ARG A 294 -14.72 38.91 -10.74
CA ARG A 294 -15.13 37.54 -11.11
C ARG A 294 -14.74 37.17 -12.52
N LYS A 295 -14.01 36.07 -12.63
CA LYS A 295 -13.48 35.58 -13.89
C LYS A 295 -14.21 34.29 -14.27
N PRO A 296 -13.94 33.74 -15.48
CA PRO A 296 -14.60 32.48 -15.85
C PRO A 296 -14.16 31.34 -14.94
N SER A 297 -15.08 30.47 -14.57
CA SER A 297 -14.76 29.37 -13.64
C SER A 297 -14.06 28.24 -14.36
N VAL A 298 -14.15 28.22 -15.69
CA VAL A 298 -13.53 27.18 -16.50
C VAL A 298 -12.17 27.61 -17.11
N ASN A 299 -11.11 27.05 -16.53
CA ASN A 299 -9.72 27.39 -16.84
C ASN A 299 -9.37 27.05 -18.27
N GLN A 300 -8.60 27.93 -18.90
CA GLN A 300 -8.18 27.79 -20.30
C GLN A 300 -7.54 26.43 -20.65
N ASP A 301 -6.96 25.75 -19.67
CA ASP A 301 -6.33 24.45 -19.89
C ASP A 301 -7.39 23.33 -19.82
N MET A 302 -8.38 23.46 -18.93
CA MET A 302 -9.51 22.53 -18.92
C MET A 302 -10.20 22.61 -20.29
N LEU A 303 -10.28 23.83 -20.84
CA LEU A 303 -10.85 24.04 -22.17
C LEU A 303 -10.15 23.28 -23.28
N LYS A 304 -8.82 23.22 -23.22
CA LYS A 304 -8.04 22.45 -24.18
C LYS A 304 -8.09 20.95 -23.90
N ALA A 305 -8.24 20.57 -22.63
CA ALA A 305 -8.37 19.16 -22.24
C ALA A 305 -9.71 18.56 -22.68
N TYR A 306 -10.81 19.28 -22.50
CA TYR A 306 -12.10 18.86 -23.04
C TYR A 306 -11.99 18.70 -24.55
N ALA A 307 -11.59 19.79 -25.20
CA ALA A 307 -11.46 19.83 -26.66
C ALA A 307 -10.66 18.65 -27.23
N ALA A 308 -9.62 18.23 -26.52
CA ALA A 308 -8.86 17.04 -26.92
C ALA A 308 -9.74 15.80 -26.81
N TRP A 309 -10.18 15.48 -25.59
CA TRP A 309 -11.03 14.32 -25.34
C TRP A 309 -12.27 14.28 -26.25
N HIS A 310 -12.81 15.45 -26.57
CA HIS A 310 -13.94 15.56 -27.49
C HIS A 310 -13.60 14.99 -28.85
N GLU A 311 -12.47 15.41 -29.40
CA GLU A 311 -12.08 14.95 -30.73
C GLU A 311 -11.62 13.49 -30.77
N LYS A 312 -11.02 13.02 -29.68
CA LYS A 312 -10.40 11.70 -29.62
C LYS A 312 -10.93 10.83 -28.47
N PHE A 313 -12.08 10.18 -28.59
CA PHE A 313 -13.06 10.43 -29.67
C PHE A 313 -14.58 10.48 -29.31
N LYS A 314 -15.23 11.65 -29.25
CA LYS A 314 -16.74 11.74 -29.39
C LYS A 314 -17.31 10.83 -30.48
N ALA A 315 -18.47 10.24 -30.22
CA ALA A 315 -19.30 9.69 -31.27
C ALA A 315 -20.11 10.75 -32.02
N LEU A 316 -21.39 10.91 -31.68
CA LEU A 316 -22.37 11.47 -32.64
C LEU A 316 -23.49 12.15 -31.90
N THR B 45 -19.66 39.85 20.01
CA THR B 45 -20.25 40.87 19.09
C THR B 45 -19.39 41.00 17.83
N LEU B 46 -19.65 42.02 17.00
CA LEU B 46 -18.60 42.51 16.08
C LEU B 46 -17.84 43.77 16.52
N ASN B 47 -17.14 43.64 17.66
CA ASN B 47 -15.95 44.48 17.91
C ASN B 47 -15.09 44.53 16.62
N GLU B 48 -14.49 43.43 16.16
CA GLU B 48 -14.43 42.11 16.82
C GLU B 48 -13.08 41.37 16.71
N ILE B 49 -12.84 40.56 15.68
CA ILE B 49 -11.52 39.94 15.49
C ILE B 49 -10.43 40.98 15.56
N VAL B 50 -10.73 42.23 15.17
CA VAL B 50 -9.73 43.31 15.14
C VAL B 50 -9.89 44.24 13.88
N GLY B 51 -10.38 43.74 12.73
CA GLY B 51 -10.51 44.58 11.48
C GLY B 51 -10.12 44.07 10.07
N LEU B 52 -10.71 42.95 9.64
CA LEU B 52 -10.44 42.26 8.34
C LEU B 52 -11.53 42.49 7.29
N GLU B 53 -12.37 43.52 7.46
CA GLU B 53 -13.40 43.86 6.48
C GLU B 53 -13.63 42.91 5.30
N ASP B 54 -12.72 42.86 4.33
CA ASP B 54 -12.89 42.02 3.12
C ASP B 54 -13.53 40.67 3.48
N VAL B 55 -12.79 39.87 4.24
CA VAL B 55 -13.31 38.63 4.85
C VAL B 55 -14.69 38.81 5.48
N LYS B 56 -14.82 39.88 6.27
CA LYS B 56 -16.00 40.08 7.06
C LYS B 56 -17.25 40.32 6.21
N GLU B 57 -17.20 41.29 5.30
CA GLU B 57 -18.35 41.60 4.45
C GLU B 57 -18.78 40.38 3.61
N ALA B 58 -17.83 39.54 3.24
CA ALA B 58 -18.13 38.29 2.53
C ALA B 58 -18.81 37.25 3.44
N LEU B 59 -18.62 37.38 4.75
CA LEU B 59 -19.28 36.53 5.74
C LEU B 59 -20.70 37.03 5.98
N LYS B 60 -20.82 38.35 6.11
CA LYS B 60 -22.12 38.97 6.20
C LYS B 60 -22.96 38.51 5.01
N GLU B 61 -22.50 38.89 3.82
CA GLU B 61 -23.08 38.48 2.54
C GLU B 61 -23.71 37.08 2.58
N ALA B 62 -22.96 36.12 3.10
CA ALA B 62 -23.37 34.73 3.13
C ALA B 62 -24.52 34.40 4.08
N VAL B 63 -24.52 35.06 5.24
CA VAL B 63 -25.30 34.57 6.39
C VAL B 63 -26.16 35.64 7.07
N VAL B 64 -25.60 36.84 7.29
CA VAL B 64 -26.34 37.90 8.00
C VAL B 64 -27.51 38.44 7.14
N TYR B 65 -27.34 38.47 5.83
CA TYR B 65 -28.38 39.05 4.95
C TYR B 65 -29.60 38.12 4.84
N PRO B 66 -29.43 36.90 4.31
CA PRO B 66 -30.55 35.96 4.26
C PRO B 66 -31.27 35.75 5.59
N SER B 67 -30.58 35.98 6.69
CA SER B 67 -31.22 36.01 7.99
C SER B 67 -32.15 37.23 8.08
N LYS B 68 -31.61 38.43 7.86
CA LYS B 68 -32.43 39.67 7.95
C LYS B 68 -33.51 39.78 6.89
N ARG B 69 -33.28 39.20 5.72
CA ARG B 69 -34.17 39.45 4.59
C ARG B 69 -34.11 38.35 3.52
N PRO B 70 -34.75 37.19 3.80
CA PRO B 70 -34.71 36.04 2.91
C PRO B 70 -35.42 36.28 1.59
N ASP B 71 -36.58 36.92 1.65
CA ASP B 71 -37.34 37.27 0.44
C ASP B 71 -36.48 37.86 -0.69
N LEU B 72 -35.40 38.54 -0.34
CA LEU B 72 -34.49 39.12 -1.33
C LEU B 72 -33.64 38.09 -2.09
N PHE B 73 -33.66 36.84 -1.66
CA PHE B 73 -32.91 35.77 -2.32
C PHE B 73 -33.85 34.71 -2.86
N PRO B 74 -34.31 34.90 -4.11
CA PRO B 74 -35.28 33.99 -4.69
C PRO B 74 -34.65 32.68 -5.13
N LEU B 75 -33.41 32.73 -5.60
CA LEU B 75 -32.67 31.50 -5.92
C LEU B 75 -32.05 30.88 -4.67
N GLY B 76 -32.54 31.27 -3.50
CA GLY B 76 -32.04 30.72 -2.25
C GLY B 76 -30.65 31.23 -1.92
N TRP B 77 -30.01 30.56 -0.98
CA TRP B 77 -28.70 30.93 -0.49
C TRP B 77 -28.11 29.74 0.26
N PRO B 78 -26.77 29.58 0.17
CA PRO B 78 -26.14 28.37 0.68
C PRO B 78 -25.97 28.42 2.19
N ARG B 79 -26.23 27.29 2.84
CA ARG B 79 -26.12 27.15 4.29
C ARG B 79 -24.74 26.66 4.75
N GLY B 80 -23.95 26.15 3.80
CA GLY B 80 -22.62 25.61 4.09
C GLY B 80 -21.56 26.63 3.74
N ILE B 81 -20.69 26.93 4.71
CA ILE B 81 -19.71 27.99 4.59
C ILE B 81 -18.37 27.53 5.09
N LEU B 82 -17.33 27.75 4.30
CA LEU B 82 -16.00 27.22 4.61
C LEU B 82 -14.93 28.30 4.84
N LEU B 83 -14.28 28.20 5.99
CA LEU B 83 -13.22 29.12 6.34
C LEU B 83 -11.90 28.40 6.17
N TYR B 84 -11.17 28.77 5.14
CA TYR B 84 -9.93 28.08 4.80
C TYR B 84 -8.76 29.04 4.68
N GLY B 85 -7.66 28.68 5.32
CA GLY B 85 -6.46 29.48 5.25
C GLY B 85 -5.37 28.98 6.17
N PRO B 86 -4.24 29.69 6.20
CA PRO B 86 -3.22 29.32 7.14
C PRO B 86 -3.74 29.37 8.57
N PRO B 87 -3.10 28.63 9.47
CA PRO B 87 -3.58 28.47 10.83
C PRO B 87 -3.14 29.61 11.71
N GLY B 88 -3.87 29.79 12.81
CA GLY B 88 -3.53 30.84 13.76
C GLY B 88 -4.37 32.08 13.58
N CYS B 89 -4.80 32.35 12.35
CA CYS B 89 -5.68 33.48 12.08
C CYS B 89 -7.03 33.39 12.80
N GLY B 90 -7.23 32.35 13.63
CA GLY B 90 -8.30 32.33 14.62
C GLY B 90 -9.66 32.28 13.98
N LYS B 91 -9.80 31.33 13.06
CA LYS B 91 -11.07 31.10 12.37
C LYS B 91 -12.21 30.88 13.36
N THR B 92 -11.87 30.36 14.54
CA THR B 92 -12.85 30.02 15.56
C THR B 92 -13.51 31.27 16.14
N MET B 93 -12.71 32.32 16.31
CA MET B 93 -13.19 33.60 16.86
C MET B 93 -14.05 34.39 15.87
N ILE B 94 -13.71 34.29 14.60
CA ILE B 94 -14.49 34.92 13.54
C ILE B 94 -15.91 34.37 13.49
N ALA B 95 -16.02 33.05 13.50
CA ALA B 95 -17.33 32.38 13.43
C ALA B 95 -18.19 32.64 14.66
N ALA B 96 -17.54 32.78 15.81
CA ALA B 96 -18.24 33.21 17.02
C ALA B 96 -18.85 34.61 16.80
N ALA B 97 -18.11 35.47 16.11
CA ALA B 97 -18.56 36.85 15.83
C ALA B 97 -19.89 36.93 15.09
N VAL B 98 -20.16 35.97 14.20
CA VAL B 98 -21.38 36.04 13.40
C VAL B 98 -22.58 35.53 14.19
N ALA B 99 -22.36 34.55 15.07
CA ALA B 99 -23.43 34.09 15.95
C ALA B 99 -23.89 35.24 16.83
N ASN B 100 -22.92 35.95 17.40
CA ASN B 100 -23.24 37.08 18.27
C ASN B 100 -23.76 38.30 17.52
N GLU B 101 -23.44 38.41 16.23
CA GLU B 101 -24.08 39.40 15.35
C GLU B 101 -25.58 39.12 15.21
N LEU B 102 -25.97 37.84 15.30
CA LEU B 102 -27.35 37.42 15.10
C LEU B 102 -28.01 36.93 16.40
N ASP B 103 -27.43 37.32 17.55
CA ASP B 103 -27.88 36.88 18.86
C ASP B 103 -28.29 35.42 18.80
N SER B 104 -27.36 34.67 18.22
CA SER B 104 -27.60 33.33 17.75
C SER B 104 -26.77 32.33 18.52
N GLU B 105 -27.25 31.08 18.52
CA GLU B 105 -26.58 29.99 19.23
C GLU B 105 -25.39 29.51 18.41
N PHE B 106 -24.35 29.06 19.11
CA PHE B 106 -23.07 28.75 18.48
C PHE B 106 -22.64 27.36 18.91
N ILE B 107 -23.13 26.35 18.20
CA ILE B 107 -22.86 24.96 18.54
C ILE B 107 -21.47 24.56 18.04
N HIS B 108 -20.49 24.64 18.93
CA HIS B 108 -19.09 24.40 18.60
C HIS B 108 -18.71 22.92 18.77
N VAL B 109 -18.04 22.36 17.76
CA VAL B 109 -17.59 20.97 17.83
C VAL B 109 -16.27 20.79 17.09
N ASP B 110 -15.34 20.08 17.73
CA ASP B 110 -14.06 19.78 17.14
C ASP B 110 -14.18 18.41 16.46
N ALA B 111 -13.87 18.36 15.17
CA ALA B 111 -14.02 17.14 14.38
C ALA B 111 -13.09 16.02 14.88
N ALA B 112 -12.00 16.40 15.52
CA ALA B 112 -11.13 15.45 16.19
C ALA B 112 -11.95 14.60 17.14
N SER B 113 -12.55 15.24 18.14
CA SER B 113 -13.29 14.53 19.20
C SER B 113 -14.39 13.62 18.65
N ILE B 114 -15.23 14.17 17.77
CA ILE B 114 -16.37 13.41 17.24
C ILE B 114 -15.91 12.19 16.39
N MET B 115 -14.66 12.16 15.95
CA MET B 115 -14.09 10.95 15.33
C MET B 115 -13.57 9.98 16.38
N GLY B 120 -17.51 3.36 18.59
CA GLY B 120 -17.74 2.58 17.36
C GLY B 120 -18.73 3.27 16.44
N GLU B 121 -19.86 3.70 16.98
CA GLU B 121 -20.79 4.62 16.30
C GLU B 121 -20.08 5.98 16.16
N ALA B 122 -20.51 6.94 16.97
CA ALA B 122 -20.24 8.38 16.78
C ALA B 122 -21.23 8.98 15.80
N GLU B 123 -22.08 8.14 15.21
CA GLU B 123 -23.22 8.59 14.43
C GLU B 123 -24.24 9.23 15.35
N LYS B 124 -24.38 8.68 16.56
CA LYS B 124 -25.34 9.16 17.52
C LYS B 124 -25.16 10.67 17.78
N ASN B 125 -23.91 11.11 17.88
CA ASN B 125 -23.58 12.50 18.18
C ASN B 125 -23.78 13.44 16.99
N VAL B 126 -23.37 12.99 15.80
CA VAL B 126 -23.41 13.82 14.58
C VAL B 126 -24.85 14.20 14.22
N ALA B 127 -25.80 13.30 14.47
CA ALA B 127 -27.21 13.61 14.23
C ALA B 127 -27.74 14.54 15.30
N LYS B 128 -27.26 14.35 16.54
CA LYS B 128 -27.69 15.15 17.70
C LYS B 128 -27.27 16.61 17.58
N ILE B 129 -26.07 16.83 17.05
CA ILE B 129 -25.51 18.19 16.89
C ILE B 129 -26.42 19.02 15.95
N PHE B 130 -26.92 18.39 14.88
CA PHE B 130 -27.90 19.05 14.00
C PHE B 130 -29.28 19.15 14.67
N LYS B 131 -29.83 18.01 15.05
CA LYS B 131 -30.98 17.93 15.95
C LYS B 131 -31.17 19.15 16.82
N THR B 132 -30.24 19.36 17.74
CA THR B 132 -30.38 20.37 18.75
C THR B 132 -30.32 21.78 18.14
N ALA B 133 -29.52 21.94 17.08
CA ALA B 133 -29.40 23.24 16.40
C ALA B 133 -30.70 23.66 15.71
N ARG B 134 -31.40 22.70 15.10
CA ARG B 134 -32.69 22.96 14.49
C ARG B 134 -33.69 23.28 15.60
N GLU B 135 -33.73 22.40 16.60
CA GLU B 135 -34.59 22.55 17.77
C GLU B 135 -34.40 23.91 18.44
N LEU B 136 -33.14 24.27 18.66
CA LEU B 136 -32.76 25.57 19.26
C LEU B 136 -33.06 26.75 18.33
N SER B 137 -33.21 26.48 17.03
CA SER B 137 -33.84 27.42 16.13
C SER B 137 -35.35 27.21 16.26
N LYS B 138 -35.92 27.82 17.30
CA LYS B 138 -37.33 27.59 17.68
C LYS B 138 -38.24 28.32 16.72
N LYS B 139 -39.52 28.42 17.07
CA LYS B 139 -40.45 29.38 16.43
C LYS B 139 -39.74 30.73 16.36
N GLU B 140 -39.11 31.12 17.47
CA GLU B 140 -38.13 32.20 17.46
C GLU B 140 -37.15 31.96 16.33
N ASN B 141 -37.37 32.64 15.22
CA ASN B 141 -36.49 32.54 14.06
C ASN B 141 -35.14 33.17 14.40
N LYS B 142 -34.43 32.53 15.32
CA LYS B 142 -33.05 32.87 15.61
C LYS B 142 -32.28 31.76 14.92
N PRO B 143 -31.44 32.13 13.94
CA PRO B 143 -30.73 31.10 13.21
C PRO B 143 -29.58 30.57 14.04
N ALA B 144 -29.45 29.24 14.11
CA ALA B 144 -28.36 28.59 14.85
C ALA B 144 -27.17 28.33 13.92
N ILE B 145 -25.96 28.45 14.46
CA ILE B 145 -24.74 28.30 13.67
C ILE B 145 -23.90 27.14 14.23
N ILE B 146 -23.75 26.08 13.44
CA ILE B 146 -22.88 24.98 13.82
C ILE B 146 -21.46 25.28 13.30
N PHE B 147 -20.48 25.20 14.20
CA PHE B 147 -19.10 25.48 13.81
C PHE B 147 -18.23 24.24 13.98
N ILE B 148 -17.52 23.91 12.91
CA ILE B 148 -16.71 22.74 12.90
C ILE B 148 -15.25 23.09 12.76
N ASP B 149 -14.51 22.88 13.84
CA ASP B 149 -13.08 23.08 13.86
C ASP B 149 -12.42 21.87 13.20
N GLU B 150 -11.33 22.10 12.46
CA GLU B 150 -10.59 21.02 11.78
C GLU B 150 -11.52 20.14 10.93
N LEU B 151 -12.21 20.75 9.98
CA LEU B 151 -13.11 19.99 9.08
C LEU B 151 -12.40 18.80 8.39
N ASP B 152 -11.14 18.99 8.04
CA ASP B 152 -10.24 17.92 7.55
C ASP B 152 -10.41 16.59 8.27
N ALA B 153 -10.70 16.66 9.57
CA ALA B 153 -10.67 15.49 10.46
C ALA B 153 -11.85 14.54 10.31
N LEU B 154 -12.85 14.91 9.54
CA LEU B 154 -13.96 14.02 9.24
C LEU B 154 -13.61 13.02 8.13
N LEU B 155 -12.49 13.25 7.46
CA LEU B 155 -12.09 12.40 6.35
C LEU B 155 -11.05 11.38 6.80
N GLU B 161 -12.34 0.52 9.97
CA GLU B 161 -12.13 1.07 8.63
C GLU B 161 -13.40 1.35 7.81
N VAL B 162 -14.40 0.45 7.85
CA VAL B 162 -15.75 0.69 7.17
C VAL B 162 -16.56 1.78 7.89
N GLY B 163 -16.35 1.91 9.20
CA GLY B 163 -17.09 2.84 10.02
C GLY B 163 -16.46 4.23 10.06
N GLY B 164 -15.14 4.28 9.90
CA GLY B 164 -14.40 5.54 9.85
C GLY B 164 -14.88 6.45 8.75
N GLU B 165 -14.67 6.03 7.50
CA GLU B 165 -15.21 6.74 6.36
C GLU B 165 -16.68 6.38 6.21
N ALA B 166 -17.35 7.07 5.28
CA ALA B 166 -18.74 6.81 4.95
C ALA B 166 -19.66 6.87 6.17
N ARG B 167 -19.71 5.77 6.94
CA ARG B 167 -20.69 5.64 8.02
C ARG B 167 -21.02 6.98 8.70
N VAL B 168 -20.02 7.57 9.37
CA VAL B 168 -20.19 8.86 10.06
C VAL B 168 -20.07 10.04 9.08
N ARG B 169 -19.35 9.87 7.98
CA ARG B 169 -19.16 10.98 7.07
C ARG B 169 -20.37 11.27 6.16
N ASN B 170 -20.97 10.23 5.59
CA ASN B 170 -22.13 10.42 4.71
C ASN B 170 -23.37 10.83 5.52
N GLN B 171 -23.49 10.29 6.73
CA GLN B 171 -24.52 10.70 7.70
C GLN B 171 -24.49 12.22 7.90
N PHE B 172 -23.29 12.76 7.96
CA PHE B 172 -23.04 14.19 8.12
C PHE B 172 -23.24 14.97 6.83
N LEU B 173 -22.73 14.41 5.73
CA LEU B 173 -22.88 15.01 4.42
C LEU B 173 -24.36 15.11 4.08
N LYS B 174 -25.11 14.06 4.40
CA LYS B 174 -26.55 14.05 4.21
C LYS B 174 -27.24 15.15 4.98
N GLU B 175 -26.86 15.33 6.24
CA GLU B 175 -27.46 16.37 7.09
C GLU B 175 -27.48 17.74 6.40
N MET B 176 -26.42 18.05 5.64
CA MET B 176 -26.30 19.35 4.94
C MET B 176 -27.17 19.48 3.70
N ASP B 177 -27.40 18.38 3.02
CA ASP B 177 -28.36 18.38 1.94
C ASP B 177 -29.73 18.69 2.53
N GLY B 178 -29.96 18.23 3.76
CA GLY B 178 -31.19 18.51 4.50
C GLY B 178 -31.42 19.98 4.85
N LEU B 179 -30.36 20.73 5.14
CA LEU B 179 -30.50 22.13 5.52
C LEU B 179 -31.13 22.95 4.42
N ALA B 180 -30.84 22.57 3.17
CA ALA B 180 -31.35 23.23 1.97
C ALA B 180 -32.76 23.81 2.12
N ILE B 185 -38.62 24.74 7.42
CA ILE B 185 -37.93 24.97 8.69
C ILE B 185 -36.83 26.05 8.60
N SER B 186 -35.82 25.84 7.75
CA SER B 186 -34.79 26.86 7.43
C SER B 186 -33.84 27.14 8.59
N LYS B 187 -33.10 28.25 8.49
CA LYS B 187 -32.46 28.91 9.65
C LYS B 187 -31.03 28.47 9.97
N VAL B 188 -30.79 27.16 10.07
CA VAL B 188 -29.52 26.63 10.59
C VAL B 188 -28.39 26.68 9.56
N TYR B 189 -27.20 27.09 10.01
CA TYR B 189 -26.01 27.13 9.14
C TYR B 189 -24.89 26.22 9.63
N VAL B 190 -23.92 25.96 8.75
CA VAL B 190 -22.71 25.22 9.10
C VAL B 190 -21.45 25.96 8.65
N ILE B 191 -20.69 26.46 9.62
CA ILE B 191 -19.39 27.04 9.31
C ILE B 191 -18.30 26.04 9.63
N GLY B 192 -17.65 25.56 8.56
CA GLY B 192 -16.54 24.63 8.68
C GLY B 192 -15.22 25.35 8.60
N ALA B 193 -14.28 24.95 9.45
CA ALA B 193 -12.97 25.57 9.51
C ALA B 193 -11.87 24.55 9.25
N THR B 194 -10.88 24.98 8.48
CA THR B 194 -9.78 24.10 8.07
C THR B 194 -8.53 24.88 7.72
N ASN B 195 -7.39 24.30 8.08
CA ASN B 195 -6.09 24.81 7.65
C ASN B 195 -5.54 23.96 6.52
N LYS B 196 -6.25 22.87 6.20
CA LYS B 196 -5.77 21.90 5.24
C LYS B 196 -6.93 21.51 4.32
N PRO B 197 -7.35 22.41 3.42
CA PRO B 197 -8.39 22.12 2.43
C PRO B 197 -7.96 21.15 1.31
N TRP B 198 -6.69 20.78 1.29
CA TRP B 198 -6.23 19.68 0.45
C TRP B 198 -7.00 18.43 0.81
N ARG B 199 -6.97 18.07 2.10
CA ARG B 199 -7.76 16.94 2.66
C ARG B 199 -9.19 16.92 2.14
N LEU B 200 -9.79 18.10 2.05
CA LEU B 200 -11.18 18.24 1.64
C LEU B 200 -11.45 17.68 0.24
N ASP B 201 -12.54 16.93 0.20
CA ASP B 201 -12.84 15.93 -0.81
C ASP B 201 -14.02 16.42 -1.68
N GLU B 202 -13.96 16.18 -2.99
CA GLU B 202 -14.82 16.91 -3.96
C GLU B 202 -16.35 16.77 -3.80
N PRO B 203 -16.83 15.67 -3.20
CA PRO B 203 -18.18 15.64 -2.60
C PRO B 203 -18.35 16.54 -1.37
N PHE B 204 -17.61 16.30 -0.29
CA PHE B 204 -17.62 17.19 0.88
C PHE B 204 -17.67 18.63 0.46
N LEU B 205 -16.75 18.96 -0.41
CA LEU B 205 -16.51 20.30 -0.85
C LEU B 205 -17.72 21.00 -1.48
N ARG B 206 -18.58 20.24 -2.16
CA ARG B 206 -19.78 20.81 -2.75
C ARG B 206 -21.00 20.90 -1.81
N ARG B 207 -20.86 20.58 -0.53
CA ARG B 207 -21.90 20.93 0.44
C ARG B 207 -21.48 22.18 1.23
N PHE B 208 -20.44 22.84 0.72
CA PHE B 208 -19.98 24.13 1.20
C PHE B 208 -19.80 25.00 -0.03
N GLN B 209 -20.86 25.74 -0.40
CA GLN B 209 -20.81 26.56 -1.60
C GLN B 209 -20.14 27.89 -1.36
N LYS B 210 -20.14 28.34 -0.12
CA LYS B 210 -19.55 29.62 0.21
C LYS B 210 -18.20 29.39 0.87
N ARG B 211 -17.13 29.82 0.20
CA ARG B 211 -15.77 29.59 0.68
C ARG B 211 -14.99 30.88 0.77
N ILE B 212 -14.61 31.24 2.00
CA ILE B 212 -13.90 32.50 2.26
C ILE B 212 -12.52 32.22 2.82
N TYR B 213 -11.53 32.62 2.02
CA TYR B 213 -10.12 32.50 2.34
C TYR B 213 -9.84 33.47 3.48
N ILE B 214 -9.58 32.95 4.68
CA ILE B 214 -9.12 33.82 5.77
C ILE B 214 -7.65 34.01 5.56
N THR B 215 -7.32 35.16 5.00
CA THR B 215 -5.97 35.46 4.59
C THR B 215 -5.11 35.87 5.76
N LEU B 216 -3.82 35.67 5.57
CA LEU B 216 -2.81 36.15 6.50
C LEU B 216 -2.99 37.68 6.67
N PRO B 217 -3.04 38.18 7.93
CA PRO B 217 -3.58 39.51 8.23
C PRO B 217 -2.73 40.66 7.73
N ASP B 218 -3.38 41.69 7.19
CA ASP B 218 -2.69 42.80 6.53
C ASP B 218 -2.15 43.75 7.60
N LYS B 219 -1.40 44.76 7.18
CA LYS B 219 -0.71 45.63 8.11
C LYS B 219 -1.63 46.33 9.09
N ALA B 220 -2.75 46.83 8.57
CA ALA B 220 -3.75 47.51 9.39
C ALA B 220 -4.38 46.56 10.39
N HIS B 221 -4.56 45.30 9.98
CA HIS B 221 -5.09 44.31 10.87
C HIS B 221 -4.12 44.13 12.04
N ARG B 222 -2.86 43.86 11.72
CA ARG B 222 -1.82 43.59 12.73
C ARG B 222 -1.77 44.65 13.81
N LEU B 223 -1.74 45.91 13.39
CA LEU B 223 -1.70 47.03 14.33
C LEU B 223 -2.68 46.86 15.50
N GLU B 224 -3.95 46.63 15.17
CA GLU B 224 -4.98 46.52 16.22
C GLU B 224 -4.83 45.23 17.01
N LEU B 225 -4.13 44.24 16.43
CA LEU B 225 -3.70 43.07 17.20
C LEU B 225 -2.58 43.43 18.19
N LEU B 226 -1.48 43.99 17.67
CA LEU B 226 -0.38 44.49 18.49
C LEU B 226 -0.87 45.39 19.64
N LYS B 227 -1.88 46.21 19.37
CA LYS B 227 -2.62 46.91 20.42
C LYS B 227 -3.28 45.95 21.41
N HIS B 228 -4.09 45.04 20.87
CA HIS B 228 -4.89 44.14 21.71
C HIS B 228 -4.04 43.17 22.50
N TYR B 229 -2.85 42.84 22.02
CA TYR B 229 -1.93 41.97 22.76
C TYR B 229 -0.89 42.74 23.61
N SER B 230 -0.71 44.03 23.35
CA SER B 230 -0.09 44.94 24.30
C SER B 230 -1.04 45.21 25.51
N SER B 231 -2.34 45.33 25.25
CA SER B 231 -3.41 45.41 26.27
C SER B 231 -2.92 45.71 27.68
N LYS B 232 -2.34 44.68 28.32
CA LYS B 232 -1.73 44.84 29.62
C LYS B 232 -0.38 44.15 29.74
N VAL B 233 0.59 44.75 29.06
CA VAL B 233 2.00 44.65 29.40
C VAL B 233 2.54 46.07 29.32
N LYS B 234 2.95 46.62 30.44
CA LYS B 234 3.41 48.01 30.49
C LYS B 234 4.49 48.22 29.42
N LEU B 235 4.19 49.09 28.46
CA LEU B 235 4.88 49.05 27.17
C LEU B 235 6.11 49.95 26.99
N ASP B 236 6.21 51.07 27.71
CA ASP B 236 7.33 52.02 27.55
C ASP B 236 7.22 52.75 26.21
N PRO B 237 7.23 54.10 26.22
CA PRO B 237 7.32 54.77 24.92
C PRO B 237 8.61 54.38 24.17
N ASN B 238 8.79 54.92 22.97
CA ASN B 238 9.86 54.49 22.04
C ASN B 238 9.50 53.25 21.21
N VAL B 239 8.32 52.69 21.46
CA VAL B 239 7.90 51.40 20.91
C VAL B 239 7.22 51.52 19.56
N ASN B 240 6.37 52.53 19.40
CA ASN B 240 5.71 52.85 18.13
C ASN B 240 5.26 51.60 17.37
N LEU B 241 4.09 51.12 17.74
CA LEU B 241 3.53 49.87 17.24
C LEU B 241 3.44 49.86 15.71
N GLU B 242 3.09 51.01 15.12
CA GLU B 242 2.99 51.13 13.67
C GLU B 242 4.15 50.53 12.90
N GLU B 243 5.38 50.79 13.33
CA GLU B 243 6.55 50.33 12.58
C GLU B 243 6.80 48.84 12.85
N LEU B 244 6.25 48.32 13.94
CA LEU B 244 6.21 46.89 14.18
C LEU B 244 5.25 46.24 13.18
N ALA B 245 4.00 46.67 13.19
CA ALA B 245 3.01 46.13 12.27
C ALA B 245 3.62 45.88 10.91
N GLU B 246 4.39 46.85 10.42
CA GLU B 246 5.01 46.76 9.10
C GLU B 246 6.32 45.94 9.10
N LEU B 247 6.98 45.85 10.24
CA LEU B 247 8.06 44.88 10.42
C LEU B 247 7.54 43.41 10.45
N THR B 248 6.32 43.23 10.94
CA THR B 248 5.68 41.92 11.02
C THR B 248 4.91 41.54 9.79
N ASP B 249 5.50 41.72 8.62
CA ASP B 249 4.86 41.33 7.39
C ASP B 249 5.05 39.84 7.22
N GLY B 250 3.95 39.11 7.12
CA GLY B 250 4.01 37.68 6.83
C GLY B 250 3.74 36.77 8.01
N TYR B 251 3.53 37.35 9.19
CA TYR B 251 3.22 36.56 10.40
C TYR B 251 1.73 36.38 10.54
N THR B 252 1.31 35.20 11.00
CA THR B 252 -0.10 35.00 11.33
C THR B 252 -0.44 35.72 12.66
N ALA B 253 -1.73 35.92 12.91
CA ALA B 253 -2.19 36.55 14.13
C ALA B 253 -1.76 35.76 15.35
N SER B 254 -1.67 34.44 15.20
CA SER B 254 -1.25 33.57 16.28
C SER B 254 0.15 33.95 16.72
N ASP B 255 1.08 33.98 15.78
CA ASP B 255 2.48 34.26 16.12
C ASP B 255 2.76 35.77 16.20
N ILE B 256 1.74 36.55 16.54
CA ILE B 256 1.92 37.92 17.00
C ILE B 256 1.85 37.85 18.52
N ARG B 257 0.76 37.28 19.04
CA ARG B 257 0.65 36.98 20.46
C ARG B 257 1.94 36.40 20.99
N ASP B 258 2.53 35.49 20.22
CA ASP B 258 3.79 34.88 20.61
C ASP B 258 4.88 35.93 20.70
N ILE B 259 5.01 36.74 19.68
CA ILE B 259 6.05 37.76 19.63
C ILE B 259 6.06 38.67 20.85
N VAL B 260 4.90 39.22 21.19
CA VAL B 260 4.75 40.09 22.36
C VAL B 260 4.98 39.31 23.63
N GLN B 261 4.38 38.14 23.73
CA GLN B 261 4.52 37.34 24.93
C GLN B 261 5.98 37.06 25.22
N SER B 262 6.72 36.69 24.17
CA SER B 262 8.17 36.41 24.24
C SER B 262 9.01 37.66 24.42
N ALA B 263 8.52 38.81 23.96
CA ALA B 263 9.19 40.08 24.25
C ALA B 263 9.00 40.46 25.72
N HIS B 264 7.77 40.37 26.21
CA HIS B 264 7.49 40.58 27.63
C HIS B 264 8.24 39.58 28.50
N MET B 265 8.36 38.32 28.05
CA MET B 265 9.13 37.31 28.80
C MET B 265 10.58 37.72 28.91
N ARG B 266 11.10 38.36 27.86
CA ARG B 266 12.44 38.94 27.89
C ARG B 266 12.66 39.79 29.16
N VAL B 267 11.70 40.67 29.41
CA VAL B 267 11.74 41.57 30.55
C VAL B 267 11.58 40.90 31.93
N VAL B 268 10.78 39.85 31.99
CA VAL B 268 10.60 39.12 33.24
C VAL B 268 11.87 38.33 33.53
N LYS B 269 12.52 37.81 32.48
CA LYS B 269 13.83 37.19 32.64
C LYS B 269 14.72 38.10 33.41
N GLU B 270 14.77 39.35 32.96
CA GLU B 270 15.64 40.31 33.62
C GLU B 270 15.28 40.33 35.09
N MET B 271 14.07 40.76 35.42
CA MET B 271 13.73 40.93 36.86
C MET B 271 14.24 39.78 37.74
N PHE B 272 14.11 38.55 37.28
CA PHE B 272 14.51 37.39 38.08
C PHE B 272 16.01 37.24 38.28
N GLU B 273 16.73 37.20 37.15
CA GLU B 273 18.18 36.97 37.19
C GLU B 273 18.95 38.25 37.46
N LYS B 274 18.26 39.39 37.40
CA LYS B 274 18.81 40.64 37.90
C LYS B 274 18.44 40.82 39.37
N ASN B 275 17.28 40.28 39.74
CA ASN B 275 16.76 40.37 41.12
C ASN B 275 16.21 41.76 41.37
N LEU B 276 15.39 42.21 40.42
CA LEU B 276 14.69 43.45 40.55
C LEU B 276 13.33 43.14 41.19
N GLN B 277 12.76 44.16 41.82
CA GLN B 277 11.46 44.14 42.41
C GLN B 277 10.69 44.92 41.34
N GLU B 278 9.70 44.28 40.75
CA GLU B 278 9.08 44.70 39.46
C GLU B 278 9.85 44.29 38.18
N PRO B 279 9.12 44.12 37.06
CA PRO B 279 9.81 43.84 35.82
C PRO B 279 10.35 45.10 35.26
N ARG B 280 11.19 44.96 34.25
CA ARG B 280 11.72 46.11 33.55
C ARG B 280 10.62 46.66 32.62
N ALA B 281 10.71 47.91 32.23
CA ALA B 281 9.76 48.44 31.23
C ALA B 281 10.14 47.91 29.83
N ILE B 282 9.14 47.52 29.00
CA ILE B 282 9.32 46.86 27.66
C ILE B 282 8.99 47.71 26.36
N ASN B 283 9.77 47.92 25.30
CA ASN B 283 11.20 48.25 25.25
C ASN B 283 11.24 48.86 23.90
N MET B 284 11.66 48.04 22.95
CA MET B 284 11.61 48.27 21.55
C MET B 284 12.68 47.42 20.97
N ASP B 285 13.90 47.57 21.44
CA ASP B 285 14.94 46.63 21.10
C ASP B 285 14.69 45.22 21.69
N ASP B 286 13.65 45.08 22.52
CA ASP B 286 13.15 43.76 22.90
C ASP B 286 12.54 43.12 21.68
N PHE B 287 11.58 43.83 21.10
CA PHE B 287 10.96 43.38 19.89
C PHE B 287 12.00 43.10 18.80
N ARG B 288 13.00 43.96 18.70
CA ARG B 288 14.00 43.78 17.66
C ARG B 288 14.73 42.45 17.80
N GLU B 289 15.22 42.14 18.99
CA GLU B 289 15.99 40.90 19.17
C GLU B 289 15.10 39.67 19.08
N VAL B 290 13.87 39.78 19.58
CA VAL B 290 12.92 38.67 19.51
C VAL B 290 12.43 38.46 18.09
N LEU B 291 12.42 39.52 17.31
CA LEU B 291 12.05 39.45 15.91
C LEU B 291 13.15 38.90 14.98
N LYS B 292 14.39 38.83 15.44
CA LYS B 292 15.42 38.17 14.62
C LYS B 292 15.10 36.70 14.65
N VAL B 293 15.02 36.17 15.87
CA VAL B 293 14.88 34.74 16.10
C VAL B 293 13.52 34.18 15.66
N ARG B 294 12.42 34.84 16.02
CA ARG B 294 11.10 34.33 15.63
C ARG B 294 10.71 34.73 14.24
N LYS B 295 10.40 33.72 13.43
CA LYS B 295 10.05 33.90 12.03
C LYS B 295 8.57 33.61 11.86
N PRO B 296 8.02 33.86 10.66
CA PRO B 296 6.61 33.53 10.44
C PRO B 296 6.38 32.01 10.55
N SER B 297 5.26 31.62 11.16
CA SER B 297 4.97 30.20 11.38
C SER B 297 4.46 29.53 10.12
N VAL B 298 4.01 30.35 9.18
CA VAL B 298 3.50 29.86 7.91
C VAL B 298 4.55 29.88 6.78
N ASN B 299 5.03 28.67 6.45
CA ASN B 299 6.13 28.44 5.51
C ASN B 299 5.77 28.91 4.10
N GLN B 300 6.74 29.52 3.43
CA GLN B 300 6.58 30.09 2.09
C GLN B 300 5.96 29.10 1.06
N ASP B 301 6.12 27.79 1.30
CA ASP B 301 5.58 26.75 0.40
C ASP B 301 4.12 26.50 0.74
N MET B 302 3.78 26.52 2.03
CA MET B 302 2.37 26.41 2.42
C MET B 302 1.62 27.59 1.81
N LEU B 303 2.27 28.76 1.80
CA LEU B 303 1.71 29.96 1.17
C LEU B 303 1.39 29.79 -0.30
N LYS B 304 2.26 29.10 -1.04
CA LYS B 304 2.01 28.81 -2.45
C LYS B 304 1.00 27.68 -2.65
N ALA B 305 0.95 26.74 -1.71
CA ALA B 305 -0.03 25.65 -1.75
C ALA B 305 -1.47 26.13 -1.49
N TYR B 306 -1.65 27.02 -0.51
CA TYR B 306 -2.95 27.67 -0.30
C TYR B 306 -3.34 28.42 -1.56
N ALA B 307 -2.46 29.33 -1.97
CA ALA B 307 -2.69 30.18 -3.14
C ALA B 307 -3.13 29.38 -4.38
N ALA B 308 -2.57 28.18 -4.55
CA ALA B 308 -2.99 27.30 -5.65
C ALA B 308 -4.42 26.84 -5.43
N TRP B 309 -4.65 26.11 -4.35
CA TRP B 309 -5.98 25.63 -4.03
C TRP B 309 -7.02 26.73 -4.03
N HIS B 310 -6.63 27.92 -3.61
CA HIS B 310 -7.54 29.07 -3.62
C HIS B 310 -8.04 29.38 -5.02
N GLU B 311 -7.13 29.48 -5.98
CA GLU B 311 -7.57 29.80 -7.35
C GLU B 311 -8.29 28.66 -8.04
N LYS B 312 -7.97 27.41 -7.70
CA LYS B 312 -8.67 26.25 -8.32
C LYS B 312 -10.00 25.83 -7.67
N PHE B 313 -10.36 26.44 -6.54
CA PHE B 313 -11.56 26.05 -5.78
C PHE B 313 -12.07 27.31 -5.05
N LYS B 314 -12.38 28.35 -5.81
CA LYS B 314 -12.61 29.68 -5.21
C LYS B 314 -13.53 29.71 -4.00
N LYS C 43 16.03 20.52 41.16
CA LYS C 43 16.74 19.60 42.10
C LYS C 43 17.81 20.34 42.89
N VAL C 44 17.39 20.93 44.01
CA VAL C 44 18.27 21.61 44.99
C VAL C 44 19.04 22.75 44.29
N THR C 45 18.29 23.81 43.93
CA THR C 45 18.69 24.92 43.04
C THR C 45 18.54 24.62 41.49
N LEU C 46 18.15 23.36 41.24
CA LEU C 46 18.06 22.71 39.92
C LEU C 46 19.46 22.65 39.48
N ASN C 47 20.07 21.48 39.67
CA ASN C 47 21.51 21.42 39.83
C ASN C 47 22.30 22.04 38.72
N GLU C 48 23.40 22.66 39.15
CA GLU C 48 24.19 23.44 38.23
C GLU C 48 25.08 22.41 37.57
N ILE C 49 24.46 21.38 37.00
CA ILE C 49 25.21 20.35 36.28
C ILE C 49 26.09 21.04 35.23
N VAL C 50 25.70 22.24 34.75
CA VAL C 50 26.49 23.00 33.74
C VAL C 50 25.62 23.68 32.64
N GLY C 51 24.47 23.10 32.32
CA GLY C 51 23.66 23.51 31.18
C GLY C 51 22.99 24.88 31.20
N LEU C 52 23.75 25.94 31.44
CA LEU C 52 23.14 27.23 31.84
C LEU C 52 22.61 27.91 30.58
N GLU C 53 23.52 28.55 29.86
CA GLU C 53 23.09 29.22 28.64
C GLU C 53 22.61 28.09 27.75
N ASP C 54 21.49 28.35 27.10
CA ASP C 54 20.65 27.27 26.63
C ASP C 54 19.96 26.52 27.81
N VAL C 55 20.22 25.24 28.00
CA VAL C 55 19.13 24.35 28.38
C VAL C 55 18.35 24.65 29.65
N LYS C 56 19.05 24.82 30.78
CA LYS C 56 18.33 24.94 32.04
C LYS C 56 17.54 26.19 32.14
N GLU C 57 18.17 27.34 31.86
CA GLU C 57 17.47 28.63 31.97
C GLU C 57 16.23 28.64 31.11
N ALA C 58 16.30 27.96 29.98
CA ALA C 58 15.16 27.86 29.07
C ALA C 58 14.05 26.96 29.63
N LEU C 59 14.41 26.06 30.54
CA LEU C 59 13.43 25.25 31.24
C LEU C 59 12.81 26.04 32.34
N LYS C 60 13.65 26.76 33.08
CA LYS C 60 13.18 27.62 34.14
C LYS C 60 12.13 28.51 33.51
N GLU C 61 12.59 29.32 32.56
CA GLU C 61 11.75 30.22 31.75
C GLU C 61 10.34 29.67 31.50
N ALA C 62 10.27 28.42 31.09
CA ALA C 62 9.02 27.79 30.71
C ALA C 62 8.07 27.47 31.85
N VAL C 63 8.64 27.05 33.00
CA VAL C 63 7.84 26.35 34.01
C VAL C 63 8.04 26.89 35.42
N VAL C 64 9.27 27.17 35.81
CA VAL C 64 9.51 27.63 37.17
C VAL C 64 8.98 29.06 37.42
N TYR C 65 8.99 29.92 36.41
CA TYR C 65 8.60 31.31 36.59
C TYR C 65 7.10 31.41 36.75
N PRO C 66 6.33 31.01 35.72
CA PRO C 66 4.87 31.01 35.87
C PRO C 66 4.35 30.31 37.12
N SER C 67 5.13 29.38 37.65
CA SER C 67 4.80 28.80 38.93
C SER C 67 4.98 29.85 40.04
N LYS C 68 6.19 30.41 40.10
CA LYS C 68 6.54 31.40 41.11
C LYS C 68 5.75 32.71 41.02
N ARG C 69 5.34 33.08 39.81
CA ARG C 69 4.77 34.39 39.61
C ARG C 69 3.94 34.48 38.32
N PRO C 70 2.72 33.92 38.35
CA PRO C 70 1.85 33.87 37.17
C PRO C 70 1.38 35.24 36.71
N ASP C 71 1.01 36.09 37.65
CA ASP C 71 0.59 37.47 37.35
C ASP C 71 1.50 38.19 36.36
N LEU C 72 2.77 37.81 36.32
CA LEU C 72 3.71 38.40 35.36
C LEU C 72 3.54 37.94 33.91
N PHE C 73 2.68 36.95 33.67
CA PHE C 73 2.41 36.47 32.33
C PHE C 73 0.95 36.67 31.99
N PRO C 74 0.61 37.84 31.47
CA PRO C 74 -0.78 38.15 31.16
C PRO C 74 -1.27 37.44 29.89
N LEU C 75 -0.39 37.26 28.91
CA LEU C 75 -0.73 36.48 27.73
C LEU C 75 -0.57 34.98 28.01
N GLY C 76 -0.54 34.59 29.27
CA GLY C 76 -0.46 33.19 29.65
C GLY C 76 0.91 32.61 29.35
N TRP C 77 0.99 31.29 29.39
CA TRP C 77 2.24 30.54 29.23
C TRP C 77 1.90 29.09 28.91
N PRO C 78 2.72 28.44 28.06
CA PRO C 78 2.39 27.11 27.56
C PRO C 78 2.70 26.02 28.58
N ARG C 79 1.79 25.05 28.69
CA ARG C 79 1.91 23.94 29.63
C ARG C 79 2.59 22.71 29.01
N GLY C 80 2.69 22.70 27.69
CA GLY C 80 3.29 21.59 26.97
C GLY C 80 4.72 21.93 26.60
N ILE C 81 5.64 21.06 26.99
CA ILE C 81 7.05 21.35 26.87
C ILE C 81 7.82 20.09 26.39
N LEU C 82 8.63 20.27 25.33
CA LEU C 82 9.25 19.13 24.62
C LEU C 82 10.77 19.10 24.70
N LEU C 83 11.29 17.96 25.14
CA LEU C 83 12.71 17.76 25.27
C LEU C 83 13.15 16.87 24.13
N TYR C 84 13.85 17.46 23.16
CA TYR C 84 14.24 16.74 21.97
C TYR C 84 15.73 16.84 21.73
N GLY C 85 16.35 15.69 21.49
CA GLY C 85 17.76 15.66 21.18
C GLY C 85 18.29 14.26 21.06
N PRO C 86 19.60 14.14 20.87
CA PRO C 86 20.19 12.82 20.79
C PRO C 86 19.97 12.09 22.08
N PRO C 87 19.99 10.76 22.02
CA PRO C 87 19.66 9.95 23.16
C PRO C 87 20.84 9.76 24.10
N GLY C 88 20.53 9.43 25.34
CA GLY C 88 21.58 9.19 26.33
C GLY C 88 21.79 10.38 27.24
N CYS C 89 21.56 11.58 26.71
CA CYS C 89 21.68 12.79 27.52
C CYS C 89 20.71 12.85 28.70
N GLY C 90 19.93 11.79 28.90
CA GLY C 90 19.21 11.60 30.15
C GLY C 90 18.16 12.68 30.36
N LYS C 91 17.32 12.85 29.34
CA LYS C 91 16.20 13.77 29.40
C LYS C 91 15.31 13.51 30.60
N THR C 92 15.28 12.26 31.03
CA THR C 92 14.41 11.81 32.07
C THR C 92 14.88 12.40 33.44
N MET C 93 16.20 12.52 33.63
CA MET C 93 16.80 13.10 34.86
C MET C 93 16.66 14.61 34.95
N ILE C 94 16.71 15.26 33.81
CA ILE C 94 16.50 16.69 33.74
C ILE C 94 15.09 17.08 34.18
N ALA C 95 14.09 16.38 33.64
CA ALA C 95 12.69 16.66 33.97
C ALA C 95 12.37 16.36 35.43
N ALA C 96 13.04 15.36 36.00
CA ALA C 96 12.93 15.10 37.42
C ALA C 96 13.44 16.31 38.21
N ALA C 97 14.51 16.93 37.71
CA ALA C 97 15.13 18.08 38.37
C ALA C 97 14.16 19.25 38.55
N VAL C 98 13.24 19.43 37.62
CA VAL C 98 12.34 20.58 37.67
C VAL C 98 11.22 20.31 38.68
N ALA C 99 10.76 19.07 38.77
CA ALA C 99 9.76 18.71 39.75
C ALA C 99 10.32 18.96 41.14
N ASN C 100 11.55 18.51 41.38
CA ASN C 100 12.19 18.68 42.67
C ASN C 100 12.57 20.15 42.94
N GLU C 101 12.75 20.94 41.88
CA GLU C 101 12.89 22.40 42.04
C GLU C 101 11.61 23.03 42.59
N LEU C 102 10.47 22.42 42.29
CA LEU C 102 9.18 22.96 42.70
C LEU C 102 8.49 22.11 43.80
N ASP C 103 9.27 21.31 44.53
CA ASP C 103 8.71 20.38 45.54
C ASP C 103 7.45 19.73 44.98
N SER C 104 7.56 19.27 43.73
CA SER C 104 6.42 18.94 42.91
C SER C 104 6.38 17.47 42.57
N GLU C 105 5.18 16.98 42.25
CA GLU C 105 4.96 15.58 41.94
C GLU C 105 5.39 15.31 40.52
N PHE C 106 5.89 14.11 40.26
CA PHE C 106 6.54 13.76 39.01
C PHE C 106 5.94 12.48 38.46
N ILE C 107 4.81 12.62 37.75
CA ILE C 107 4.08 11.47 37.24
C ILE C 107 4.75 10.95 35.97
N HIS C 108 5.58 9.93 36.13
CA HIS C 108 6.41 9.36 35.04
C HIS C 108 5.65 8.25 34.32
N VAL C 109 5.63 8.32 32.99
CA VAL C 109 4.99 7.28 32.17
C VAL C 109 5.73 7.07 30.85
N ASP C 110 5.97 5.80 30.51
CA ASP C 110 6.63 5.44 29.26
C ASP C 110 5.53 5.21 28.24
N ALA C 111 5.61 5.92 27.12
CA ALA C 111 4.59 5.85 26.06
C ALA C 111 4.51 4.47 25.43
N ALA C 112 5.60 3.72 25.49
CA ALA C 112 5.57 2.34 25.10
C ALA C 112 4.45 1.62 25.84
N SER C 113 4.55 1.57 27.17
CA SER C 113 3.61 0.81 28.01
C SER C 113 2.15 1.23 27.80
N ILE C 114 1.89 2.53 27.82
CA ILE C 114 0.52 3.05 27.65
C ILE C 114 -0.12 2.69 26.31
N MET C 115 0.70 2.40 25.31
CA MET C 115 0.18 1.90 24.05
C MET C 115 -0.07 0.38 24.19
N SER C 116 0.89 -0.33 24.76
CA SER C 116 0.86 -1.78 24.75
C SER C 116 -0.32 -2.28 25.59
N LYS C 117 -0.25 -2.05 26.90
CA LYS C 117 -1.28 -2.61 27.83
C LYS C 117 -2.73 -2.14 27.55
N TRP C 118 -3.70 -2.82 28.16
CA TRP C 118 -5.15 -2.59 27.93
C TRP C 118 -5.43 -2.54 26.43
N LEU C 119 -5.79 -3.68 25.84
CA LEU C 119 -5.86 -3.76 24.38
C LEU C 119 -6.42 -2.45 23.82
N GLY C 120 -7.75 -2.39 23.71
CA GLY C 120 -8.45 -1.21 23.19
C GLY C 120 -8.58 -0.03 24.15
N GLU C 121 -9.02 -0.31 25.38
CA GLU C 121 -9.22 0.70 26.43
C GLU C 121 -7.98 1.03 27.27
N ALA C 122 -6.90 1.34 26.57
CA ALA C 122 -5.78 2.09 27.13
C ALA C 122 -6.16 3.57 27.24
N GLU C 123 -7.40 3.89 26.90
CA GLU C 123 -7.96 5.21 27.15
C GLU C 123 -8.17 5.41 28.63
N LYS C 124 -8.54 4.34 29.32
CA LYS C 124 -8.80 4.40 30.74
C LYS C 124 -7.60 4.98 31.49
N ASN C 125 -6.40 4.55 31.11
CA ASN C 125 -5.19 5.01 31.81
C ASN C 125 -4.79 6.44 31.46
N VAL C 126 -4.90 6.81 30.18
CA VAL C 126 -4.44 8.12 29.74
C VAL C 126 -5.24 9.25 30.38
N ALA C 127 -6.53 9.02 30.65
CA ALA C 127 -7.35 10.00 31.35
C ALA C 127 -6.98 10.03 32.83
N LYS C 128 -6.65 8.86 33.38
CA LYS C 128 -6.29 8.73 34.80
C LYS C 128 -4.98 9.43 35.14
N ILE C 129 -4.03 9.36 34.22
CA ILE C 129 -2.74 10.02 34.41
C ILE C 129 -2.89 11.51 34.62
N PHE C 130 -3.76 12.12 33.82
CA PHE C 130 -4.07 13.53 33.98
C PHE C 130 -4.93 13.75 35.23
N LYS C 131 -6.08 13.08 35.30
CA LYS C 131 -6.90 12.96 36.53
C LYS C 131 -6.07 13.15 37.79
N THR C 132 -5.14 12.23 38.03
CA THR C 132 -4.37 12.16 39.28
C THR C 132 -3.48 13.38 39.45
N ALA C 133 -2.89 13.83 38.34
CA ALA C 133 -1.99 14.97 38.37
C ALA C 133 -2.69 16.28 38.74
N ARG C 134 -3.91 16.46 38.25
CA ARG C 134 -4.71 17.63 38.61
C ARG C 134 -5.09 17.50 40.07
N GLU C 135 -5.63 16.33 40.43
CA GLU C 135 -6.03 16.01 41.79
C GLU C 135 -4.89 16.25 42.78
N LEU C 136 -3.71 15.73 42.42
CA LEU C 136 -2.48 15.90 43.23
C LEU C 136 -1.97 17.32 43.24
N SER C 137 -2.39 18.11 42.26
CA SER C 137 -2.29 19.56 42.37
C SER C 137 -3.51 20.04 43.17
N LYS C 138 -3.40 19.92 44.50
CA LYS C 138 -4.51 20.18 45.41
C LYS C 138 -4.75 21.67 45.52
N LYS C 139 -5.57 22.08 46.49
CA LYS C 139 -5.61 23.47 46.90
C LYS C 139 -4.18 23.96 47.13
N GLU C 140 -3.36 23.13 47.79
CA GLU C 140 -1.91 23.30 47.76
C GLU C 140 -1.48 23.51 46.32
N ASN C 141 -1.27 24.76 45.94
CA ASN C 141 -0.83 25.09 44.60
C ASN C 141 0.60 24.59 44.40
N LYS C 142 0.75 23.28 44.39
CA LYS C 142 1.99 22.65 44.01
C LYS C 142 1.70 22.15 42.61
N PRO C 143 2.47 22.64 41.63
CA PRO C 143 2.21 22.24 40.27
C PRO C 143 2.74 20.83 40.01
N ALA C 144 1.93 19.98 39.39
CA ALA C 144 2.33 18.60 39.08
C ALA C 144 2.90 18.53 37.67
N ILE C 145 3.89 17.66 37.47
CA ILE C 145 4.55 17.51 36.17
C ILE C 145 4.42 16.11 35.63
N ILE C 146 3.73 15.98 34.51
CA ILE C 146 3.66 14.70 33.80
C ILE C 146 4.83 14.60 32.88
N PHE C 147 5.55 13.49 32.96
CA PHE C 147 6.68 13.27 32.09
C PHE C 147 6.48 12.06 31.20
N ILE C 148 6.66 12.27 29.90
CA ILE C 148 6.41 11.23 28.92
C ILE C 148 7.68 10.86 28.21
N ASP C 149 8.16 9.66 28.52
CA ASP C 149 9.33 9.11 27.88
C ASP C 149 8.91 8.58 26.51
N GLU C 150 9.79 8.71 25.52
CA GLU C 150 9.52 8.23 24.15
C GLU C 150 8.18 8.73 23.63
N LEU C 151 8.01 10.05 23.56
CA LEU C 151 6.75 10.64 23.07
C LEU C 151 6.39 10.12 21.66
N ASP C 152 7.40 9.89 20.82
CA ASP C 152 7.27 9.22 19.52
C ASP C 152 6.29 8.04 19.52
N ALA C 153 6.24 7.33 20.65
CA ALA C 153 5.53 6.05 20.73
C ALA C 153 4.01 6.15 20.81
N LEU C 154 3.48 7.35 20.94
CA LEU C 154 2.03 7.55 20.90
C LEU C 154 1.51 7.58 19.48
N LEU C 155 2.42 7.66 18.52
CA LEU C 155 2.06 7.72 17.11
C LEU C 155 2.14 6.36 16.39
N ALA C 156 2.46 5.29 17.10
CA ALA C 156 2.38 3.95 16.51
C ALA C 156 2.11 2.91 17.61
N SER C 157 2.32 1.62 17.31
CA SER C 157 2.30 0.49 18.29
C SER C 157 0.94 -0.12 18.70
N TYR C 158 0.12 -0.48 17.71
CA TYR C 158 -1.27 -0.88 17.95
C TYR C 158 -1.70 -2.25 17.37
N THR C 159 -3.01 -2.46 17.15
CA THR C 159 -3.52 -3.74 16.60
C THR C 159 -4.75 -3.53 15.71
N SER C 160 -5.82 -3.00 16.30
CA SER C 160 -7.05 -2.62 15.57
C SER C 160 -6.98 -1.22 14.92
N GLU C 161 -6.82 -1.16 13.58
CA GLU C 161 -6.68 0.12 12.79
C GLU C 161 -7.17 1.35 13.55
N VAL C 162 -8.47 1.32 13.89
CA VAL C 162 -9.23 2.53 14.37
C VAL C 162 -8.90 2.97 15.82
N GLY C 163 -8.55 2.02 16.66
CA GLY C 163 -8.30 2.29 18.07
C GLY C 163 -6.86 2.69 18.37
N GLY C 164 -5.93 2.21 17.55
CA GLY C 164 -4.52 2.57 17.66
C GLY C 164 -4.27 4.05 17.55
N GLU C 165 -4.55 4.59 16.36
CA GLU C 165 -4.49 6.02 16.15
C GLU C 165 -5.77 6.62 16.70
N ALA C 166 -5.81 7.95 16.71
CA ALA C 166 -6.98 8.71 17.13
C ALA C 166 -7.49 8.33 18.52
N ARG C 167 -8.23 7.24 18.62
CA ARG C 167 -8.89 6.86 19.87
C ARG C 167 -8.09 7.28 21.10
N VAL C 168 -6.92 6.68 21.28
CA VAL C 168 -6.05 7.02 22.42
C VAL C 168 -5.28 8.31 22.17
N ARG C 169 -4.95 8.62 20.92
CA ARG C 169 -4.05 9.76 20.68
C ARG C 169 -4.83 11.09 20.82
N ASN C 170 -6.05 11.18 20.29
CA ASN C 170 -6.85 12.42 20.40
C ASN C 170 -7.29 12.65 21.81
N GLN C 171 -7.66 11.57 22.49
CA GLN C 171 -8.03 11.61 23.91
C GLN C 171 -6.93 12.32 24.71
N PHE C 172 -5.69 12.01 24.36
CA PHE C 172 -4.50 12.58 24.98
C PHE C 172 -4.21 14.00 24.51
N LEU C 173 -4.34 14.19 23.19
CA LEU C 173 -4.14 15.49 22.59
C LEU C 173 -5.16 16.46 23.19
N LYS C 174 -6.39 16.00 23.34
CA LYS C 174 -7.45 16.80 23.95
C LYS C 174 -7.11 17.21 25.38
N GLU C 175 -6.60 16.26 26.16
CA GLU C 175 -6.23 16.54 27.54
C GLU C 175 -5.35 17.79 27.67
N MET C 176 -4.45 18.00 26.72
CA MET C 176 -3.54 19.15 26.74
C MET C 176 -4.17 20.47 26.37
N ASP C 177 -5.17 20.42 25.50
CA ASP C 177 -5.97 21.61 25.22
C ASP C 177 -6.66 22.01 26.52
N GLY C 178 -7.04 21.02 27.32
CA GLY C 178 -7.65 21.23 28.61
C GLY C 178 -6.79 21.95 29.64
N LEU C 179 -5.48 21.67 29.64
CA LEU C 179 -4.57 22.27 30.64
C LEU C 179 -4.57 23.78 30.52
N ALA C 180 -4.74 24.27 29.30
CA ALA C 180 -4.75 25.69 29.00
C ALA C 180 -5.32 26.54 30.13
N ASP C 181 -6.64 26.60 30.23
CA ASP C 181 -7.23 27.58 31.13
C ASP C 181 -8.51 27.15 31.79
N LYS C 182 -9.56 26.94 31.02
CA LYS C 182 -10.91 26.76 31.59
C LYS C 182 -11.04 27.09 33.10
N ASN C 183 -10.20 28.01 33.59
CA ASN C 183 -10.11 28.38 35.02
C ASN C 183 -10.82 27.39 35.99
N GLU C 184 -10.35 26.14 36.02
CA GLU C 184 -10.86 25.08 36.93
C GLU C 184 -9.75 24.91 37.93
N ILE C 185 -8.54 24.64 37.43
CA ILE C 185 -7.38 24.40 38.30
C ILE C 185 -6.01 25.09 38.00
N SER C 186 -5.58 25.24 36.74
CA SER C 186 -4.18 25.65 36.37
C SER C 186 -3.19 24.58 36.82
N LYS C 187 -1.90 24.92 36.86
CA LYS C 187 -0.88 24.21 37.65
C LYS C 187 -0.14 23.08 36.93
N VAL C 188 -0.87 22.16 36.29
CA VAL C 188 -0.27 20.93 35.75
C VAL C 188 0.48 21.14 34.44
N TYR C 189 1.65 20.52 34.32
CA TYR C 189 2.45 20.58 33.09
C TYR C 189 2.68 19.22 32.45
N VAL C 190 3.10 19.22 31.18
CA VAL C 190 3.47 17.99 30.47
C VAL C 190 4.85 18.15 29.82
N ILE C 191 5.84 17.43 30.34
CA ILE C 191 7.14 17.37 29.70
C ILE C 191 7.26 16.08 28.89
N GLY C 192 7.29 16.24 27.57
CA GLY C 192 7.45 15.11 26.66
C GLY C 192 8.89 14.98 26.23
N ALA C 193 9.37 13.73 26.17
CA ALA C 193 10.75 13.44 25.82
C ALA C 193 10.82 12.54 24.59
N THR C 194 11.76 12.85 23.71
CA THR C 194 11.91 12.14 22.45
C THR C 194 13.31 12.27 21.88
N ASN C 195 13.79 11.19 21.28
CA ASN C 195 15.04 11.19 20.53
C ASN C 195 14.75 11.25 19.05
N LYS C 196 13.47 11.17 18.70
CA LYS C 196 13.07 11.05 17.32
C LYS C 196 11.87 11.98 17.06
N PRO C 197 12.13 13.30 17.03
CA PRO C 197 11.06 14.29 16.75
C PRO C 197 10.59 14.30 15.28
N TRP C 198 11.26 13.54 14.43
CA TRP C 198 10.77 13.29 13.11
C TRP C 198 9.38 12.67 13.21
N ARG C 199 9.28 11.56 13.96
CA ARG C 199 7.98 10.90 14.25
C ARG C 199 6.88 11.88 14.61
N LEU C 200 7.25 12.90 15.38
CA LEU C 200 6.28 13.87 15.88
C LEU C 200 5.57 14.62 14.75
N ASP C 201 4.25 14.72 14.96
CA ASP C 201 3.25 14.97 13.94
C ASP C 201 2.66 16.37 14.16
N GLU C 202 2.42 17.10 13.08
CA GLU C 202 2.20 18.56 13.16
C GLU C 202 1.01 19.06 14.00
N PRO C 203 -0.02 18.22 14.22
CA PRO C 203 -0.97 18.42 15.33
C PRO C 203 -0.38 18.19 16.72
N PHE C 204 0.08 16.96 17.00
CA PHE C 204 0.83 16.70 18.24
C PHE C 204 1.77 17.83 18.60
N LEU C 205 2.59 18.20 17.63
CA LEU C 205 3.60 19.22 17.80
C LEU C 205 3.11 20.51 18.39
N ARG C 206 1.91 20.93 17.98
CA ARG C 206 1.38 22.22 18.40
C ARG C 206 0.66 22.19 19.75
N ARG C 207 0.66 21.07 20.46
CA ARG C 207 0.29 21.09 21.89
C ARG C 207 1.53 21.04 22.78
N PHE C 208 2.67 21.30 22.16
CA PHE C 208 3.91 21.51 22.85
C PHE C 208 4.51 22.76 22.23
N GLN C 209 4.22 23.90 22.83
CA GLN C 209 4.70 25.15 22.26
C GLN C 209 6.12 25.49 22.74
N LYS C 210 6.55 24.88 23.84
CA LYS C 210 7.89 25.13 24.33
C LYS C 210 8.76 23.93 23.98
N ARG C 211 9.77 24.15 23.14
CA ARG C 211 10.63 23.07 22.71
C ARG C 211 12.10 23.37 22.96
N ILE C 212 12.73 22.56 23.81
CA ILE C 212 14.10 22.75 24.24
C ILE C 212 14.97 21.63 23.76
N TYR C 213 15.90 21.99 22.89
CA TYR C 213 16.87 21.06 22.34
C TYR C 213 17.84 20.72 23.44
N ILE C 214 17.77 19.48 23.95
CA ILE C 214 18.75 19.06 24.94
C ILE C 214 19.97 18.57 24.17
N THR C 215 20.95 19.46 24.12
CA THR C 215 22.10 19.31 23.27
C THR C 215 23.11 18.35 23.86
N LEU C 216 23.94 17.81 22.99
CA LEU C 216 25.08 17.00 23.42
C LEU C 216 25.92 17.80 24.40
N PRO C 217 26.34 17.19 25.54
CA PRO C 217 26.87 17.95 26.69
C PRO C 217 28.22 18.59 26.43
N ASP C 218 28.39 19.83 26.90
CA ASP C 218 29.60 20.60 26.63
C ASP C 218 30.74 20.13 27.54
N LYS C 219 31.93 20.69 27.34
CA LYS C 219 33.13 20.23 28.03
C LYS C 219 33.00 20.34 29.54
N ALA C 220 32.46 21.45 30.01
CA ALA C 220 32.23 21.67 31.43
C ALA C 220 31.21 20.70 32.01
N HIS C 221 30.21 20.36 31.22
CA HIS C 221 29.21 19.38 31.65
C HIS C 221 29.91 18.03 31.88
N ARG C 222 30.63 17.57 30.85
CA ARG C 222 31.31 16.26 30.87
C ARG C 222 32.16 16.08 32.12
N LEU C 223 32.99 17.07 32.41
CA LEU C 223 33.86 17.02 33.58
C LEU C 223 33.12 16.53 34.83
N GLU C 224 32.00 17.16 35.17
CA GLU C 224 31.26 16.76 36.37
C GLU C 224 30.57 15.41 36.23
N LEU C 225 30.36 14.97 35.00
CA LEU C 225 29.98 13.59 34.74
C LEU C 225 31.15 12.63 35.03
N LEU C 226 32.29 12.86 34.36
CA LEU C 226 33.52 12.08 34.59
C LEU C 226 33.87 11.96 36.07
N LYS C 227 33.63 13.03 36.81
CA LYS C 227 33.65 13.00 38.29
C LYS C 227 32.63 12.05 38.87
N HIS C 228 31.37 12.26 38.50
CA HIS C 228 30.28 11.48 39.05
C HIS C 228 30.32 10.01 38.68
N TYR C 229 30.94 9.67 37.54
CA TYR C 229 31.10 8.27 37.13
C TYR C 229 32.45 7.67 37.54
N SER C 230 33.41 8.51 37.91
CA SER C 230 34.56 8.05 38.68
C SER C 230 34.15 7.72 40.13
N SER C 231 33.24 8.52 40.69
CA SER C 231 32.62 8.29 42.02
C SER C 231 33.31 7.24 42.91
N LYS C 232 33.12 5.96 42.58
CA LYS C 232 33.86 4.86 43.27
C LYS C 232 34.38 3.83 42.25
N VAL C 233 35.42 4.25 41.53
CA VAL C 233 36.42 3.35 40.96
C VAL C 233 37.78 3.96 41.28
N LYS C 234 38.57 3.26 42.09
CA LYS C 234 39.87 3.78 42.56
C LYS C 234 40.63 4.27 41.34
N LEU C 235 40.89 5.58 41.28
CA LEU C 235 41.25 6.22 40.01
C LEU C 235 42.75 6.35 39.69
N ASP C 236 43.63 6.42 40.69
CA ASP C 236 45.08 6.63 40.46
C ASP C 236 45.35 8.05 39.94
N PRO C 237 46.23 8.80 40.60
CA PRO C 237 46.65 10.06 39.95
C PRO C 237 47.29 9.83 38.57
N ASN C 238 47.67 10.90 37.88
CA ASN C 238 48.12 10.86 36.48
C ASN C 238 46.95 10.88 35.48
N VAL C 239 45.73 10.88 36.00
CA VAL C 239 44.52 10.70 35.19
C VAL C 239 43.95 12.02 34.69
N ASN C 240 43.98 13.06 35.54
CA ASN C 240 43.57 14.43 35.17
C ASN C 240 42.33 14.46 34.25
N LEU C 241 41.18 14.44 34.90
CA LEU C 241 39.89 14.33 34.24
C LEU C 241 39.69 15.44 33.22
N GLU C 242 40.15 16.64 33.56
CA GLU C 242 40.01 17.80 32.68
C GLU C 242 40.39 17.52 31.22
N GLU C 243 41.50 16.84 31.00
CA GLU C 243 41.98 16.63 29.62
C GLU C 243 41.20 15.49 28.95
N LEU C 244 40.55 14.65 29.76
CA LEU C 244 39.57 13.70 29.24
C LEU C 244 38.33 14.43 28.75
N ALA C 245 37.70 15.20 29.63
CA ALA C 245 36.53 15.98 29.25
C ALA C 245 36.69 16.55 27.84
N GLU C 246 37.87 17.12 27.57
CA GLU C 246 38.14 17.74 26.27
C GLU C 246 38.53 16.72 25.18
N LEU C 247 39.06 15.57 25.60
CA LEU C 247 39.23 14.44 24.67
C LEU C 247 37.90 13.81 24.27
N THR C 248 36.92 13.84 25.17
CA THR C 248 35.58 13.28 24.93
C THR C 248 34.62 14.33 24.32
N ASP C 249 35.08 15.02 23.28
CA ASP C 249 34.23 15.95 22.56
C ASP C 249 33.36 15.15 21.60
N GLY C 250 32.04 15.28 21.75
CA GLY C 250 31.11 14.64 20.83
C GLY C 250 30.42 13.40 21.35
N TYR C 251 30.75 12.99 22.56
CA TYR C 251 30.11 11.83 23.18
C TYR C 251 28.88 12.26 23.98
N THR C 252 27.82 11.45 23.95
CA THR C 252 26.69 11.73 24.82
C THR C 252 27.03 11.33 26.26
N ALA C 253 26.24 11.83 27.22
CA ALA C 253 26.44 11.50 28.62
C ALA C 253 26.33 10.01 28.87
N SER C 254 25.49 9.35 28.08
CA SER C 254 25.31 7.91 28.20
C SER C 254 26.63 7.19 27.96
N ASP C 255 27.26 7.48 26.82
CA ASP C 255 28.51 6.79 26.45
C ASP C 255 29.74 7.47 27.06
N ILE C 256 29.54 8.09 28.22
CA ILE C 256 30.67 8.41 29.06
C ILE C 256 30.70 7.38 30.19
N ARG C 257 29.56 7.16 30.85
CA ARG C 257 29.41 6.02 31.76
C ARG C 257 30.01 4.75 31.17
N ASP C 258 29.76 4.53 29.88
CA ASP C 258 30.32 3.39 29.18
C ASP C 258 31.85 3.46 29.18
N ILE C 259 32.39 4.60 28.77
CA ILE C 259 33.85 4.73 28.64
C ILE C 259 34.62 4.43 29.96
N VAL C 260 34.14 4.97 31.08
CA VAL C 260 34.73 4.69 32.40
C VAL C 260 34.48 3.24 32.82
N GLN C 261 33.26 2.76 32.64
CA GLN C 261 32.95 1.39 33.02
C GLN C 261 33.84 0.39 32.30
N SER C 262 34.03 0.63 31.00
CA SER C 262 34.90 -0.20 30.17
C SER C 262 36.40 0.02 30.44
N ALA C 263 36.77 1.20 30.93
CA ALA C 263 38.14 1.44 31.39
C ALA C 263 38.41 0.70 32.68
N HIS C 264 37.49 0.81 33.63
CA HIS C 264 37.57 0.02 34.86
C HIS C 264 37.52 -1.49 34.61
N MET C 265 36.72 -1.91 33.63
CA MET C 265 36.70 -3.33 33.26
C MET C 265 38.07 -3.79 32.75
N ARG C 266 38.77 -2.89 32.05
CA ARG C 266 40.13 -3.15 31.62
C ARG C 266 40.97 -3.67 32.79
N VAL C 267 40.89 -2.96 33.89
CA VAL C 267 41.65 -3.27 35.10
C VAL C 267 41.27 -4.57 35.80
N VAL C 268 39.99 -4.89 35.77
CA VAL C 268 39.51 -6.12 36.39
C VAL C 268 39.93 -7.29 35.53
N LYS C 269 39.91 -7.12 34.22
CA LYS C 269 40.41 -8.17 33.34
C LYS C 269 41.85 -8.49 33.73
N GLU C 270 42.65 -7.46 34.00
CA GLU C 270 44.00 -7.73 34.44
C GLU C 270 43.94 -8.62 35.67
N MET C 271 43.39 -8.12 36.78
CA MET C 271 43.48 -8.90 38.05
C MET C 271 43.23 -10.39 37.82
N PHE C 272 42.27 -10.74 36.99
CA PHE C 272 41.90 -12.15 36.78
C PHE C 272 42.93 -12.95 36.02
N GLU C 273 43.28 -12.46 34.84
CA GLU C 273 44.21 -13.19 33.96
C GLU C 273 45.68 -12.89 34.31
N LYS C 274 45.90 -11.90 35.18
CA LYS C 274 47.18 -11.68 35.85
C LYS C 274 47.23 -12.55 37.12
N ASN C 275 46.07 -12.68 37.77
CA ASN C 275 45.93 -13.38 39.04
C ASN C 275 46.50 -12.56 40.16
N LEU C 276 46.05 -11.31 40.20
CA LEU C 276 46.33 -10.40 41.29
C LEU C 276 45.19 -10.48 42.31
N GLN C 277 45.45 -10.05 43.54
CA GLN C 277 44.47 -10.04 44.65
C GLN C 277 43.51 -8.86 44.74
N GLU C 278 43.98 -7.69 44.32
CA GLU C 278 43.13 -6.52 44.14
C GLU C 278 43.08 -6.29 42.66
N PRO C 279 42.20 -5.40 42.19
CA PRO C 279 42.35 -4.94 40.83
C PRO C 279 43.52 -4.02 40.77
N ARG C 280 43.92 -3.72 39.55
CA ARG C 280 44.99 -2.77 39.35
C ARG C 280 44.44 -1.37 39.58
N ALA C 281 45.30 -0.41 39.89
CA ALA C 281 44.86 0.98 39.96
C ALA C 281 44.61 1.49 38.54
N ILE C 282 43.49 2.18 38.29
CA ILE C 282 43.02 2.48 36.90
C ILE C 282 43.84 3.61 36.36
N ASN C 283 44.47 3.35 35.22
CA ASN C 283 45.54 4.20 34.76
C ASN C 283 44.94 5.15 33.75
N MET C 284 45.72 6.14 33.32
CA MET C 284 45.32 7.04 32.25
C MET C 284 45.37 6.40 30.86
N ASP C 285 46.43 5.62 30.58
CA ASP C 285 46.52 4.91 29.29
C ASP C 285 45.42 3.84 29.15
N ASP C 286 44.65 3.60 30.21
CA ASP C 286 43.42 2.81 30.11
C ASP C 286 42.44 3.57 29.28
N PHE C 287 42.14 4.80 29.72
CA PHE C 287 41.24 5.68 28.99
C PHE C 287 41.73 5.85 27.56
N ARG C 288 43.04 5.98 27.38
CA ARG C 288 43.57 6.20 26.04
C ARG C 288 43.24 5.05 25.10
N GLU C 289 43.52 3.81 25.51
CA GLU C 289 43.31 2.65 24.63
C GLU C 289 41.80 2.32 24.49
N VAL C 290 41.01 2.56 25.53
CA VAL C 290 39.54 2.42 25.42
C VAL C 290 38.90 3.53 24.57
N LEU C 291 39.54 4.70 24.54
CA LEU C 291 39.07 5.83 23.75
C LEU C 291 39.43 5.73 22.26
N LYS C 292 40.35 4.83 21.88
CA LYS C 292 40.58 4.60 20.46
C LYS C 292 39.36 3.86 19.93
N VAL C 293 39.05 2.72 20.55
CA VAL C 293 38.01 1.82 20.10
C VAL C 293 36.59 2.39 20.25
N ARG C 294 36.26 2.97 21.41
CA ARG C 294 34.91 3.51 21.59
C ARG C 294 34.75 4.89 21.02
N LYS C 295 33.77 5.02 20.14
CA LYS C 295 33.49 6.26 19.44
C LYS C 295 32.18 6.86 19.97
N PRO C 296 31.84 8.08 19.55
CA PRO C 296 30.55 8.64 19.96
C PRO C 296 29.37 7.81 19.45
N SER C 297 28.34 7.64 20.27
CA SER C 297 27.18 6.81 19.90
C SER C 297 26.25 7.55 18.97
N VAL C 298 26.36 8.87 18.92
CA VAL C 298 25.53 9.68 18.02
C VAL C 298 26.23 10.00 16.72
N ASN C 299 25.74 9.33 15.68
CA ASN C 299 26.30 9.37 14.35
C ASN C 299 26.22 10.77 13.77
N GLN C 300 27.29 11.17 13.07
CA GLN C 300 27.41 12.51 12.47
C GLN C 300 26.20 12.91 11.61
N ASP C 301 25.47 11.94 11.07
CA ASP C 301 24.30 12.20 10.21
C ASP C 301 23.09 12.47 11.09
N MET C 302 22.96 11.73 12.20
CA MET C 302 21.89 12.01 13.16
C MET C 302 22.08 13.43 13.65
N LEU C 303 23.33 13.82 13.85
CA LEU C 303 23.67 15.19 14.26
C LEU C 303 23.19 16.26 13.30
N LYS C 304 23.31 16.00 12.00
CA LYS C 304 22.81 16.91 10.98
C LYS C 304 21.27 16.85 10.85
N ALA C 305 20.69 15.68 11.11
CA ALA C 305 19.23 15.49 11.07
C ALA C 305 18.52 16.22 12.21
N TYR C 306 19.07 16.14 13.43
CA TYR C 306 18.57 16.93 14.56
C TYR C 306 18.69 18.41 14.22
N ALA C 307 19.91 18.83 13.90
CA ALA C 307 20.19 20.23 13.54
C ALA C 307 19.22 20.81 12.50
N ALA C 308 18.82 19.99 11.52
CA ALA C 308 17.83 20.41 10.53
C ALA C 308 16.48 20.64 11.21
N TRP C 309 15.92 19.56 11.76
CA TRP C 309 14.64 19.63 12.48
C TRP C 309 14.62 20.74 13.53
N HIS C 310 15.75 20.99 14.18
CA HIS C 310 15.87 22.06 15.15
C HIS C 310 15.58 23.43 14.55
N GLU C 311 16.21 23.71 13.42
CA GLU C 311 16.03 25.00 12.77
C GLU C 311 14.64 25.16 12.11
N LYS C 312 14.03 24.06 11.63
CA LYS C 312 12.70 24.12 11.01
C LYS C 312 11.50 24.04 11.98
N PHE C 313 11.74 23.78 13.26
CA PHE C 313 10.69 23.60 14.26
C PHE C 313 11.24 24.06 15.63
N LYS C 314 11.65 25.33 15.73
CA LYS C 314 12.43 25.81 16.91
C LYS C 314 11.87 25.32 18.23
N VAL D 44 29.69 -29.82 26.37
CA VAL D 44 30.32 -28.94 25.32
C VAL D 44 30.65 -27.55 25.89
N THR D 45 31.55 -27.56 26.87
CA THR D 45 31.90 -26.38 27.69
C THR D 45 32.79 -25.38 26.97
N LEU D 46 33.33 -24.41 27.72
CA LEU D 46 34.24 -23.42 27.15
C LEU D 46 35.70 -23.92 27.19
N ASN D 47 35.88 -25.13 26.65
CA ASN D 47 37.16 -25.61 26.13
C ASN D 47 37.51 -24.82 24.90
N GLU D 48 36.66 -23.87 24.47
CA GLU D 48 36.68 -23.29 23.13
C GLU D 48 36.18 -24.41 22.29
N ILE D 49 34.99 -24.20 21.73
CA ILE D 49 34.48 -25.09 20.69
C ILE D 49 35.58 -25.27 19.62
N VAL D 50 36.46 -24.26 19.46
CA VAL D 50 37.64 -24.24 18.56
C VAL D 50 38.39 -22.88 18.80
N GLY D 51 39.71 -22.98 18.88
CA GLY D 51 40.64 -21.89 19.26
C GLY D 51 40.46 -20.48 18.72
N LEU D 52 39.34 -19.83 19.05
CA LEU D 52 39.05 -18.45 18.64
C LEU D 52 39.37 -17.44 19.73
N GLU D 53 40.09 -17.85 20.78
CA GLU D 53 40.54 -16.92 21.83
C GLU D 53 40.01 -15.49 21.80
N ASP D 54 40.48 -14.67 20.87
CA ASP D 54 40.07 -13.24 20.80
C ASP D 54 38.59 -13.09 21.12
N VAL D 55 37.74 -13.65 20.26
CA VAL D 55 36.29 -13.77 20.51
C VAL D 55 35.97 -14.26 21.91
N LYS D 56 36.66 -15.33 22.32
CA LYS D 56 36.36 -16.02 23.57
C LYS D 56 36.61 -15.14 24.79
N GLU D 57 37.81 -14.60 24.92
CA GLU D 57 38.15 -13.76 26.07
C GLU D 57 37.23 -12.55 26.20
N ALA D 58 36.77 -12.03 25.06
CA ALA D 58 35.80 -10.92 25.03
C ALA D 58 34.40 -11.37 25.49
N LEU D 59 34.11 -12.66 25.37
CA LEU D 59 32.86 -13.21 25.90
C LEU D 59 32.98 -13.42 27.38
N LYS D 60 34.12 -13.97 27.80
CA LYS D 60 34.39 -14.15 29.20
C LYS D 60 34.20 -12.79 29.88
N GLU D 61 35.04 -11.85 29.49
CA GLU D 61 34.97 -10.45 29.91
C GLU D 61 33.55 -9.96 30.21
N ALA D 62 32.64 -10.23 29.28
CA ALA D 62 31.27 -9.74 29.35
C ALA D 62 30.42 -10.41 30.41
N VAL D 63 30.61 -11.71 30.61
CA VAL D 63 29.60 -12.54 31.27
C VAL D 63 30.16 -13.44 32.36
N VAL D 64 31.30 -14.10 32.13
CA VAL D 64 31.84 -15.02 33.13
C VAL D 64 32.43 -14.30 34.35
N TYR D 65 32.96 -13.10 34.17
CA TYR D 65 33.56 -12.36 35.27
C TYR D 65 32.50 -11.83 36.25
N PRO D 66 31.61 -10.93 35.79
CA PRO D 66 30.53 -10.48 36.65
C PRO D 66 29.73 -11.59 37.34
N SER D 67 29.71 -12.77 36.74
CA SER D 67 29.13 -13.91 37.40
C SER D 67 30.01 -14.32 38.57
N LYS D 68 31.30 -14.54 38.30
CA LYS D 68 32.26 -14.95 39.34
C LYS D 68 32.55 -13.91 40.42
N ARG D 69 32.42 -12.64 40.06
CA ARG D 69 32.81 -11.58 40.99
C ARG D 69 32.17 -10.21 40.66
N PRO D 70 30.86 -10.05 41.00
CA PRO D 70 30.12 -8.84 40.68
C PRO D 70 30.62 -7.60 41.43
N ASP D 71 30.92 -7.75 42.71
CA ASP D 71 31.44 -6.67 43.53
C ASP D 71 32.55 -5.87 42.83
N LEU D 72 33.30 -6.52 41.95
CA LEU D 72 34.36 -5.84 41.21
C LEU D 72 33.88 -4.87 40.14
N PHE D 73 32.60 -4.87 39.84
CA PHE D 73 32.04 -3.99 38.83
C PHE D 73 31.03 -3.03 39.45
N PRO D 74 31.49 -1.85 39.91
CA PRO D 74 30.62 -0.93 40.63
C PRO D 74 29.73 -0.15 39.69
N LEU D 75 30.22 0.15 38.50
CA LEU D 75 29.39 0.77 37.46
C LEU D 75 28.56 -0.27 36.72
N GLY D 76 28.43 -1.46 37.30
CA GLY D 76 27.62 -2.51 36.72
C GLY D 76 28.30 -3.11 35.51
N TRP D 77 27.50 -3.84 34.73
CA TRP D 77 27.96 -4.56 33.55
C TRP D 77 26.75 -4.93 32.73
N PRO D 78 26.90 -4.94 31.40
CA PRO D 78 25.76 -5.04 30.53
C PRO D 78 25.31 -6.48 30.41
N ARG D 79 23.99 -6.68 30.41
CA ARG D 79 23.37 -8.01 30.30
C ARG D 79 23.03 -8.41 28.86
N GLY D 80 23.05 -7.43 27.96
CA GLY D 80 22.75 -7.66 26.55
C GLY D 80 24.01 -7.77 25.75
N ILE D 81 24.13 -8.86 25.00
CA ILE D 81 25.37 -9.18 24.34
C ILE D 81 25.10 -9.75 22.92
N LEU D 82 25.76 -9.19 21.91
CA LEU D 82 25.42 -9.42 20.50
C LEU D 82 26.53 -10.12 19.71
N LEU D 83 26.17 -11.23 19.08
CA LEU D 83 27.10 -11.99 18.26
C LEU D 83 26.78 -11.72 16.80
N TYR D 84 27.63 -10.95 16.13
CA TYR D 84 27.37 -10.51 14.75
C TYR D 84 28.52 -10.84 13.82
N GLY D 85 28.19 -11.44 12.69
CA GLY D 85 29.20 -11.80 11.71
C GLY D 85 28.63 -12.62 10.59
N PRO D 86 29.49 -13.04 9.67
CA PRO D 86 29.01 -13.89 8.60
C PRO D 86 28.43 -15.17 9.16
N PRO D 87 27.53 -15.81 8.40
CA PRO D 87 26.79 -16.95 8.88
C PRO D 87 27.58 -18.22 8.77
N GLY D 88 27.21 -19.21 9.58
CA GLY D 88 27.85 -20.51 9.54
C GLY D 88 28.88 -20.68 10.61
N CYS D 89 29.51 -19.58 11.04
CA CYS D 89 30.47 -19.62 12.13
C CYS D 89 29.88 -20.12 13.44
N GLY D 90 28.61 -20.52 13.42
CA GLY D 90 28.02 -21.33 14.48
C GLY D 90 27.94 -20.54 15.77
N LYS D 91 27.40 -19.34 15.67
CA LYS D 91 27.17 -18.49 16.82
C LYS D 91 26.39 -19.20 17.90
N THR D 92 25.58 -20.16 17.50
CA THR D 92 24.72 -20.87 18.40
C THR D 92 25.51 -21.78 19.33
N MET D 93 26.57 -22.40 18.80
CA MET D 93 27.42 -23.30 19.56
C MET D 93 28.32 -22.57 20.55
N ILE D 94 28.75 -21.38 20.15
CA ILE D 94 29.55 -20.53 21.03
C ILE D 94 28.76 -20.13 22.28
N ALA D 95 27.54 -19.66 22.08
CA ALA D 95 26.70 -19.23 23.19
C ALA D 95 26.33 -20.39 24.12
N ALA D 96 26.18 -21.58 23.56
CA ALA D 96 25.99 -22.77 24.37
C ALA D 96 27.21 -22.99 25.28
N ALA D 97 28.40 -22.72 24.74
CA ALA D 97 29.65 -22.89 25.47
C ALA D 97 29.71 -22.07 26.76
N VAL D 98 29.10 -20.89 26.78
CA VAL D 98 29.21 -20.00 27.92
C VAL D 98 28.25 -20.48 29.00
N ALA D 99 27.09 -20.98 28.60
CA ALA D 99 26.14 -21.53 29.56
C ALA D 99 26.80 -22.68 30.29
N ASN D 100 27.44 -23.56 29.53
CA ASN D 100 28.07 -24.72 30.12
C ASN D 100 29.33 -24.37 30.89
N GLU D 101 29.94 -23.23 30.57
CA GLU D 101 31.03 -22.69 31.39
C GLU D 101 30.52 -22.31 32.78
N LEU D 102 29.25 -21.92 32.87
CA LEU D 102 28.66 -21.46 34.12
C LEU D 102 27.63 -22.44 34.70
N ASP D 103 27.70 -23.72 34.29
CA ASP D 103 26.72 -24.74 34.72
C ASP D 103 25.33 -24.13 34.69
N SER D 104 25.07 -23.43 33.59
CA SER D 104 23.96 -22.50 33.49
C SER D 104 22.92 -22.98 32.47
N GLU D 105 21.69 -22.52 32.64
CA GLU D 105 20.58 -22.89 31.77
C GLU D 105 20.67 -22.08 30.49
N PHE D 106 20.22 -22.68 29.39
CA PHE D 106 20.42 -22.12 28.06
C PHE D 106 19.10 -22.07 27.32
N ILE D 107 18.33 -21.01 27.56
CA ILE D 107 16.98 -20.89 26.99
C ILE D 107 17.06 -20.41 25.54
N HIS D 108 17.01 -21.39 24.63
CA HIS D 108 17.20 -21.13 23.21
C HIS D 108 15.87 -20.82 22.52
N VAL D 109 15.84 -19.76 21.72
CA VAL D 109 14.64 -19.39 20.97
C VAL D 109 14.97 -18.75 19.62
N ASP D 110 14.29 -19.20 18.57
CA ASP D 110 14.51 -18.63 17.25
C ASP D 110 13.48 -17.55 17.05
N ALA D 111 13.95 -16.38 16.69
CA ALA D 111 13.09 -15.21 16.53
C ALA D 111 12.07 -15.37 15.40
N ALA D 112 12.40 -16.23 14.45
CA ALA D 112 11.45 -16.59 13.41
C ALA D 112 10.16 -17.07 14.09
N SER D 113 10.26 -18.15 14.85
CA SER D 113 9.08 -18.79 15.46
C SER D 113 8.27 -17.82 16.32
N ILE D 114 8.95 -17.09 17.19
CA ILE D 114 8.29 -16.14 18.10
C ILE D 114 7.50 -15.03 17.37
N MET D 115 7.85 -14.77 16.11
CA MET D 115 7.07 -13.84 15.27
C MET D 115 5.88 -14.50 14.58
N SER D 116 6.15 -15.44 13.69
CA SER D 116 5.10 -16.13 12.96
C SER D 116 4.26 -16.87 13.99
N LYS D 117 4.88 -17.87 14.61
CA LYS D 117 4.22 -18.86 15.46
C LYS D 117 3.71 -18.26 16.76
N TRP D 118 2.55 -17.62 16.61
CA TRP D 118 1.44 -17.66 17.57
C TRP D 118 0.19 -16.99 17.00
N LEU D 119 0.18 -15.65 16.98
CA LEU D 119 -0.99 -14.87 16.54
C LEU D 119 -0.70 -13.37 16.75
N GLY D 120 -1.68 -12.62 17.24
CA GLY D 120 -1.43 -11.30 17.80
C GLY D 120 -0.69 -11.39 19.12
N GLU D 121 -1.14 -12.30 20.00
CA GLU D 121 -0.53 -12.52 21.32
C GLU D 121 0.63 -13.52 21.33
N ALA D 122 1.60 -13.25 20.47
CA ALA D 122 2.97 -13.73 20.63
C ALA D 122 3.68 -12.91 21.73
N GLU D 123 2.97 -12.00 22.38
CA GLU D 123 3.44 -11.34 23.59
C GLU D 123 3.49 -12.31 24.75
N LYS D 124 2.52 -13.24 24.79
CA LYS D 124 2.41 -14.20 25.85
C LYS D 124 3.71 -15.00 26.01
N ASN D 125 4.30 -15.40 24.88
CA ASN D 125 5.53 -16.20 24.89
C ASN D 125 6.79 -15.39 25.25
N VAL D 126 6.90 -14.17 24.72
CA VAL D 126 8.09 -13.34 24.94
C VAL D 126 8.28 -12.98 26.42
N ALA D 127 7.19 -12.80 27.15
CA ALA D 127 7.26 -12.52 28.59
C ALA D 127 7.60 -13.79 29.33
N LYS D 128 7.09 -14.93 28.86
CA LYS D 128 7.32 -16.24 29.48
C LYS D 128 8.79 -16.66 29.40
N ILE D 129 9.41 -16.36 28.27
CA ILE D 129 10.82 -16.71 28.06
C ILE D 129 11.72 -16.06 29.10
N PHE D 130 11.45 -14.81 29.40
CA PHE D 130 12.16 -14.13 30.46
C PHE D 130 11.72 -14.66 31.83
N LYS D 131 10.41 -14.58 32.11
CA LYS D 131 9.77 -15.26 33.27
C LYS D 131 10.56 -16.47 33.74
N THR D 132 10.63 -17.48 32.88
CA THR D 132 11.19 -18.76 33.26
C THR D 132 12.69 -18.68 33.51
N ALA D 133 13.39 -17.84 32.76
CA ALA D 133 14.84 -17.65 32.93
C ALA D 133 15.20 -17.00 34.27
N ARG D 134 14.39 -16.04 34.71
CA ARG D 134 14.59 -15.43 36.02
C ARG D 134 14.30 -16.47 37.08
N GLU D 135 13.13 -17.09 36.95
CA GLU D 135 12.67 -18.13 37.86
C GLU D 135 13.69 -19.25 38.01
N LEU D 136 14.20 -19.70 36.88
CA LEU D 136 15.21 -20.74 36.83
C LEU D 136 16.60 -20.27 37.31
N SER D 137 16.79 -18.95 37.36
CA SER D 137 17.85 -18.36 38.18
C SER D 137 17.29 -18.25 39.61
N LYS D 138 17.36 -19.37 40.32
CA LYS D 138 16.74 -19.49 41.64
C LYS D 138 17.57 -18.74 42.67
N LYS D 139 17.28 -18.96 43.94
CA LYS D 139 18.22 -18.58 45.00
C LYS D 139 19.62 -19.08 44.65
N GLU D 140 19.68 -20.33 44.17
CA GLU D 140 20.86 -20.81 43.47
C GLU D 140 21.25 -19.78 42.43
N ASN D 141 22.24 -18.96 42.76
CA ASN D 141 22.73 -17.94 41.86
C ASN D 141 23.47 -18.60 40.69
N LYS D 142 22.68 -19.30 39.87
CA LYS D 142 23.15 -19.89 38.63
C LYS D 142 22.55 -18.91 37.61
N PRO D 143 23.42 -18.19 36.86
CA PRO D 143 22.88 -17.22 35.94
C PRO D 143 22.33 -17.92 34.71
N ALA D 144 21.13 -17.55 34.28
CA ALA D 144 20.51 -18.13 33.09
C ALA D 144 20.82 -17.29 31.84
N ILE D 145 20.96 -17.96 30.70
CA ILE D 145 21.29 -17.29 29.44
C ILE D 145 20.24 -17.51 28.38
N ILE D 146 19.61 -16.43 27.97
CA ILE D 146 18.65 -16.45 26.87
C ILE D 146 19.42 -16.28 25.57
N PHE D 147 19.22 -17.17 24.62
CA PHE D 147 19.89 -17.05 23.35
C PHE D 147 18.89 -16.87 22.23
N ILE D 148 19.11 -15.82 21.43
CA ILE D 148 18.19 -15.48 20.36
C ILE D 148 18.85 -15.63 19.00
N ASP D 149 18.41 -16.65 18.28
CA ASP D 149 18.88 -16.89 16.94
C ASP D 149 18.15 -15.92 16.02
N GLU D 150 18.85 -15.44 14.99
CA GLU D 150 18.27 -14.52 14.00
C GLU D 150 17.59 -13.33 14.68
N LEU D 151 18.35 -12.58 15.46
CA LEU D 151 17.79 -11.40 16.15
C LEU D 151 17.10 -10.40 15.17
N ASP D 152 17.66 -10.28 13.96
CA ASP D 152 17.05 -9.56 12.83
C ASP D 152 15.53 -9.74 12.71
N ALA D 153 15.07 -10.93 13.05
CA ALA D 153 13.69 -11.35 12.78
C ALA D 153 12.63 -10.75 13.71
N LEU D 154 13.07 -10.07 14.76
CA LEU D 154 12.14 -9.36 15.62
C LEU D 154 11.71 -8.02 15.03
N LEU D 155 12.39 -7.60 13.97
CA LEU D 155 12.09 -6.33 13.33
C LEU D 155 11.21 -6.47 12.07
N ALA D 156 10.78 -7.68 11.73
CA ALA D 156 9.85 -7.85 10.61
C ALA D 156 9.00 -9.10 10.83
N SER D 157 8.34 -9.58 9.77
CA SER D 157 7.62 -10.88 9.71
C SER D 157 6.22 -10.86 10.34
N TYR D 158 5.40 -9.91 9.91
CA TYR D 158 4.13 -9.59 10.55
C TYR D 158 3.03 -9.97 9.58
N THR D 159 3.32 -9.74 8.30
CA THR D 159 2.62 -10.30 7.15
C THR D 159 1.34 -9.53 6.85
N SER D 160 0.41 -9.55 7.81
CA SER D 160 -0.93 -8.96 7.70
C SER D 160 -1.26 -8.08 8.93
N GLU D 161 -1.85 -8.62 9.99
CA GLU D 161 -2.40 -7.76 11.05
C GLU D 161 -1.45 -6.62 11.41
N VAL D 162 -1.83 -5.42 10.97
CA VAL D 162 -1.21 -4.16 11.38
C VAL D 162 0.35 -4.12 11.33
N GLY D 163 1.09 -3.89 12.43
CA GLY D 163 2.54 -3.69 12.34
C GLY D 163 3.39 -4.92 12.53
N GLY D 164 2.98 -5.83 13.43
CA GLY D 164 3.95 -6.82 14.00
C GLY D 164 5.08 -6.07 14.76
N GLU D 165 5.19 -4.77 14.49
CA GLU D 165 6.16 -3.92 15.16
C GLU D 165 5.62 -3.52 16.53
N ALA D 166 6.48 -2.86 17.30
CA ALA D 166 6.12 -2.33 18.61
C ALA D 166 5.53 -3.39 19.54
N ARG D 167 4.24 -3.69 19.38
CA ARG D 167 3.54 -4.56 20.33
C ARG D 167 4.46 -5.62 20.95
N VAL D 168 4.95 -6.53 20.11
CA VAL D 168 5.85 -7.60 20.57
C VAL D 168 7.27 -7.11 20.71
N ARG D 169 7.67 -6.13 19.93
CA ARG D 169 9.06 -5.72 19.94
C ARG D 169 9.42 -4.86 21.18
N ASN D 170 8.57 -3.90 21.53
CA ASN D 170 8.83 -3.03 22.68
C ASN D 170 8.67 -3.80 23.99
N GLN D 171 7.72 -4.73 24.02
CA GLN D 171 7.54 -5.67 25.14
C GLN D 171 8.85 -6.39 25.45
N PHE D 172 9.56 -6.76 24.39
CA PHE D 172 10.85 -7.44 24.47
C PHE D 172 11.99 -6.49 24.79
N LEU D 173 11.96 -5.33 24.15
CA LEU D 173 12.94 -4.28 24.41
C LEU D 173 12.85 -3.84 25.87
N LYS D 174 11.62 -3.70 26.38
CA LYS D 174 11.35 -3.37 27.82
C LYS D 174 12.00 -4.40 28.73
N GLU D 175 11.80 -5.68 28.41
CA GLU D 175 12.31 -6.77 29.25
C GLU D 175 13.81 -6.60 29.54
N MET D 176 14.57 -6.13 28.56
CA MET D 176 16.02 -5.95 28.72
C MET D 176 16.42 -4.74 29.57
N ASP D 177 15.60 -3.69 29.53
CA ASP D 177 15.80 -2.58 30.44
C ASP D 177 15.60 -3.12 31.87
N GLY D 178 14.67 -4.07 32.00
CA GLY D 178 14.41 -4.74 33.27
C GLY D 178 15.56 -5.55 33.84
N LEU D 179 16.36 -6.19 32.99
CA LEU D 179 17.47 -7.02 33.46
C LEU D 179 18.46 -6.19 34.25
N ALA D 180 18.62 -4.94 33.85
CA ALA D 180 19.54 -4.00 34.50
C ALA D 180 19.72 -4.22 36.01
N ASP D 181 18.80 -3.73 36.82
CA ASP D 181 19.02 -3.73 38.27
C ASP D 181 17.72 -3.50 39.07
N LYS D 182 16.59 -4.02 38.60
CA LYS D 182 15.35 -3.85 39.38
C LYS D 182 15.52 -4.66 40.66
N ASN D 183 15.20 -4.05 41.79
CA ASN D 183 15.43 -4.64 43.12
C ASN D 183 16.45 -5.81 43.14
N GLU D 184 17.66 -5.52 42.69
CA GLU D 184 18.73 -6.50 42.47
C GLU D 184 18.33 -7.71 41.58
N ILE D 185 17.74 -8.76 42.18
CA ILE D 185 17.52 -10.09 41.53
C ILE D 185 18.71 -10.55 40.65
N SER D 186 19.00 -9.80 39.57
CA SER D 186 20.25 -9.94 38.77
C SER D 186 20.29 -11.23 37.94
N LYS D 187 21.48 -11.58 37.46
CA LYS D 187 21.80 -12.94 37.01
C LYS D 187 21.57 -13.25 35.52
N VAL D 188 20.39 -12.92 35.00
CA VAL D 188 19.97 -13.36 33.64
C VAL D 188 20.59 -12.53 32.52
N TYR D 189 21.05 -13.21 31.47
CA TYR D 189 21.66 -12.54 30.31
C TYR D 189 20.88 -12.81 29.02
N VAL D 190 21.16 -12.01 28.00
CA VAL D 190 20.60 -12.21 26.66
C VAL D 190 21.69 -12.16 25.61
N ILE D 191 21.96 -13.31 25.01
CA ILE D 191 22.86 -13.37 23.86
C ILE D 191 22.05 -13.42 22.58
N GLY D 192 22.12 -12.33 21.81
CA GLY D 192 21.46 -12.23 20.52
C GLY D 192 22.42 -12.54 19.39
N ALA D 193 21.95 -13.30 18.41
CA ALA D 193 22.76 -13.71 17.28
C ALA D 193 22.15 -13.25 15.98
N THR D 194 23.02 -12.78 15.10
CA THR D 194 22.60 -12.21 13.82
C THR D 194 23.69 -12.27 12.76
N ASN D 195 23.26 -12.53 11.53
CA ASN D 195 24.14 -12.46 10.38
C ASN D 195 23.88 -11.19 9.61
N LYS D 196 22.87 -10.45 10.03
CA LYS D 196 22.44 -9.27 9.32
C LYS D 196 22.17 -8.14 10.32
N PRO D 197 23.24 -7.56 10.90
CA PRO D 197 23.12 -6.42 11.82
C PRO D 197 22.72 -5.10 11.14
N TRP D 198 22.65 -5.10 9.82
CA TRP D 198 22.04 -4.00 9.10
C TRP D 198 20.62 -3.83 9.58
N ARG D 199 19.83 -4.91 9.51
CA ARG D 199 18.45 -4.94 10.04
C ARG D 199 18.31 -4.29 11.42
N LEU D 200 19.30 -4.55 12.27
CA LEU D 200 19.28 -4.05 13.63
C LEU D 200 19.20 -2.52 13.72
N ASP D 201 18.33 -2.11 14.61
CA ASP D 201 17.71 -0.80 14.66
C ASP D 201 18.23 -0.04 15.89
N GLU D 202 18.49 1.25 15.74
CA GLU D 202 19.32 1.99 16.71
C GLU D 202 18.82 2.05 18.16
N PRO D 203 17.51 1.88 18.39
CA PRO D 203 16.99 1.53 19.73
C PRO D 203 17.32 0.09 20.16
N PHE D 204 16.86 -0.90 19.41
CA PHE D 204 17.28 -2.30 19.64
C PHE D 204 18.75 -2.40 20.00
N LEU D 205 19.56 -1.79 19.15
CA LEU D 205 21.01 -1.83 19.26
C LEU D 205 21.53 -1.46 20.63
N ARG D 206 20.91 -0.46 21.25
CA ARG D 206 21.40 0.06 22.51
C ARG D 206 20.91 -0.72 23.74
N ARG D 207 20.19 -1.82 23.56
CA ARG D 207 19.98 -2.73 24.68
C ARG D 207 20.89 -3.95 24.57
N PHE D 208 21.89 -3.81 23.70
CA PHE D 208 22.99 -4.74 23.56
C PHE D 208 24.24 -3.90 23.55
N GLN D 209 24.82 -3.68 24.73
CA GLN D 209 25.97 -2.80 24.82
C GLN D 209 27.26 -3.58 24.51
N LYS D 210 27.23 -4.90 24.62
CA LYS D 210 28.40 -5.72 24.36
C LYS D 210 28.25 -6.39 23.01
N ARG D 211 29.11 -6.04 22.05
CA ARG D 211 29.01 -6.58 20.70
C ARG D 211 30.30 -7.20 20.22
N ILE D 212 30.25 -8.50 19.96
CA ILE D 212 31.41 -9.28 19.57
C ILE D 212 31.28 -9.80 18.16
N TYR D 213 32.15 -9.31 17.29
CA TYR D 213 32.23 -9.74 15.89
C TYR D 213 32.76 -11.17 15.87
N ILE D 214 31.92 -12.14 15.54
CA ILE D 214 32.42 -13.48 15.34
C ILE D 214 32.96 -13.53 13.93
N THR D 215 34.28 -13.46 13.85
CA THR D 215 34.97 -13.34 12.59
C THR D 215 35.11 -14.68 11.89
N LEU D 216 35.26 -14.60 10.57
CA LEU D 216 35.55 -15.75 9.73
C LEU D 216 36.82 -16.43 10.26
N PRO D 217 36.78 -17.77 10.48
CA PRO D 217 37.77 -18.46 11.32
C PRO D 217 39.18 -18.52 10.72
N ASP D 218 40.20 -18.32 11.55
CA ASP D 218 41.60 -18.26 11.09
C ASP D 218 42.14 -19.67 10.81
N LYS D 219 43.36 -19.74 10.28
CA LYS D 219 43.94 -21.01 9.83
C LYS D 219 44.02 -22.04 10.95
N ALA D 220 44.44 -21.60 12.13
CA ALA D 220 44.54 -22.46 13.31
C ALA D 220 43.17 -22.95 13.76
N HIS D 221 42.17 -22.08 13.65
CA HIS D 221 40.80 -22.47 13.98
C HIS D 221 40.38 -23.62 13.06
N ARG D 222 40.51 -23.41 11.75
CA ARG D 222 40.06 -24.37 10.73
C ARG D 222 40.61 -25.76 10.98
N LEU D 223 41.92 -25.85 11.21
CA LEU D 223 42.57 -27.12 11.47
C LEU D 223 41.80 -27.99 12.45
N GLU D 224 41.46 -27.44 13.61
CA GLU D 224 40.75 -28.17 14.65
C GLU D 224 39.30 -28.49 14.24
N LEU D 225 38.76 -27.71 13.31
CA LEU D 225 37.50 -28.06 12.66
C LEU D 225 37.68 -29.26 11.73
N LEU D 226 38.60 -29.13 10.77
CA LEU D 226 38.93 -30.20 9.83
C LEU D 226 39.19 -31.53 10.56
N LYS D 227 39.85 -31.44 11.73
CA LYS D 227 39.96 -32.57 12.65
C LYS D 227 38.60 -33.04 13.17
N HIS D 228 37.83 -32.11 13.72
CA HIS D 228 36.53 -32.44 14.31
C HIS D 228 35.51 -32.95 13.31
N TYR D 229 35.63 -32.54 12.05
CA TYR D 229 34.72 -33.02 11.00
C TYR D 229 35.27 -34.22 10.23
N SER D 230 36.57 -34.47 10.34
CA SER D 230 37.12 -35.77 9.99
C SER D 230 36.70 -36.84 11.01
N SER D 231 36.66 -36.46 12.29
CA SER D 231 36.14 -37.31 13.40
C SER D 231 35.95 -38.79 13.09
N LYS D 232 34.89 -39.13 12.34
CA LYS D 232 34.69 -40.51 11.84
C LYS D 232 34.28 -40.51 10.36
N VAL D 233 35.25 -40.20 9.51
CA VAL D 233 35.28 -40.64 8.12
C VAL D 233 36.70 -41.16 7.87
N LYS D 234 36.83 -42.46 7.59
CA LYS D 234 38.15 -43.09 7.42
C LYS D 234 38.95 -42.27 6.44
N LEU D 235 40.05 -41.67 6.90
CA LEU D 235 40.66 -40.55 6.18
C LEU D 235 41.78 -40.89 5.18
N ASP D 236 42.53 -41.98 5.38
CA ASP D 236 43.66 -42.33 4.50
C ASP D 236 44.82 -41.33 4.70
N PRO D 237 46.03 -41.83 5.00
CA PRO D 237 47.16 -40.89 4.96
C PRO D 237 47.35 -40.24 3.58
N ASN D 238 48.33 -39.36 3.45
CA ASN D 238 48.50 -38.50 2.25
C ASN D 238 47.63 -37.25 2.27
N VAL D 239 46.80 -37.12 3.30
CA VAL D 239 45.75 -36.08 3.36
C VAL D 239 46.26 -34.80 4.01
N ASN D 240 47.06 -34.92 5.06
CA ASN D 240 47.71 -33.77 5.74
C ASN D 240 46.79 -32.55 5.85
N LEU D 241 46.01 -32.55 6.91
CA LEU D 241 44.97 -31.55 7.17
C LEU D 241 45.55 -30.14 7.17
N GLU D 242 46.75 -29.98 7.72
CA GLU D 242 47.40 -28.67 7.78
C GLU D 242 47.37 -27.89 6.47
N GLU D 243 47.68 -28.56 5.35
CA GLU D 243 47.76 -27.84 4.07
C GLU D 243 46.36 -27.57 3.50
N LEU D 244 45.36 -28.32 3.98
CA LEU D 244 43.96 -28.00 3.71
C LEU D 244 43.56 -26.72 4.46
N ALA D 245 43.72 -26.72 5.78
CA ALA D 245 43.42 -25.53 6.58
C ALA D 245 43.85 -24.26 5.84
N GLU D 246 45.06 -24.26 5.29
CA GLU D 246 45.60 -23.09 4.58
C GLU D 246 45.06 -22.96 3.16
N LEU D 247 44.67 -24.08 2.54
CA LEU D 247 43.94 -24.05 1.27
C LEU D 247 42.53 -23.47 1.43
N THR D 248 41.93 -23.70 2.59
CA THR D 248 40.58 -23.17 2.89
C THR D 248 40.58 -21.80 3.55
N ASP D 249 41.32 -20.87 2.97
CA ASP D 249 41.34 -19.51 3.46
C ASP D 249 40.10 -18.81 2.92
N GLY D 250 39.27 -18.30 3.82
CA GLY D 250 38.10 -17.51 3.43
C GLY D 250 36.78 -18.24 3.53
N TYR D 251 36.81 -19.51 3.93
CA TYR D 251 35.58 -20.30 4.11
C TYR D 251 35.08 -20.18 5.53
N THR D 252 33.76 -20.13 5.69
CA THR D 252 33.18 -20.18 7.03
C THR D 252 33.26 -21.61 7.59
N ALA D 253 33.10 -21.74 8.89
CA ALA D 253 33.11 -23.04 9.54
C ALA D 253 31.98 -23.93 9.03
N SER D 254 30.87 -23.32 8.63
CA SER D 254 29.76 -24.08 8.05
C SER D 254 30.20 -24.81 6.80
N ASP D 255 30.77 -24.08 5.85
CA ASP D 255 31.15 -24.66 4.57
C ASP D 255 32.54 -25.34 4.64
N ILE D 256 32.91 -25.80 5.83
CA ILE D 256 33.99 -26.76 6.01
C ILE D 256 33.32 -28.11 6.14
N ARG D 257 32.40 -28.23 7.10
CA ARG D 257 31.56 -29.43 7.25
C ARG D 257 31.04 -29.85 5.87
N ASP D 258 30.64 -28.89 5.06
CA ASP D 258 30.18 -29.19 3.71
C ASP D 258 31.30 -29.80 2.88
N ILE D 259 32.47 -29.16 2.88
CA ILE D 259 33.58 -29.61 2.03
C ILE D 259 34.00 -31.07 2.34
N VAL D 260 34.13 -31.43 3.61
CA VAL D 260 34.45 -32.81 4.03
C VAL D 260 33.26 -33.76 3.74
N GLN D 261 32.04 -33.34 4.06
CA GLN D 261 30.87 -34.19 3.81
C GLN D 261 30.76 -34.53 2.34
N SER D 262 30.96 -33.52 1.49
CA SER D 262 30.95 -33.66 0.05
C SER D 262 32.18 -34.40 -0.53
N ALA D 263 33.31 -34.33 0.16
CA ALA D 263 34.46 -35.16 -0.18
C ALA D 263 34.20 -36.62 0.16
N HIS D 264 33.70 -36.88 1.37
CA HIS D 264 33.30 -38.22 1.78
C HIS D 264 32.19 -38.75 0.86
N MET D 265 31.27 -37.88 0.44
CA MET D 265 30.20 -38.29 -0.48
C MET D 265 30.80 -38.76 -1.81
N ARG D 266 31.89 -38.12 -2.21
CA ARG D 266 32.66 -38.55 -3.39
C ARG D 266 32.97 -40.06 -3.34
N VAL D 267 33.51 -40.50 -2.19
CA VAL D 267 33.88 -41.91 -1.96
C VAL D 267 32.68 -42.87 -1.86
N VAL D 268 31.55 -42.41 -1.32
CA VAL D 268 30.34 -43.23 -1.23
C VAL D 268 29.72 -43.40 -2.61
N LYS D 269 29.77 -42.35 -3.42
CA LYS D 269 29.30 -42.47 -4.80
C LYS D 269 30.04 -43.58 -5.50
N GLU D 270 31.36 -43.66 -5.31
CA GLU D 270 32.08 -44.76 -5.89
C GLU D 270 31.51 -46.10 -5.38
N MET D 271 31.54 -46.38 -4.07
CA MET D 271 31.06 -47.70 -3.58
C MET D 271 29.75 -48.16 -4.24
N PHE D 272 28.79 -47.26 -4.42
CA PHE D 272 27.51 -47.63 -5.01
C PHE D 272 27.70 -47.96 -6.50
N GLU D 273 26.95 -48.94 -7.01
CA GLU D 273 27.14 -49.62 -8.30
C GLU D 273 28.45 -50.36 -8.62
N LYS D 274 29.52 -50.10 -7.87
CA LYS D 274 30.61 -51.05 -7.79
C LYS D 274 30.23 -52.11 -6.77
N ASN D 275 29.57 -51.64 -5.71
CA ASN D 275 29.10 -52.37 -4.56
C ASN D 275 30.23 -52.34 -3.58
N LEU D 276 30.07 -53.04 -2.48
CA LEU D 276 31.04 -52.94 -1.38
C LEU D 276 30.26 -52.34 -0.20
N GLN D 277 30.65 -52.75 1.01
CA GLN D 277 30.08 -52.20 2.26
C GLN D 277 30.94 -51.10 2.94
N GLU D 278 32.27 -51.19 2.92
CA GLU D 278 33.01 -50.01 3.33
C GLU D 278 33.07 -49.25 2.04
N PRO D 279 33.31 -47.94 2.13
CA PRO D 279 33.49 -47.14 0.95
C PRO D 279 34.95 -47.20 0.54
N ARG D 280 35.34 -46.38 -0.43
CA ARG D 280 36.76 -46.23 -0.73
C ARG D 280 37.42 -45.42 0.38
N ALA D 281 38.73 -45.57 0.56
CA ALA D 281 39.45 -44.72 1.51
C ALA D 281 39.55 -43.31 0.94
N ILE D 282 39.23 -42.31 1.76
CA ILE D 282 39.01 -40.96 1.23
C ILE D 282 40.35 -40.27 1.00
N ASN D 283 40.51 -39.77 -0.20
CA ASN D 283 41.79 -39.48 -0.73
C ASN D 283 42.01 -37.99 -0.56
N MET D 284 43.22 -37.51 -0.80
CA MET D 284 43.51 -36.05 -0.84
C MET D 284 43.01 -35.37 -2.11
N ASP D 285 43.17 -36.00 -3.26
CA ASP D 285 42.61 -35.44 -4.50
C ASP D 285 41.10 -35.37 -4.50
N ASP D 286 40.47 -35.98 -3.50
CA ASP D 286 39.04 -35.80 -3.28
C ASP D 286 38.83 -34.36 -2.90
N PHE D 287 39.52 -33.95 -1.85
CA PHE D 287 39.48 -32.57 -1.39
C PHE D 287 39.86 -31.62 -2.51
N ARG D 288 40.85 -31.99 -3.31
CA ARG D 288 41.28 -31.10 -4.39
C ARG D 288 40.16 -30.83 -5.39
N GLU D 289 39.49 -31.87 -5.88
CA GLU D 289 38.43 -31.68 -6.88
C GLU D 289 37.17 -31.04 -6.31
N VAL D 290 36.85 -31.38 -5.07
CA VAL D 290 35.72 -30.79 -4.35
C VAL D 290 36.00 -29.31 -4.05
N LEU D 291 37.27 -28.98 -3.84
CA LEU D 291 37.71 -27.62 -3.57
C LEU D 291 37.81 -26.70 -4.80
N LYS D 292 37.79 -27.27 -6.01
CA LYS D 292 37.71 -26.42 -7.20
C LYS D 292 36.29 -25.85 -7.28
N VAL D 293 35.30 -26.75 -7.25
CA VAL D 293 33.87 -26.43 -7.41
C VAL D 293 33.30 -25.63 -6.22
N ARG D 294 33.54 -26.06 -4.97
CA ARG D 294 32.99 -25.35 -3.82
C ARG D 294 33.85 -24.16 -3.40
N LYS D 295 33.21 -22.98 -3.37
CA LYS D 295 33.86 -21.72 -3.07
C LYS D 295 33.38 -21.25 -1.70
N PRO D 296 33.96 -20.15 -1.17
CA PRO D 296 33.48 -19.65 0.12
C PRO D 296 32.02 -19.18 0.02
N SER D 297 31.23 -19.46 1.05
CA SER D 297 29.82 -19.10 1.01
C SER D 297 29.61 -17.62 1.28
N VAL D 298 30.63 -16.98 1.84
CA VAL D 298 30.56 -15.55 2.17
C VAL D 298 31.21 -14.67 1.13
N ASN D 299 30.34 -13.99 0.38
CA ASN D 299 30.70 -13.16 -0.76
C ASN D 299 31.57 -11.98 -0.33
N GLN D 300 32.58 -11.69 -1.17
CA GLN D 300 33.55 -10.62 -0.91
C GLN D 300 32.92 -9.25 -0.59
N ASP D 301 31.69 -9.01 -1.04
CA ASP D 301 31.00 -7.73 -0.79
C ASP D 301 30.31 -7.78 0.59
N MET D 302 29.77 -8.95 0.97
CA MET D 302 29.24 -9.10 2.33
C MET D 302 30.39 -8.86 3.30
N LEU D 303 31.59 -9.34 2.94
CA LEU D 303 32.79 -9.13 3.75
C LEU D 303 33.12 -7.67 3.99
N LYS D 304 32.95 -6.85 2.97
CA LYS D 304 33.16 -5.40 3.10
C LYS D 304 31.99 -4.71 3.82
N ALA D 305 30.78 -5.25 3.67
CA ALA D 305 29.60 -4.72 4.35
C ALA D 305 29.64 -4.96 5.87
N TYR D 306 30.03 -6.16 6.29
CA TYR D 306 30.27 -6.43 7.71
C TYR D 306 31.33 -5.49 8.23
N ALA D 307 32.51 -5.53 7.60
CA ALA D 307 33.65 -4.72 7.98
C ALA D 307 33.29 -3.23 8.17
N ALA D 308 32.39 -2.71 7.34
CA ALA D 308 31.92 -1.34 7.48
C ALA D 308 31.13 -1.20 8.76
N TRP D 309 30.00 -1.92 8.83
CA TRP D 309 29.14 -1.91 10.01
C TRP D 309 29.92 -2.16 11.31
N HIS D 310 30.94 -3.02 11.24
CA HIS D 310 31.79 -3.31 12.39
C HIS D 310 32.45 -2.05 12.90
N GLU D 311 33.07 -1.30 12.00
CA GLU D 311 33.80 -0.12 12.40
C GLU D 311 32.88 1.05 12.82
N LYS D 312 31.71 1.14 12.21
CA LYS D 312 30.81 2.27 12.39
C LYS D 312 29.44 1.85 12.86
N PHE D 313 29.32 1.57 14.16
CA PHE D 313 28.06 1.24 14.85
C PHE D 313 28.64 0.48 16.04
N LYS D 314 29.73 -0.26 15.85
CA LYS D 314 30.25 -1.16 16.86
C LYS D 314 31.61 -0.89 17.53
N ALA D 315 31.59 0.09 18.43
CA ALA D 315 32.73 0.42 19.33
C ALA D 315 33.34 -0.85 19.96
N LEU D 316 32.51 -1.58 20.69
CA LEU D 316 32.75 -2.99 20.92
C LEU D 316 31.41 -3.65 20.70
N LYS E 43 5.08 -46.24 -14.37
CA LYS E 43 6.34 -46.69 -15.03
C LYS E 43 7.21 -45.50 -15.44
N VAL E 44 8.01 -45.02 -14.50
CA VAL E 44 8.99 -43.97 -14.79
C VAL E 44 10.23 -44.01 -13.88
N THR E 45 11.01 -45.08 -14.04
CA THR E 45 12.30 -45.32 -13.34
C THR E 45 13.35 -44.29 -13.75
N LEU E 46 14.64 -44.48 -13.44
CA LEU E 46 15.67 -43.66 -14.11
C LEU E 46 16.05 -44.18 -15.50
N ASN E 47 15.07 -44.15 -16.39
CA ASN E 47 15.35 -44.06 -17.82
C ASN E 47 16.44 -42.98 -18.05
N GLU E 48 16.18 -41.70 -17.79
CA GLU E 48 14.87 -41.11 -17.41
C GLU E 48 14.52 -39.77 -18.09
N ILE E 49 14.75 -38.64 -17.44
CA ILE E 49 14.37 -37.35 -18.00
C ILE E 49 14.97 -37.13 -19.39
N VAL E 50 16.14 -37.73 -19.67
CA VAL E 50 16.83 -37.58 -20.99
C VAL E 50 18.37 -37.50 -20.85
N GLY E 51 18.81 -37.03 -19.71
CA GLY E 51 20.20 -36.84 -19.44
C GLY E 51 20.04 -36.09 -18.16
N LEU E 52 21.00 -35.22 -17.97
CA LEU E 52 21.04 -34.27 -16.91
C LEU E 52 21.90 -34.68 -15.77
N GLU E 53 22.39 -35.91 -15.74
CA GLU E 53 23.44 -36.33 -14.80
C GLU E 53 23.71 -35.36 -13.63
N ASP E 54 24.40 -34.25 -13.90
CA ASP E 54 24.77 -33.28 -12.85
C ASP E 54 23.66 -33.14 -11.82
N VAL E 55 22.52 -32.59 -12.24
CA VAL E 55 21.28 -32.55 -11.45
C VAL E 55 20.96 -33.88 -10.77
N LYS E 56 21.04 -34.96 -11.53
CA LYS E 56 20.62 -36.24 -11.04
C LYS E 56 21.51 -36.77 -9.90
N GLU E 57 22.82 -36.82 -10.11
CA GLU E 57 23.74 -37.33 -9.08
C GLU E 57 23.62 -36.52 -7.78
N ALA E 58 23.31 -35.22 -7.90
CA ALA E 58 23.09 -34.35 -6.74
C ALA E 58 21.78 -34.67 -6.02
N LEU E 59 20.84 -35.30 -6.74
CA LEU E 59 19.57 -35.75 -6.16
C LEU E 59 19.78 -37.09 -5.47
N LYS E 60 20.53 -37.97 -6.12
CA LYS E 60 20.92 -39.21 -5.51
C LYS E 60 21.60 -38.91 -4.17
N GLU E 61 22.74 -38.22 -4.26
CA GLU E 61 23.49 -37.72 -3.11
C GLU E 61 22.61 -37.37 -1.91
N ALA E 62 21.56 -36.61 -2.17
CA ALA E 62 20.68 -36.09 -1.12
C ALA E 62 19.80 -37.13 -0.46
N VAL E 63 19.32 -38.10 -1.24
CA VAL E 63 18.19 -38.93 -0.84
C VAL E 63 18.38 -40.44 -1.02
N VAL E 64 18.93 -40.87 -2.15
CA VAL E 64 19.09 -42.30 -2.43
C VAL E 64 20.15 -42.95 -1.51
N TYR E 65 21.17 -42.19 -1.15
CA TYR E 65 22.28 -42.75 -0.35
C TYR E 65 21.84 -42.97 1.10
N PRO E 66 21.48 -41.89 1.83
CA PRO E 66 20.99 -42.07 3.22
C PRO E 66 19.85 -43.07 3.38
N SER E 67 19.11 -43.31 2.30
CA SER E 67 18.16 -44.39 2.30
C SER E 67 18.90 -45.73 2.32
N LYS E 68 19.78 -45.93 1.35
CA LYS E 68 20.53 -47.18 1.22
C LYS E 68 21.50 -47.45 2.38
N ARG E 69 22.03 -46.40 3.00
CA ARG E 69 23.10 -46.56 3.96
C ARG E 69 23.25 -45.37 4.92
N PRO E 70 22.34 -45.27 5.92
CA PRO E 70 22.30 -44.13 6.83
C PRO E 70 23.51 -44.07 7.75
N ASP E 71 23.93 -45.21 8.26
CA ASP E 71 25.12 -45.30 9.10
C ASP E 71 26.34 -44.52 8.57
N LEU E 72 26.43 -44.36 7.25
CA LEU E 72 27.52 -43.60 6.63
C LEU E 72 27.42 -42.09 6.82
N PHE E 73 26.30 -41.61 7.34
CA PHE E 73 26.10 -40.18 7.59
C PHE E 73 25.90 -39.92 9.07
N PRO E 74 27.00 -39.70 9.79
CA PRO E 74 26.92 -39.54 11.24
C PRO E 74 26.41 -38.16 11.63
N LEU E 75 26.75 -37.13 10.85
CA LEU E 75 26.21 -35.80 11.06
C LEU E 75 24.82 -35.66 10.43
N GLY E 76 24.18 -36.79 10.13
CA GLY E 76 22.83 -36.78 9.58
C GLY E 76 22.82 -36.31 8.14
N TRP E 77 21.63 -35.98 7.67
CA TRP E 77 21.40 -35.58 6.29
C TRP E 77 20.05 -34.90 6.20
N PRO E 78 19.93 -33.89 5.32
CA PRO E 78 18.72 -33.07 5.29
C PRO E 78 17.57 -33.76 4.54
N ARG E 79 16.37 -33.61 5.10
CA ARG E 79 15.15 -34.22 4.55
C ARG E 79 14.40 -33.28 3.59
N GLY E 80 14.76 -32.00 3.63
CA GLY E 80 14.12 -30.97 2.80
C GLY E 80 14.97 -30.66 1.59
N ILE E 81 14.37 -30.76 0.41
CA ILE E 81 15.07 -30.66 -0.86
C ILE E 81 14.33 -29.79 -1.81
N LEU E 82 15.01 -28.83 -2.43
CA LEU E 82 14.35 -27.83 -3.27
C LEU E 82 14.80 -27.85 -4.74
N LEU E 83 13.81 -27.97 -5.62
CA LEU E 83 14.06 -27.96 -7.05
C LEU E 83 13.66 -26.61 -7.61
N TYR E 84 14.65 -25.79 -7.95
CA TYR E 84 14.37 -24.43 -8.39
C TYR E 84 15.01 -24.11 -9.73
N GLY E 85 14.21 -23.52 -10.61
CA GLY E 85 14.71 -23.14 -11.93
C GLY E 85 13.60 -22.64 -12.82
N PRO E 86 13.94 -22.34 -14.07
CA PRO E 86 12.90 -21.93 -14.99
C PRO E 86 11.89 -23.04 -15.16
N PRO E 87 10.66 -22.69 -15.57
CA PRO E 87 9.57 -23.63 -15.63
C PRO E 87 9.59 -24.42 -16.91
N GLY E 88 8.96 -25.59 -16.88
CA GLY E 88 8.87 -26.44 -18.05
C GLY E 88 9.89 -27.55 -18.04
N CYS E 89 11.03 -27.32 -17.40
CA CYS E 89 12.03 -28.37 -17.29
C CYS E 89 11.49 -29.61 -16.50
N GLY E 90 10.21 -29.60 -16.11
CA GLY E 90 9.49 -30.79 -15.65
C GLY E 90 10.02 -31.32 -14.34
N LYS E 91 10.13 -30.42 -13.37
CA LYS E 91 10.57 -30.76 -12.02
C LYS E 91 9.73 -31.88 -11.41
N THR E 92 8.48 -31.97 -11.85
CA THR E 92 7.53 -32.93 -11.30
C THR E 92 7.92 -34.36 -11.70
N MET E 93 8.40 -34.51 -12.92
CA MET E 93 8.82 -35.82 -13.45
C MET E 93 10.12 -36.32 -12.83
N ILE E 94 11.02 -35.39 -12.56
CA ILE E 94 12.29 -35.71 -11.92
C ILE E 94 12.05 -36.29 -10.53
N ALA E 95 11.22 -35.63 -9.73
CA ALA E 95 10.93 -36.07 -8.36
C ALA E 95 10.18 -37.41 -8.33
N ALA E 96 9.33 -37.66 -9.33
CA ALA E 96 8.71 -38.97 -9.49
C ALA E 96 9.78 -40.06 -9.69
N ALA E 97 10.83 -39.70 -10.46
CA ALA E 97 11.93 -40.62 -10.74
C ALA E 97 12.64 -41.15 -9.49
N VAL E 98 12.73 -40.34 -8.44
CA VAL E 98 13.47 -40.77 -7.25
C VAL E 98 12.61 -41.67 -6.37
N ALA E 99 11.30 -41.42 -6.34
CA ALA E 99 10.40 -42.31 -5.62
C ALA E 99 10.48 -43.70 -6.22
N ASN E 100 10.43 -43.77 -7.54
CA ASN E 100 10.49 -45.06 -8.24
C ASN E 100 11.87 -45.69 -8.21
N GLU E 101 12.91 -44.89 -8.03
CA GLU E 101 14.25 -45.41 -7.72
C GLU E 101 14.27 -46.16 -6.39
N LEU E 102 13.41 -45.74 -5.45
CA LEU E 102 13.38 -46.32 -4.09
C LEU E 102 12.12 -47.13 -3.83
N ASP E 103 11.45 -47.55 -4.91
CA ASP E 103 10.19 -48.28 -4.83
C ASP E 103 9.32 -47.68 -3.73
N SER E 104 9.24 -46.36 -3.81
CA SER E 104 8.77 -45.52 -2.74
C SER E 104 7.48 -44.82 -3.11
N GLU E 105 6.72 -44.42 -2.08
CA GLU E 105 5.45 -43.74 -2.26
C GLU E 105 5.70 -42.27 -2.58
N PHE E 106 4.82 -41.69 -3.40
CA PHE E 106 5.05 -40.36 -3.98
C PHE E 106 3.82 -39.51 -3.73
N ILE E 107 3.76 -38.92 -2.55
CA ILE E 107 2.59 -38.14 -2.14
C ILE E 107 2.64 -36.75 -2.79
N HIS E 108 1.95 -36.61 -3.91
CA HIS E 108 1.97 -35.40 -4.72
C HIS E 108 0.89 -34.42 -4.27
N VAL E 109 1.27 -33.15 -4.10
CA VAL E 109 0.31 -32.12 -3.72
C VAL E 109 0.68 -30.78 -4.35
N ASP E 110 -0.32 -30.11 -4.92
CA ASP E 110 -0.11 -28.80 -5.51
C ASP E 110 -0.49 -27.75 -4.44
N ALA E 111 0.46 -26.87 -4.14
CA ALA E 111 0.31 -25.89 -3.07
C ALA E 111 -0.82 -24.91 -3.35
N ALA E 112 -1.15 -24.74 -4.63
CA ALA E 112 -2.33 -23.98 -5.02
C ALA E 112 -3.55 -24.54 -4.29
N SER E 113 -3.88 -25.80 -4.54
CA SER E 113 -5.10 -26.43 -4.01
C SER E 113 -5.19 -26.35 -2.50
N ILE E 114 -4.12 -26.76 -1.82
CA ILE E 114 -4.10 -26.81 -0.36
C ILE E 114 -4.25 -25.39 0.28
N MET E 115 -4.00 -24.32 -0.49
CA MET E 115 -4.32 -22.96 -0.04
C MET E 115 -5.79 -22.61 -0.31
N GLU E 121 -9.78 -23.43 7.70
CA GLU E 121 -8.62 -24.23 8.08
C GLU E 121 -7.73 -24.47 6.86
N ALA E 122 -7.74 -25.70 6.36
CA ALA E 122 -6.71 -26.24 5.44
C ALA E 122 -5.50 -26.73 6.24
N GLU E 123 -5.53 -26.52 7.55
CA GLU E 123 -4.56 -27.12 8.45
C GLU E 123 -4.80 -28.61 8.53
N LYS E 124 -6.08 -28.99 8.48
CA LYS E 124 -6.46 -30.39 8.58
C LYS E 124 -5.71 -31.24 7.54
N ASN E 125 -5.61 -30.72 6.32
CA ASN E 125 -4.98 -31.44 5.21
C ASN E 125 -3.45 -31.48 5.32
N VAL E 126 -2.83 -30.35 5.69
CA VAL E 126 -1.37 -30.24 5.74
C VAL E 126 -0.76 -31.20 6.77
N ALA E 127 -1.46 -31.45 7.87
CA ALA E 127 -1.01 -32.42 8.88
C ALA E 127 -1.22 -33.84 8.37
N LYS E 128 -2.33 -34.06 7.65
CA LYS E 128 -2.69 -35.37 7.10
C LYS E 128 -1.69 -35.85 6.04
N ILE E 129 -1.21 -34.92 5.20
CA ILE E 129 -0.26 -35.23 4.12
C ILE E 129 1.03 -35.81 4.72
N PHE E 130 1.49 -35.25 5.84
CA PHE E 130 2.66 -35.81 6.55
C PHE E 130 2.29 -37.10 7.29
N LYS E 131 1.31 -37.01 8.18
CA LYS E 131 0.62 -38.18 8.74
C LYS E 131 0.73 -39.44 7.91
N THR E 132 0.09 -39.41 6.75
CA THR E 132 -0.04 -40.59 5.92
C THR E 132 1.32 -41.02 5.36
N ALA E 133 2.20 -40.06 5.06
CA ALA E 133 3.53 -40.36 4.54
C ALA E 133 4.41 -41.09 5.56
N ARG E 134 4.30 -40.70 6.82
CA ARG E 134 5.03 -41.39 7.90
C ARG E 134 4.44 -42.77 8.07
N GLU E 135 3.11 -42.81 8.19
CA GLU E 135 2.34 -44.05 8.30
C GLU E 135 2.68 -45.04 7.18
N LEU E 136 2.66 -44.53 5.95
CA LEU E 136 3.01 -45.31 4.74
C LEU E 136 4.48 -45.70 4.70
N SER E 137 5.31 -44.98 5.45
CA SER E 137 6.65 -45.46 5.77
C SER E 137 6.49 -46.39 6.99
N LYS E 138 6.11 -47.64 6.70
CA LYS E 138 5.76 -48.62 7.72
C LYS E 138 7.03 -49.13 8.39
N LYS E 139 6.89 -50.20 9.18
CA LYS E 139 8.06 -51.01 9.60
C LYS E 139 8.92 -51.29 8.36
N GLU E 140 8.25 -51.67 7.27
CA GLU E 140 8.87 -51.63 5.96
C GLU E 140 9.54 -50.28 5.76
N ASN E 141 10.84 -50.24 5.96
CA ASN E 141 11.63 -49.01 5.79
C ASN E 141 11.66 -48.65 4.31
N LYS E 142 10.51 -48.29 3.77
CA LYS E 142 10.42 -47.72 2.44
C LYS E 142 10.22 -46.25 2.72
N PRO E 143 11.15 -45.41 2.26
CA PRO E 143 11.03 -44.01 2.55
C PRO E 143 9.98 -43.38 1.65
N ALA E 144 9.08 -42.59 2.24
CA ALA E 144 8.05 -41.89 1.48
C ALA E 144 8.53 -40.49 1.08
N ILE E 145 8.13 -40.05 -0.11
CA ILE E 145 8.56 -38.76 -0.66
C ILE E 145 7.35 -37.85 -0.88
N ILE E 146 7.28 -36.76 -0.12
CA ILE E 146 6.24 -35.76 -0.35
C ILE E 146 6.76 -34.74 -1.38
N PHE E 147 5.96 -34.50 -2.42
CA PHE E 147 6.35 -33.57 -3.47
C PHE E 147 5.40 -32.40 -3.53
N ILE E 148 5.96 -31.20 -3.49
CA ILE E 148 5.17 -30.00 -3.46
C ILE E 148 5.40 -29.15 -4.70
N ASP E 149 4.37 -29.11 -5.55
CA ASP E 149 4.41 -28.32 -6.76
C ASP E 149 4.10 -26.88 -6.37
N GLU E 150 4.75 -25.92 -7.03
CA GLU E 150 4.55 -24.49 -6.74
C GLU E 150 4.71 -24.16 -5.26
N LEU E 151 5.88 -24.46 -4.69
CA LEU E 151 6.13 -24.19 -3.26
C LEU E 151 5.87 -22.71 -2.89
N ASP E 152 6.18 -21.80 -3.83
CA ASP E 152 5.82 -20.38 -3.75
C ASP E 152 4.43 -20.11 -3.18
N ALA E 153 3.49 -21.00 -3.48
CA ALA E 153 2.07 -20.78 -3.21
C ALA E 153 1.65 -20.95 -1.76
N LEU E 154 2.56 -21.42 -0.92
CA LEU E 154 2.29 -21.49 0.51
C LEU E 154 2.48 -20.14 1.21
N LEU E 155 3.08 -19.20 0.50
CA LEU E 155 3.36 -17.90 1.07
C LEU E 155 2.28 -16.88 0.69
N GLU E 161 -7.00 -13.31 6.28
CA GLU E 161 -5.64 -12.78 6.31
C GLU E 161 -4.73 -13.32 7.43
N VAL E 162 -5.25 -13.50 8.66
CA VAL E 162 -4.49 -14.16 9.79
C VAL E 162 -4.28 -15.67 9.54
N GLY E 163 -5.22 -16.27 8.82
CA GLY E 163 -5.19 -17.70 8.58
C GLY E 163 -4.40 -18.08 7.35
N GLY E 164 -4.33 -17.17 6.37
CA GLY E 164 -3.54 -17.35 5.17
C GLY E 164 -2.07 -17.60 5.46
N GLU E 165 -1.40 -16.59 5.99
CA GLU E 165 -0.03 -16.74 6.44
C GLU E 165 -0.04 -17.42 7.81
N ALA E 166 1.15 -17.76 8.29
CA ALA E 166 1.34 -18.36 9.61
C ALA E 166 0.49 -19.61 9.82
N ARG E 167 -0.79 -19.44 10.15
CA ARG E 167 -1.65 -20.56 10.55
C ARG E 167 -1.29 -21.87 9.83
N VAL E 168 -1.50 -21.89 8.51
CA VAL E 168 -1.20 -23.07 7.69
C VAL E 168 0.29 -23.14 7.34
N ARG E 169 0.99 -22.01 7.29
CA ARG E 169 2.37 -22.05 6.90
C ARG E 169 3.34 -22.53 8.01
N ASN E 170 3.17 -22.06 9.23
CA ASN E 170 4.04 -22.47 10.33
C ASN E 170 3.75 -23.91 10.75
N GLN E 171 2.48 -24.31 10.66
CA GLN E 171 2.06 -25.71 10.86
C GLN E 171 2.86 -26.65 9.94
N PHE E 172 3.08 -26.19 8.72
CA PHE E 172 3.84 -26.92 7.71
C PHE E 172 5.35 -26.82 7.93
N LEU E 173 5.80 -25.61 8.25
CA LEU E 173 7.21 -25.37 8.55
C LEU E 173 7.62 -26.24 9.74
N LYS E 174 6.76 -26.29 10.74
CA LYS E 174 6.98 -27.13 11.91
C LYS E 174 7.13 -28.59 11.55
N GLU E 175 6.24 -29.09 10.70
CA GLU E 175 6.28 -30.49 10.27
C GLU E 175 7.68 -30.92 9.82
N MET E 176 8.39 -30.02 9.14
CA MET E 176 9.73 -30.31 8.62
C MET E 176 10.84 -30.31 9.66
N ASP E 177 10.69 -29.49 10.69
CA ASP E 177 11.58 -29.57 11.83
C ASP E 177 11.40 -30.95 12.48
N GLY E 178 10.17 -31.46 12.43
CA GLY E 178 9.85 -32.80 12.92
C GLY E 178 10.51 -33.96 12.18
N LEU E 179 10.69 -33.83 10.86
CA LEU E 179 11.29 -34.91 10.07
C LEU E 179 12.71 -35.22 10.54
N ALA E 180 13.41 -34.17 11.00
CA ALA E 180 14.79 -34.27 11.48
C ALA E 180 15.12 -35.60 12.16
N ASP E 181 14.75 -35.75 13.44
CA ASP E 181 15.21 -36.94 14.20
C ASP E 181 14.40 -37.16 15.48
N LYS E 182 13.09 -36.90 15.48
CA LYS E 182 12.29 -37.17 16.67
C LYS E 182 12.26 -38.69 16.88
N ASN E 183 12.51 -39.14 18.10
CA ASN E 183 12.73 -40.57 18.42
C ASN E 183 12.96 -41.47 17.19
N GLU E 184 14.02 -41.18 16.46
CA GLU E 184 14.34 -41.81 15.15
C GLU E 184 13.19 -41.77 14.11
N ILE E 185 12.27 -42.75 14.11
CA ILE E 185 11.28 -42.98 12.99
C ILE E 185 11.88 -42.84 11.60
N SER E 186 12.29 -41.62 11.26
CA SER E 186 13.10 -41.34 10.07
C SER E 186 12.30 -41.47 8.76
N LYS E 187 13.03 -41.56 7.64
CA LYS E 187 12.51 -42.09 6.37
C LYS E 187 11.89 -41.08 5.41
N VAL E 188 10.97 -40.24 5.89
CA VAL E 188 10.16 -39.37 5.01
C VAL E 188 10.92 -38.14 4.52
N TYR E 189 10.77 -37.82 3.23
CA TYR E 189 11.40 -36.62 2.63
C TYR E 189 10.39 -35.63 2.07
N VAL E 190 10.86 -34.42 1.81
CA VAL E 190 10.04 -33.39 1.17
C VAL E 190 10.79 -32.76 0.00
N ILE E 191 10.32 -33.03 -1.22
CA ILE E 191 10.83 -32.34 -2.39
C ILE E 191 9.88 -31.22 -2.79
N GLY E 192 10.34 -30.00 -2.62
CA GLY E 192 9.59 -28.82 -3.02
C GLY E 192 10.04 -28.32 -4.38
N ALA E 193 9.08 -27.92 -5.20
CA ALA E 193 9.36 -27.43 -6.55
C ALA E 193 8.84 -26.01 -6.71
N THR E 194 9.65 -25.21 -7.40
CA THR E 194 9.33 -23.80 -7.59
C THR E 194 10.01 -23.23 -8.82
N ASN E 195 9.28 -22.35 -9.51
CA ASN E 195 9.85 -21.57 -10.60
C ASN E 195 10.13 -20.15 -10.12
N LYS E 196 9.73 -19.83 -8.89
CA LYS E 196 9.81 -18.47 -8.37
C LYS E 196 10.36 -18.54 -6.92
N PRO E 197 11.66 -18.85 -6.77
CA PRO E 197 12.29 -18.86 -5.44
C PRO E 197 12.51 -17.49 -4.83
N TRP E 198 12.22 -16.44 -5.58
CA TRP E 198 12.13 -15.09 -5.01
C TRP E 198 11.12 -15.09 -3.90
N ARG E 199 9.91 -15.54 -4.21
CA ARG E 199 8.84 -15.70 -3.22
C ARG E 199 9.30 -16.37 -1.94
N LEU E 200 10.16 -17.37 -2.09
CA LEU E 200 10.64 -18.14 -0.95
C LEU E 200 11.39 -17.29 0.07
N ASP E 201 11.01 -17.57 1.31
CA ASP E 201 11.19 -16.69 2.45
C ASP E 201 12.24 -17.28 3.39
N GLU E 202 13.09 -16.43 3.98
CA GLU E 202 14.35 -16.91 4.61
C GLU E 202 14.25 -17.90 5.78
N PRO E 203 13.12 -17.91 6.49
CA PRO E 203 12.72 -19.07 7.31
C PRO E 203 12.34 -20.32 6.50
N PHE E 204 11.31 -20.26 5.67
CA PHE E 204 10.98 -21.36 4.75
C PHE E 204 12.22 -21.99 4.16
N LEU E 205 13.04 -21.12 3.61
CA LEU E 205 14.21 -21.49 2.88
C LEU E 205 15.22 -22.36 3.66
N ARG E 206 15.32 -22.15 4.97
CA ARG E 206 16.21 -22.95 5.81
C ARG E 206 15.62 -24.27 6.31
N ARG E 207 14.42 -24.65 5.90
CA ARG E 207 13.97 -26.03 6.12
C ARG E 207 14.12 -26.87 4.85
N PHE E 208 14.87 -26.30 3.89
CA PHE E 208 15.28 -26.97 2.68
C PHE E 208 16.77 -26.70 2.54
N GLN E 209 17.57 -27.60 3.09
CA GLN E 209 19.02 -27.41 3.08
C GLN E 209 19.62 -27.85 1.78
N LYS E 210 18.95 -28.75 1.06
CA LYS E 210 19.48 -29.25 -0.20
C LYS E 210 18.75 -28.57 -1.35
N ARG E 211 19.47 -27.77 -2.14
CA ARG E 211 18.87 -26.99 -3.22
C ARG E 211 19.57 -27.23 -4.53
N ILE E 212 18.84 -27.81 -5.48
CA ILE E 212 19.39 -28.19 -6.78
C ILE E 212 18.70 -27.40 -7.89
N TYR E 213 19.51 -26.56 -8.54
CA TYR E 213 19.09 -25.74 -9.67
C TYR E 213 18.83 -26.67 -10.84
N ILE E 214 17.56 -26.84 -11.21
CA ILE E 214 17.25 -27.56 -12.43
C ILE E 214 17.43 -26.59 -13.57
N THR E 215 18.57 -26.72 -14.22
CA THR E 215 18.99 -25.77 -15.22
C THR E 215 18.32 -26.01 -16.56
N LEU E 216 18.27 -24.93 -17.32
CA LEU E 216 17.81 -24.92 -18.67
C LEU E 216 18.67 -25.90 -19.49
N PRO E 217 18.03 -26.63 -20.36
CA PRO E 217 18.79 -27.76 -20.85
C PRO E 217 19.82 -27.41 -21.94
N ASP E 218 20.99 -28.05 -21.88
CA ASP E 218 22.09 -27.76 -22.79
C ASP E 218 21.87 -28.44 -24.12
N LYS E 219 22.76 -28.20 -25.09
CA LYS E 219 22.59 -28.70 -26.46
C LYS E 219 22.46 -30.20 -26.52
N ALA E 220 23.32 -30.90 -25.78
CA ALA E 220 23.29 -32.36 -25.70
C ALA E 220 22.02 -32.87 -25.04
N HIS E 221 21.52 -32.15 -24.04
CA HIS E 221 20.26 -32.52 -23.40
C HIS E 221 19.14 -32.46 -24.46
N ARG E 222 19.01 -31.32 -25.14
CA ARG E 222 17.95 -31.08 -26.12
C ARG E 222 17.85 -32.18 -27.16
N LEU E 223 18.99 -32.53 -27.74
CA LEU E 223 19.04 -33.58 -28.75
C LEU E 223 18.21 -34.80 -28.36
N GLU E 224 18.47 -35.34 -27.16
CA GLU E 224 17.78 -36.57 -26.71
C GLU E 224 16.32 -36.28 -26.40
N LEU E 225 15.98 -35.01 -26.15
CA LEU E 225 14.58 -34.58 -26.10
C LEU E 225 13.95 -34.60 -27.49
N LEU E 226 14.56 -33.86 -28.42
CA LEU E 226 14.13 -33.84 -29.83
C LEU E 226 13.94 -35.25 -30.39
N LYS E 227 14.83 -36.16 -30.00
CA LYS E 227 14.62 -37.59 -30.24
C LYS E 227 13.35 -38.12 -29.58
N HIS E 228 13.25 -37.91 -28.26
CA HIS E 228 12.16 -38.47 -27.47
C HIS E 228 10.82 -37.90 -27.84
N TYR E 229 10.79 -36.68 -28.38
CA TYR E 229 9.55 -36.06 -28.84
C TYR E 229 9.30 -36.25 -30.34
N SER E 230 10.33 -36.61 -31.10
CA SER E 230 10.16 -37.21 -32.44
C SER E 230 9.57 -38.65 -32.32
N SER E 231 10.00 -39.40 -31.31
CA SER E 231 9.45 -40.74 -30.94
C SER E 231 8.55 -41.37 -31.98
N LYS E 232 7.32 -40.85 -32.07
CA LYS E 232 6.38 -41.29 -33.10
C LYS E 232 5.64 -40.12 -33.74
N VAL E 233 6.41 -39.38 -34.54
CA VAL E 233 5.88 -38.59 -35.64
C VAL E 233 6.80 -38.87 -36.83
N LYS E 234 6.27 -39.51 -37.87
CA LYS E 234 7.06 -39.93 -39.04
C LYS E 234 7.86 -38.70 -39.52
N LEU E 235 9.19 -38.77 -39.42
CA LEU E 235 10.03 -37.57 -39.44
C LEU E 235 10.60 -37.10 -40.78
N ASP E 236 10.81 -38.01 -41.74
CA ASP E 236 11.43 -37.64 -43.06
C ASP E 236 12.91 -37.30 -42.89
N PRO E 237 13.81 -37.95 -43.65
CA PRO E 237 15.20 -37.47 -43.62
C PRO E 237 15.29 -36.02 -44.09
N ASN E 238 16.49 -35.46 -44.07
CA ASN E 238 16.74 -34.01 -44.30
C ASN E 238 16.53 -33.16 -43.05
N VAL E 239 16.15 -33.80 -41.96
CA VAL E 239 15.73 -33.13 -40.73
C VAL E 239 16.90 -32.86 -39.80
N ASN E 240 17.81 -33.83 -39.70
CA ASN E 240 19.04 -33.69 -38.92
C ASN E 240 18.84 -32.95 -37.59
N LEU E 241 18.41 -33.72 -36.59
CA LEU E 241 18.04 -33.19 -35.28
C LEU E 241 19.16 -32.37 -34.67
N GLU E 242 20.40 -32.82 -34.85
CA GLU E 242 21.58 -32.13 -34.30
C GLU E 242 21.56 -30.63 -34.52
N GLU E 243 21.21 -30.20 -35.73
CA GLU E 243 21.25 -28.77 -36.06
C GLU E 243 20.09 -28.02 -35.51
N LEU E 244 19.02 -28.75 -35.21
CA LEU E 244 17.92 -28.21 -34.45
C LEU E 244 18.34 -27.96 -33.02
N ALA E 245 18.82 -29.01 -32.34
CA ALA E 245 19.27 -28.87 -30.96
C ALA E 245 20.02 -27.55 -30.79
N GLU E 246 20.92 -27.25 -31.74
CA GLU E 246 21.75 -26.05 -31.65
C GLU E 246 21.02 -24.79 -32.13
N LEU E 247 20.02 -24.95 -32.99
CA LEU E 247 19.09 -23.87 -33.31
C LEU E 247 18.20 -23.50 -32.12
N THR E 248 17.88 -24.50 -31.30
CA THR E 248 17.06 -24.35 -30.10
C THR E 248 17.82 -23.96 -28.85
N ASP E 249 18.72 -23.00 -28.97
CA ASP E 249 19.47 -22.54 -27.82
C ASP E 249 18.58 -21.58 -27.06
N GLY E 250 18.33 -21.88 -25.79
CA GLY E 250 17.59 -20.98 -24.93
C GLY E 250 16.16 -21.39 -24.66
N TYR E 251 15.70 -22.49 -25.24
CA TYR E 251 14.34 -22.98 -25.00
C TYR E 251 14.33 -23.97 -23.82
N THR E 252 13.28 -23.93 -23.02
CA THR E 252 13.09 -24.97 -21.99
C THR E 252 12.65 -26.28 -22.66
N ALA E 253 12.75 -27.36 -21.91
CA ALA E 253 12.31 -28.66 -22.38
C ALA E 253 10.81 -28.68 -22.70
N SER E 254 10.01 -27.88 -21.96
CA SER E 254 8.59 -27.77 -22.21
C SER E 254 8.34 -27.29 -23.61
N ASP E 255 8.94 -26.15 -23.96
CA ASP E 255 8.70 -25.55 -25.28
C ASP E 255 9.61 -26.14 -26.37
N ILE E 256 10.02 -27.40 -26.18
CA ILE E 256 10.53 -28.23 -27.26
C ILE E 256 9.38 -29.13 -27.73
N ARG E 257 8.78 -29.88 -26.80
CA ARG E 257 7.54 -30.60 -27.07
C ARG E 257 6.58 -29.74 -27.88
N ASP E 258 6.46 -28.47 -27.51
CA ASP E 258 5.60 -27.55 -28.23
C ASP E 258 6.06 -27.38 -29.67
N ILE E 259 7.33 -27.12 -29.85
CA ILE E 259 7.88 -26.92 -31.19
C ILE E 259 7.56 -28.07 -32.14
N VAL E 260 7.86 -29.30 -31.71
CA VAL E 260 7.60 -30.50 -32.52
C VAL E 260 6.13 -30.71 -32.71
N GLN E 261 5.36 -30.58 -31.64
CA GLN E 261 3.93 -30.78 -31.74
C GLN E 261 3.31 -29.84 -32.78
N SER E 262 3.73 -28.58 -32.73
CA SER E 262 3.28 -27.53 -33.68
C SER E 262 3.85 -27.70 -35.08
N ALA E 263 5.02 -28.33 -35.19
CA ALA E 263 5.56 -28.68 -36.51
C ALA E 263 4.76 -29.83 -37.11
N HIS E 264 4.52 -30.87 -36.32
CA HIS E 264 3.68 -32.00 -36.76
C HIS E 264 2.27 -31.54 -37.08
N MET E 265 1.74 -30.59 -36.29
CA MET E 265 0.40 -30.05 -36.57
C MET E 265 0.39 -29.38 -37.94
N ARG E 266 1.51 -28.75 -38.30
CA ARG E 266 1.67 -28.15 -39.62
C ARG E 266 1.28 -29.16 -40.71
N VAL E 267 1.82 -30.36 -40.59
CA VAL E 267 1.59 -31.45 -41.53
C VAL E 267 0.17 -32.03 -41.56
N VAL E 268 -0.47 -32.06 -40.41
CA VAL E 268 -1.84 -32.55 -40.32
C VAL E 268 -2.76 -31.53 -40.93
N LYS E 269 -2.45 -30.24 -40.73
CA LYS E 269 -3.26 -29.21 -41.40
C LYS E 269 -3.26 -29.51 -42.87
N GLU E 270 -2.09 -29.82 -43.43
CA GLU E 270 -2.04 -30.11 -44.86
C GLU E 270 -3.03 -31.22 -45.16
N MET E 271 -2.81 -32.42 -44.62
CA MET E 271 -3.67 -33.56 -44.99
C MET E 271 -5.16 -33.18 -45.06
N PHE E 272 -5.64 -32.38 -44.11
CA PHE E 272 -7.06 -32.03 -44.06
C PHE E 272 -7.51 -31.09 -45.17
N GLU E 273 -6.83 -29.95 -45.27
CA GLU E 273 -7.24 -28.90 -46.21
C GLU E 273 -6.67 -29.17 -47.60
N LYS E 274 -5.77 -30.15 -47.68
CA LYS E 274 -5.38 -30.71 -48.97
C LYS E 274 -6.26 -31.88 -49.34
N ASN E 275 -6.73 -32.61 -48.34
CA ASN E 275 -7.60 -33.78 -48.50
C ASN E 275 -6.74 -34.96 -48.96
N LEU E 276 -5.64 -35.15 -48.27
CA LEU E 276 -4.78 -36.30 -48.46
C LEU E 276 -5.25 -37.40 -47.51
N GLN E 277 -4.92 -38.64 -47.86
CA GLN E 277 -5.20 -39.81 -47.10
C GLN E 277 -3.79 -40.08 -46.57
N GLU E 278 -3.64 -40.07 -45.25
CA GLU E 278 -2.33 -39.90 -44.55
C GLU E 278 -1.80 -38.47 -44.42
N PRO E 279 -1.00 -38.20 -43.37
CA PRO E 279 -0.39 -36.89 -43.27
C PRO E 279 0.82 -36.82 -44.17
N ARG E 280 1.31 -35.63 -44.36
CA ARG E 280 2.49 -35.43 -45.14
C ARG E 280 3.68 -35.88 -44.31
N ALA E 281 4.79 -36.19 -44.96
CA ALA E 281 6.01 -36.46 -44.20
C ALA E 281 6.56 -35.14 -43.66
N ILE E 282 6.93 -35.12 -42.39
CA ILE E 282 7.22 -33.84 -41.70
C ILE E 282 8.63 -33.34 -42.03
N ASN E 283 8.68 -32.11 -42.49
CA ASN E 283 9.77 -31.66 -43.26
C ASN E 283 10.66 -30.89 -42.32
N MET E 284 11.86 -30.53 -42.76
CA MET E 284 12.76 -29.63 -41.99
C MET E 284 12.32 -28.18 -42.04
N ASP E 285 11.91 -27.71 -43.20
CA ASP E 285 11.40 -26.37 -43.28
C ASP E 285 10.07 -26.14 -42.51
N ASP E 286 9.50 -27.22 -41.98
CA ASP E 286 8.42 -27.12 -41.02
C ASP E 286 8.98 -26.49 -39.76
N PHE E 287 10.02 -27.13 -39.24
CA PHE E 287 10.72 -26.63 -38.07
C PHE E 287 11.20 -25.20 -38.28
N ARG E 288 11.69 -24.90 -39.47
CA ARG E 288 12.19 -23.57 -39.74
C ARG E 288 11.11 -22.52 -39.59
N GLU E 289 9.94 -22.72 -40.21
CA GLU E 289 8.85 -21.71 -40.15
C GLU E 289 8.21 -21.63 -38.77
N VAL E 290 8.08 -22.77 -38.10
CA VAL E 290 7.56 -22.81 -36.74
C VAL E 290 8.55 -22.20 -35.75
N LEU E 291 9.84 -22.29 -36.06
CA LEU E 291 10.89 -21.70 -35.22
C LEU E 291 11.06 -20.19 -35.41
N LYS E 292 10.48 -19.60 -36.45
CA LYS E 292 10.51 -18.14 -36.53
C LYS E 292 9.56 -17.62 -35.48
N VAL E 293 8.32 -18.10 -35.55
CA VAL E 293 7.24 -17.61 -34.70
C VAL E 293 7.39 -18.00 -33.22
N ARG E 294 7.70 -19.26 -32.91
CA ARG E 294 7.83 -19.66 -31.50
C ARG E 294 9.20 -19.34 -30.92
N LYS E 295 9.18 -18.58 -29.84
CA LYS E 295 10.39 -18.10 -29.19
C LYS E 295 10.56 -18.83 -27.85
N PRO E 296 11.69 -18.62 -27.16
CA PRO E 296 11.84 -19.26 -25.84
C PRO E 296 10.81 -18.73 -24.82
N SER E 297 10.28 -19.61 -23.97
CA SER E 297 9.27 -19.22 -22.99
C SER E 297 9.89 -18.54 -21.78
N VAL E 298 11.21 -18.73 -21.59
CA VAL E 298 11.97 -18.07 -20.51
C VAL E 298 12.74 -16.81 -20.95
N ASN E 299 12.23 -15.68 -20.52
CA ASN E 299 12.74 -14.36 -20.85
C ASN E 299 14.17 -14.13 -20.32
N GLN E 300 15.01 -13.47 -21.14
CA GLN E 300 16.43 -13.22 -20.81
C GLN E 300 16.66 -12.57 -19.43
N ASP E 301 15.65 -11.87 -18.91
CA ASP E 301 15.75 -11.19 -17.60
C ASP E 301 15.45 -12.20 -16.49
N MET E 302 14.47 -13.10 -16.71
CA MET E 302 14.21 -14.18 -15.75
C MET E 302 15.49 -14.99 -15.64
N LEU E 303 16.16 -15.19 -16.76
CA LEU E 303 17.43 -15.90 -16.77
C LEU E 303 18.55 -15.27 -15.93
N LYS E 304 18.61 -13.94 -15.91
CA LYS E 304 19.54 -13.22 -15.03
C LYS E 304 19.06 -13.17 -13.57
N ALA E 305 17.75 -13.16 -13.36
CA ALA E 305 17.16 -13.19 -12.02
C ALA E 305 17.38 -14.54 -11.30
N TYR E 306 17.19 -15.66 -12.01
CA TYR E 306 17.54 -16.97 -11.47
C TYR E 306 19.02 -17.00 -11.14
N ALA E 307 19.84 -16.72 -12.14
CA ALA E 307 21.30 -16.74 -11.99
C ALA E 307 21.78 -15.96 -10.77
N ALA E 308 21.12 -14.85 -10.48
CA ALA E 308 21.44 -14.07 -9.27
C ALA E 308 21.08 -14.87 -8.02
N TRP E 309 19.80 -15.16 -7.85
CA TRP E 309 19.33 -15.93 -6.71
C TRP E 309 20.10 -17.23 -6.51
N HIS E 310 20.52 -17.85 -7.61
CA HIS E 310 21.31 -19.07 -7.54
C HIS E 310 22.62 -18.85 -6.79
N GLU E 311 23.36 -17.80 -7.18
CA GLU E 311 24.65 -17.57 -6.52
C GLU E 311 24.52 -17.05 -5.09
N LYS E 312 23.44 -16.34 -4.77
CA LYS E 312 23.23 -15.83 -3.40
C LYS E 312 22.56 -16.79 -2.41
N PHE E 313 22.09 -17.95 -2.89
CA PHE E 313 21.35 -18.92 -2.07
C PHE E 313 21.61 -20.32 -2.62
N LYS E 314 22.88 -20.71 -2.65
CA LYS E 314 23.28 -21.90 -3.42
C LYS E 314 22.42 -23.15 -3.22
N LYS F 43 -27.58 -22.67 -36.96
CA LYS F 43 -27.98 -21.27 -37.30
C LYS F 43 -26.83 -20.43 -37.82
N VAL F 44 -25.60 -20.70 -37.36
CA VAL F 44 -24.43 -19.98 -37.91
C VAL F 44 -23.11 -20.79 -37.91
N THR F 45 -22.97 -21.75 -38.83
CA THR F 45 -21.83 -22.69 -38.80
C THR F 45 -20.47 -22.03 -39.13
N LEU F 46 -19.38 -22.79 -39.16
CA LEU F 46 -18.07 -22.21 -39.33
C LEU F 46 -17.63 -22.30 -40.79
N ASN F 47 -18.57 -22.47 -41.73
CA ASN F 47 -18.31 -22.07 -43.12
C ASN F 47 -17.64 -20.72 -43.01
N GLU F 48 -18.33 -19.84 -42.29
CA GLU F 48 -17.82 -18.53 -41.88
C GLU F 48 -17.62 -17.59 -43.07
N ILE F 49 -17.56 -16.28 -42.86
CA ILE F 49 -17.44 -15.44 -44.01
C ILE F 49 -16.06 -15.15 -44.60
N VAL F 50 -15.09 -14.70 -43.80
CA VAL F 50 -13.82 -14.20 -44.34
C VAL F 50 -12.53 -14.70 -43.66
N GLY F 51 -12.36 -14.44 -42.37
CA GLY F 51 -11.11 -14.63 -41.62
C GLY F 51 -10.32 -15.92 -41.77
N LEU F 52 -9.97 -16.29 -43.01
CA LEU F 52 -9.41 -17.63 -43.25
C LEU F 52 -7.93 -17.52 -42.87
N GLU F 53 -7.19 -16.90 -43.80
CA GLU F 53 -5.76 -16.57 -43.72
C GLU F 53 -5.22 -16.80 -42.34
N ASP F 54 -5.82 -16.14 -41.36
CA ASP F 54 -5.44 -16.31 -40.01
C ASP F 54 -6.52 -16.95 -39.20
N VAL F 55 -7.44 -16.16 -38.70
CA VAL F 55 -8.17 -16.52 -37.50
C VAL F 55 -8.92 -17.84 -37.50
N LYS F 56 -9.73 -18.06 -38.53
CA LYS F 56 -10.60 -19.23 -38.58
C LYS F 56 -9.81 -20.53 -38.66
N GLU F 57 -8.91 -20.63 -39.63
CA GLU F 57 -8.12 -21.85 -39.80
C GLU F 57 -7.31 -22.20 -38.55
N ALA F 58 -6.87 -21.17 -37.83
CA ALA F 58 -6.17 -21.37 -36.56
C ALA F 58 -7.09 -21.88 -35.45
N LEU F 59 -8.39 -21.63 -35.59
CA LEU F 59 -9.39 -22.14 -34.65
C LEU F 59 -9.71 -23.59 -35.00
N LYS F 60 -9.86 -23.85 -36.30
CA LYS F 60 -10.06 -25.20 -36.78
C LYS F 60 -8.91 -26.04 -36.23
N GLU F 61 -7.70 -25.70 -36.66
CA GLU F 61 -6.44 -26.29 -36.19
C GLU F 61 -6.48 -26.75 -34.72
N ALA F 62 -6.95 -25.88 -33.86
CA ALA F 62 -6.97 -26.12 -32.42
C ALA F 62 -7.97 -27.16 -31.96
N VAL F 63 -9.15 -27.19 -32.60
CA VAL F 63 -10.33 -27.83 -32.01
C VAL F 63 -11.07 -28.77 -32.94
N VAL F 64 -11.28 -28.35 -34.18
CA VAL F 64 -12.05 -29.19 -35.10
C VAL F 64 -11.28 -30.44 -35.54
N TYR F 65 -9.95 -30.36 -35.61
CA TYR F 65 -9.15 -31.49 -36.11
C TYR F 65 -9.09 -32.59 -35.06
N PRO F 66 -8.51 -32.30 -33.89
CA PRO F 66 -8.51 -33.31 -32.82
C PRO F 66 -9.86 -33.92 -32.49
N SER F 67 -10.93 -33.20 -32.78
CA SER F 67 -12.25 -33.77 -32.69
C SER F 67 -12.43 -34.83 -33.79
N LYS F 68 -12.22 -34.44 -35.05
CA LYS F 68 -12.43 -35.35 -36.18
C LYS F 68 -11.40 -36.50 -36.23
N ARG F 69 -10.22 -36.29 -35.69
CA ARG F 69 -9.16 -37.27 -35.85
C ARG F 69 -8.05 -37.14 -34.79
N PRO F 70 -8.31 -37.64 -33.57
CA PRO F 70 -7.37 -37.51 -32.44
C PRO F 70 -6.09 -38.31 -32.64
N ASP F 71 -6.22 -39.53 -33.14
CA ASP F 71 -5.06 -40.39 -33.44
C ASP F 71 -3.93 -39.69 -34.17
N LEU F 72 -4.25 -38.67 -34.95
CA LEU F 72 -3.24 -37.88 -35.65
C LEU F 72 -2.42 -36.94 -34.76
N PHE F 73 -2.79 -36.80 -33.50
CA PHE F 73 -2.05 -35.96 -32.55
C PHE F 73 -1.49 -36.79 -31.41
N PRO F 74 -0.27 -37.31 -31.59
CA PRO F 74 0.31 -38.19 -30.59
C PRO F 74 0.84 -37.42 -29.39
N LEU F 75 1.34 -36.21 -29.62
CA LEU F 75 1.74 -35.35 -28.52
C LEU F 75 0.54 -34.63 -27.92
N GLY F 76 -0.67 -35.12 -28.19
CA GLY F 76 -1.89 -34.53 -27.64
C GLY F 76 -2.19 -33.19 -28.27
N TRP F 77 -3.10 -32.45 -27.63
CA TRP F 77 -3.55 -31.15 -28.13
C TRP F 77 -4.24 -30.40 -27.00
N PRO F 78 -4.09 -29.06 -26.99
CA PRO F 78 -4.52 -28.28 -25.84
C PRO F 78 -6.00 -28.02 -25.88
N ARG F 79 -6.64 -28.11 -24.70
CA ARG F 79 -8.09 -27.91 -24.55
C ARG F 79 -8.46 -26.47 -24.19
N GLY F 80 -7.46 -25.68 -23.78
CA GLY F 80 -7.66 -24.29 -23.41
C GLY F 80 -7.28 -23.39 -24.56
N ILE F 81 -8.21 -22.52 -24.95
CA ILE F 81 -8.02 -21.72 -26.14
C ILE F 81 -8.53 -20.28 -25.91
N LEU F 82 -7.69 -19.29 -26.23
CA LEU F 82 -7.91 -17.89 -25.83
C LEU F 82 -8.12 -16.96 -27.01
N LEU F 83 -9.23 -16.23 -26.97
CA LEU F 83 -9.56 -15.27 -28.00
C LEU F 83 -9.29 -13.87 -27.46
N TYR F 84 -8.22 -13.25 -27.93
CA TYR F 84 -7.80 -11.95 -27.41
C TYR F 84 -7.66 -10.94 -28.51
N GLY F 85 -8.26 -9.77 -28.29
CA GLY F 85 -8.15 -8.71 -29.25
C GLY F 85 -9.01 -7.53 -28.88
N PRO F 86 -9.02 -6.52 -29.75
CA PRO F 86 -9.86 -5.38 -29.49
C PRO F 86 -11.32 -5.80 -29.41
N PRO F 87 -12.13 -5.00 -28.71
CA PRO F 87 -13.50 -5.36 -28.44
C PRO F 87 -14.42 -5.02 -29.60
N GLY F 88 -15.56 -5.69 -29.66
CA GLY F 88 -16.53 -5.41 -30.70
C GLY F 88 -16.48 -6.42 -31.83
N CYS F 89 -15.29 -6.97 -32.09
CA CYS F 89 -15.13 -7.99 -33.12
C CYS F 89 -15.92 -9.27 -32.84
N GLY F 90 -16.70 -9.28 -31.76
CA GLY F 90 -17.73 -10.31 -31.56
C GLY F 90 -17.10 -11.69 -31.37
N LYS F 91 -16.13 -11.75 -30.45
CA LYS F 91 -15.43 -13.02 -30.08
C LYS F 91 -16.48 -14.07 -29.66
N THR F 92 -17.65 -13.62 -29.20
CA THR F 92 -18.69 -14.52 -28.76
C THR F 92 -19.35 -15.28 -29.91
N MET F 93 -19.55 -14.60 -31.04
CA MET F 93 -20.20 -15.17 -32.24
C MET F 93 -19.25 -16.17 -32.96
N ILE F 94 -17.96 -15.88 -32.90
CA ILE F 94 -16.96 -16.78 -33.46
C ILE F 94 -16.95 -18.13 -32.74
N ALA F 95 -16.91 -18.10 -31.42
CA ALA F 95 -16.87 -19.32 -30.60
C ALA F 95 -18.16 -20.14 -30.75
N ALA F 96 -19.30 -19.45 -30.94
CA ALA F 96 -20.53 -20.13 -31.24
C ALA F 96 -20.39 -20.91 -32.56
N ALA F 97 -19.69 -20.30 -33.52
CA ALA F 97 -19.48 -20.91 -34.83
C ALA F 97 -18.80 -22.28 -34.78
N VAL F 98 -17.91 -22.49 -33.82
CA VAL F 98 -17.18 -23.75 -33.79
C VAL F 98 -18.03 -24.83 -33.13
N ALA F 99 -18.86 -24.46 -32.16
CA ALA F 99 -19.76 -25.43 -31.56
C ALA F 99 -20.71 -25.96 -32.63
N ASN F 100 -21.28 -25.04 -33.42
CA ASN F 100 -22.25 -25.40 -34.47
C ASN F 100 -21.52 -26.12 -35.65
N GLU F 101 -20.21 -25.90 -35.81
CA GLU F 101 -19.39 -26.72 -36.72
C GLU F 101 -19.32 -28.18 -36.28
N LEU F 102 -19.40 -28.41 -34.98
CA LEU F 102 -19.24 -29.75 -34.41
C LEU F 102 -20.56 -30.31 -33.85
N ASP F 103 -21.71 -29.75 -34.28
CA ASP F 103 -23.05 -30.11 -33.74
C ASP F 103 -22.92 -30.26 -32.22
N SER F 104 -22.26 -29.27 -31.62
CA SER F 104 -21.75 -29.37 -30.26
C SER F 104 -22.47 -28.39 -29.34
N GLU F 105 -22.44 -28.71 -28.05
CA GLU F 105 -23.08 -27.88 -27.04
C GLU F 105 -22.21 -26.70 -26.72
N PHE F 106 -22.83 -25.58 -26.38
CA PHE F 106 -22.13 -24.31 -26.21
C PHE F 106 -22.47 -23.69 -24.88
N ILE F 107 -21.77 -24.11 -23.84
CA ILE F 107 -22.07 -23.67 -22.48
C ILE F 107 -21.48 -22.28 -22.25
N HIS F 108 -22.33 -21.25 -22.41
CA HIS F 108 -21.92 -19.86 -22.34
C HIS F 108 -22.02 -19.33 -20.91
N VAL F 109 -20.98 -18.64 -20.45
CA VAL F 109 -20.98 -18.03 -19.11
C VAL F 109 -20.16 -16.75 -19.09
N ASP F 110 -20.72 -15.72 -18.48
CA ASP F 110 -20.05 -14.43 -18.34
C ASP F 110 -19.34 -14.45 -17.00
N ALA F 111 -18.04 -14.19 -17.02
CA ALA F 111 -17.22 -14.23 -15.81
C ALA F 111 -17.63 -13.17 -14.78
N ALA F 112 -18.23 -12.10 -15.26
CA ALA F 112 -18.82 -11.12 -14.37
C ALA F 112 -19.77 -11.84 -13.40
N SER F 113 -20.81 -12.47 -13.95
CA SER F 113 -21.86 -13.09 -13.12
C SER F 113 -21.31 -14.11 -12.14
N ILE F 114 -20.45 -15.02 -12.63
CA ILE F 114 -19.89 -16.08 -11.78
C ILE F 114 -19.05 -15.54 -10.60
N MET F 115 -18.57 -14.31 -10.71
CA MET F 115 -17.89 -13.65 -9.59
C MET F 115 -18.86 -12.98 -8.62
N SER F 116 -19.57 -11.96 -9.09
CA SER F 116 -20.49 -11.21 -8.24
C SER F 116 -21.56 -12.19 -7.77
N LYS F 117 -22.35 -12.69 -8.72
CA LYS F 117 -23.51 -13.55 -8.36
C LYS F 117 -23.12 -14.80 -7.52
N TRP F 118 -24.13 -15.35 -6.86
CA TRP F 118 -23.96 -16.37 -5.82
C TRP F 118 -23.56 -15.74 -4.45
N LEU F 119 -22.29 -15.77 -4.02
CA LEU F 119 -21.92 -15.47 -2.62
C LEU F 119 -20.42 -15.78 -2.39
N GLY F 120 -20.09 -16.41 -1.25
CA GLY F 120 -18.79 -17.06 -1.06
C GLY F 120 -18.67 -18.33 -1.90
N GLU F 121 -19.73 -19.14 -1.88
CA GLU F 121 -19.82 -20.39 -2.66
C GLU F 121 -20.31 -20.23 -4.10
N ALA F 122 -19.66 -19.32 -4.83
CA ALA F 122 -19.67 -19.30 -6.29
C ALA F 122 -18.77 -20.43 -6.80
N GLU F 123 -18.21 -21.22 -5.88
CA GLU F 123 -17.51 -22.45 -6.24
C GLU F 123 -18.51 -23.48 -6.75
N LYS F 124 -19.70 -23.48 -6.16
CA LYS F 124 -20.74 -24.44 -6.50
C LYS F 124 -21.03 -24.39 -8.00
N ASN F 125 -21.09 -23.18 -8.55
CA ASN F 125 -21.41 -22.98 -9.98
C ASN F 125 -20.25 -23.35 -10.91
N VAL F 126 -19.03 -22.97 -10.55
CA VAL F 126 -17.88 -23.19 -11.41
C VAL F 126 -17.59 -24.68 -11.64
N ALA F 127 -17.85 -25.51 -10.63
CA ALA F 127 -17.69 -26.96 -10.78
C ALA F 127 -18.83 -27.53 -11.61
N LYS F 128 -20.02 -26.96 -11.45
CA LYS F 128 -21.23 -27.40 -12.18
C LYS F 128 -21.12 -27.15 -13.68
N ILE F 129 -20.53 -26.02 -14.04
CA ILE F 129 -20.35 -25.67 -15.45
C ILE F 129 -19.52 -26.71 -16.18
N PHE F 130 -18.46 -27.17 -15.55
CA PHE F 130 -17.66 -28.24 -16.11
C PHE F 130 -18.42 -29.58 -16.02
N LYS F 131 -18.83 -29.97 -14.81
CA LYS F 131 -19.77 -31.08 -14.56
C LYS F 131 -20.66 -31.34 -15.76
N THR F 132 -21.52 -30.38 -16.06
CA THR F 132 -22.57 -30.57 -17.06
C THR F 132 -21.99 -30.71 -18.46
N ALA F 133 -20.89 -29.99 -18.76
CA ALA F 133 -20.23 -30.07 -20.06
C ALA F 133 -19.62 -31.44 -20.34
N ARG F 134 -19.05 -32.06 -19.32
CA ARG F 134 -18.50 -33.41 -19.46
C ARG F 134 -19.67 -34.36 -19.64
N GLU F 135 -20.64 -34.24 -18.73
CA GLU F 135 -21.83 -35.06 -18.75
C GLU F 135 -22.54 -35.01 -20.10
N LEU F 136 -22.70 -33.79 -20.59
CA LEU F 136 -23.33 -33.54 -21.87
C LEU F 136 -22.45 -33.96 -23.06
N SER F 137 -21.16 -34.16 -22.80
CA SER F 137 -20.32 -34.95 -23.68
C SER F 137 -20.52 -36.43 -23.29
N LYS F 138 -21.60 -37.01 -23.81
CA LYS F 138 -22.04 -38.35 -23.42
C LYS F 138 -21.15 -39.38 -24.08
N LYS F 139 -21.56 -40.64 -24.02
CA LYS F 139 -20.99 -41.67 -24.88
C LYS F 139 -20.95 -41.14 -26.31
N GLU F 140 -22.05 -40.51 -26.74
CA GLU F 140 -22.02 -39.67 -27.94
C GLU F 140 -20.84 -38.73 -27.84
N ASN F 141 -19.76 -39.11 -28.52
CA ASN F 141 -18.56 -38.29 -28.54
C ASN F 141 -18.84 -37.00 -29.30
N LYS F 142 -19.70 -36.18 -28.72
CA LYS F 142 -19.89 -34.84 -29.21
C LYS F 142 -19.13 -33.99 -28.21
N PRO F 143 -18.13 -33.26 -28.70
CA PRO F 143 -17.34 -32.47 -27.78
C PRO F 143 -18.09 -31.22 -27.36
N ALA F 144 -18.11 -30.93 -26.06
CA ALA F 144 -18.76 -29.73 -25.53
C ALA F 144 -17.77 -28.57 -25.40
N ILE F 145 -18.25 -27.35 -25.62
CA ILE F 145 -17.37 -26.17 -25.65
C ILE F 145 -17.85 -25.12 -24.64
N ILE F 146 -17.03 -24.90 -23.61
CA ILE F 146 -17.34 -23.88 -22.60
C ILE F 146 -16.79 -22.59 -23.08
N PHE F 147 -17.63 -21.56 -23.08
CA PHE F 147 -17.20 -20.25 -23.53
C PHE F 147 -17.27 -19.24 -22.39
N ILE F 148 -16.16 -18.56 -22.17
CA ILE F 148 -16.06 -17.61 -21.08
C ILE F 148 -15.85 -16.20 -21.60
N ASP F 149 -16.89 -15.40 -21.45
CA ASP F 149 -16.84 -13.99 -21.83
C ASP F 149 -16.11 -13.24 -20.72
N GLU F 150 -15.33 -12.23 -21.11
CA GLU F 150 -14.59 -11.40 -20.14
C GLU F 150 -13.76 -12.25 -19.18
N LEU F 151 -12.85 -13.06 -19.72
CA LEU F 151 -12.00 -13.92 -18.88
C LEU F 151 -11.24 -13.12 -17.81
N ASP F 152 -10.84 -11.90 -18.17
CA ASP F 152 -10.28 -10.90 -17.23
C ASP F 152 -10.95 -10.87 -15.86
N ALA F 153 -12.26 -11.11 -15.84
CA ALA F 153 -13.10 -10.89 -14.66
C ALA F 153 -12.98 -11.97 -13.58
N LEU F 154 -12.27 -13.05 -13.86
CA LEU F 154 -11.99 -14.06 -12.85
C LEU F 154 -10.84 -13.65 -11.96
N LEU F 155 -10.13 -12.60 -12.34
CA LEU F 155 -9.00 -12.12 -11.59
C LEU F 155 -9.32 -10.92 -10.65
N ALA F 156 -10.59 -10.49 -10.58
CA ALA F 156 -11.00 -9.52 -9.56
C ALA F 156 -12.49 -9.68 -9.24
N SER F 157 -13.10 -8.67 -8.59
CA SER F 157 -14.58 -8.53 -8.37
C SER F 157 -15.22 -9.28 -7.17
N TYR F 158 -14.65 -9.13 -5.98
CA TYR F 158 -15.04 -9.94 -4.80
C TYR F 158 -15.43 -9.14 -3.54
N THR F 159 -15.34 -9.74 -2.35
CA THR F 159 -15.68 -9.05 -1.09
C THR F 159 -14.82 -9.53 0.08
N SER F 160 -14.97 -10.81 0.44
CA SER F 160 -14.15 -11.44 1.46
C SER F 160 -12.82 -11.74 0.81
N GLU F 161 -11.97 -10.73 0.79
CA GLU F 161 -10.60 -10.93 0.43
C GLU F 161 -10.19 -12.32 0.98
N VAL F 162 -9.99 -13.26 0.06
CA VAL F 162 -9.42 -14.59 0.26
C VAL F 162 -10.34 -15.67 -0.31
N GLY F 163 -11.65 -15.44 -0.29
CA GLY F 163 -12.58 -16.22 -1.10
C GLY F 163 -12.62 -15.68 -2.50
N GLY F 164 -12.37 -14.38 -2.65
CA GLY F 164 -12.30 -13.73 -3.96
C GLY F 164 -11.26 -14.34 -4.87
N GLU F 165 -9.99 -14.19 -4.46
CA GLU F 165 -8.88 -14.84 -5.14
C GLU F 165 -8.89 -16.29 -4.76
N ALA F 166 -8.02 -17.05 -5.42
CA ALA F 166 -7.76 -18.43 -5.07
C ALA F 166 -9.02 -19.28 -5.02
N ARG F 167 -9.77 -19.21 -3.91
CA ARG F 167 -10.92 -20.10 -3.69
C ARG F 167 -11.60 -20.47 -4.99
N VAL F 168 -12.20 -19.48 -5.65
CA VAL F 168 -12.90 -19.71 -6.90
C VAL F 168 -11.95 -19.79 -8.09
N ARG F 169 -10.81 -19.08 -8.04
CA ARG F 169 -9.95 -19.02 -9.23
C ARG F 169 -9.16 -20.32 -9.39
N ASN F 170 -8.60 -20.85 -8.32
CA ASN F 170 -7.81 -22.08 -8.40
C ASN F 170 -8.69 -23.29 -8.68
N GLN F 171 -9.89 -23.30 -8.09
CA GLN F 171 -10.90 -24.33 -8.35
C GLN F 171 -11.14 -24.44 -9.87
N PHE F 172 -11.16 -23.29 -10.52
CA PHE F 172 -11.37 -23.19 -11.96
C PHE F 172 -10.11 -23.53 -12.74
N LEU F 173 -8.98 -23.02 -12.27
CA LEU F 173 -7.69 -23.30 -12.88
C LEU F 173 -7.44 -24.80 -12.83
N LYS F 174 -7.78 -25.40 -11.70
CA LYS F 174 -7.64 -26.84 -11.53
C LYS F 174 -8.48 -27.61 -12.54
N GLU F 175 -9.73 -27.18 -12.74
CA GLU F 175 -10.63 -27.86 -13.67
C GLU F 175 -9.98 -28.06 -15.04
N MET F 176 -9.19 -27.08 -15.49
CA MET F 176 -8.54 -27.16 -16.80
C MET F 176 -7.34 -28.09 -16.86
N ASP F 177 -6.64 -28.24 -15.75
CA ASP F 177 -5.61 -29.25 -15.66
C ASP F 177 -6.29 -30.62 -15.81
N GLY F 178 -7.52 -30.72 -15.29
CA GLY F 178 -8.33 -31.93 -15.40
C GLY F 178 -8.73 -32.31 -16.82
N LEU F 179 -8.99 -31.33 -17.67
CA LEU F 179 -9.42 -31.61 -19.05
C LEU F 179 -8.38 -32.41 -19.81
N ALA F 180 -7.12 -32.14 -19.49
CA ALA F 180 -5.97 -32.80 -20.12
C ALA F 180 -6.26 -34.25 -20.52
N ASP F 181 -6.20 -35.18 -19.57
CA ASP F 181 -6.22 -36.60 -19.91
C ASP F 181 -6.52 -37.55 -18.75
N LYS F 182 -7.35 -37.13 -17.81
CA LYS F 182 -7.67 -38.00 -16.69
C LYS F 182 -8.48 -39.16 -17.26
N ASN F 183 -8.12 -40.40 -16.88
CA ASN F 183 -8.65 -41.64 -17.49
C ASN F 183 -9.40 -41.42 -18.82
N GLU F 184 -8.67 -40.90 -19.81
CA GLU F 184 -9.22 -40.48 -21.11
C GLU F 184 -10.42 -39.50 -21.03
N ILE F 185 -11.66 -40.01 -20.91
CA ILE F 185 -12.92 -39.26 -21.09
C ILE F 185 -12.86 -38.24 -22.25
N SER F 186 -11.99 -37.24 -22.14
CA SER F 186 -11.65 -36.33 -23.24
C SER F 186 -12.77 -35.36 -23.60
N LYS F 187 -12.67 -34.75 -24.79
CA LYS F 187 -13.81 -34.12 -25.48
C LYS F 187 -14.05 -32.64 -25.19
N VAL F 188 -14.09 -32.26 -23.92
CA VAL F 188 -14.53 -30.90 -23.54
C VAL F 188 -13.45 -29.83 -23.75
N TYR F 189 -13.84 -28.68 -24.29
CA TYR F 189 -12.91 -27.54 -24.48
C TYR F 189 -13.33 -26.30 -23.70
N VAL F 190 -12.40 -25.35 -23.57
CA VAL F 190 -12.67 -24.05 -22.94
C VAL F 190 -12.17 -22.91 -23.82
N ILE F 191 -13.10 -22.15 -24.39
CA ILE F 191 -12.76 -20.96 -25.14
C ILE F 191 -12.99 -19.73 -24.26
N GLY F 192 -11.89 -19.09 -23.87
CA GLY F 192 -11.92 -17.87 -23.07
C GLY F 192 -11.77 -16.66 -23.95
N ALA F 193 -12.57 -15.63 -23.65
CA ALA F 193 -12.59 -14.40 -24.43
C ALA F 193 -12.25 -13.21 -23.57
N THR F 194 -11.45 -12.31 -24.13
CA THR F 194 -10.96 -11.15 -23.42
C THR F 194 -10.56 -10.01 -24.34
N ASN F 195 -10.84 -8.79 -23.91
CA ASN F 195 -10.34 -7.60 -24.59
C ASN F 195 -9.15 -7.02 -23.86
N LYS F 196 -8.84 -7.60 -22.71
CA LYS F 196 -7.84 -7.06 -21.83
C LYS F 196 -6.96 -8.19 -21.31
N PRO F 197 -6.10 -8.75 -22.17
CA PRO F 197 -5.16 -9.80 -21.76
C PRO F 197 -4.00 -9.31 -20.88
N TRP F 198 -3.88 -7.99 -20.69
CA TRP F 198 -2.95 -7.42 -19.70
C TRP F 198 -3.39 -8.04 -18.34
N ARG F 199 -4.67 -7.91 -17.96
CA ARG F 199 -5.23 -8.54 -16.72
C ARG F 199 -4.80 -9.98 -16.52
N LEU F 200 -4.77 -10.73 -17.62
CA LEU F 200 -4.45 -12.11 -17.56
C LEU F 200 -3.04 -12.42 -17.00
N ASP F 201 -3.05 -13.43 -16.12
CA ASP F 201 -2.05 -13.67 -15.11
C ASP F 201 -1.25 -14.94 -15.47
N GLU F 202 0.06 -14.92 -15.27
CA GLU F 202 0.97 -15.91 -15.90
C GLU F 202 0.74 -17.40 -15.55
N PRO F 203 0.12 -17.70 -14.40
CA PRO F 203 -0.50 -19.00 -14.19
C PRO F 203 -1.76 -19.22 -15.04
N PHE F 204 -2.80 -18.42 -14.86
CA PHE F 204 -3.98 -18.47 -15.73
C PHE F 204 -3.60 -18.69 -17.18
N LEU F 205 -2.67 -17.86 -17.66
CA LEU F 205 -2.22 -17.87 -19.03
C LEU F 205 -1.79 -19.23 -19.54
N ARG F 206 -1.11 -20.00 -18.70
CA ARG F 206 -0.57 -21.28 -19.12
C ARG F 206 -1.56 -22.45 -19.04
N ARG F 207 -2.82 -22.20 -18.72
CA ARG F 207 -3.87 -23.21 -18.97
C ARG F 207 -4.66 -22.90 -20.23
N PHE F 208 -4.10 -21.98 -21.01
CA PHE F 208 -4.61 -21.65 -22.33
C PHE F 208 -3.39 -21.64 -23.22
N GLN F 209 -3.09 -22.78 -23.82
CA GLN F 209 -1.90 -22.87 -24.64
C GLN F 209 -2.14 -22.40 -26.07
N LYS F 210 -3.40 -22.38 -26.49
CA LYS F 210 -3.74 -21.92 -27.83
C LYS F 210 -4.31 -20.52 -27.75
N ARG F 211 -3.60 -19.55 -28.32
CA ARG F 211 -4.02 -18.16 -28.25
C ARG F 211 -4.11 -17.53 -29.62
N ILE F 212 -5.33 -17.12 -29.99
CA ILE F 212 -5.63 -16.57 -31.30
C ILE F 212 -6.04 -15.14 -31.19
N TYR F 213 -5.22 -14.28 -31.77
CA TYR F 213 -5.48 -12.86 -31.84
C TYR F 213 -6.62 -12.65 -32.81
N ILE F 214 -7.80 -12.28 -32.30
CA ILE F 214 -8.90 -11.96 -33.20
C ILE F 214 -8.72 -10.50 -33.58
N THR F 215 -8.16 -10.35 -34.77
CA THR F 215 -7.70 -9.10 -35.26
C THR F 215 -8.86 -8.23 -35.76
N LEU F 216 -8.60 -6.94 -35.78
CA LEU F 216 -9.51 -5.97 -36.34
C LEU F 216 -9.79 -6.35 -37.82
N PRO F 217 -11.09 -6.38 -38.24
CA PRO F 217 -11.52 -7.11 -39.46
C PRO F 217 -11.01 -6.46 -40.75
N ASP F 218 -10.60 -7.30 -41.70
CA ASP F 218 -9.98 -6.83 -42.95
C ASP F 218 -11.06 -6.31 -43.90
N LYS F 219 -10.62 -5.76 -45.03
CA LYS F 219 -11.52 -5.09 -45.98
C LYS F 219 -12.62 -6.03 -46.48
N ALA F 220 -12.24 -7.26 -46.81
CA ALA F 220 -13.18 -8.28 -47.29
C ALA F 220 -14.17 -8.69 -46.21
N HIS F 221 -13.70 -8.73 -44.96
CA HIS F 221 -14.60 -9.01 -43.85
C HIS F 221 -15.67 -7.92 -43.77
N ARG F 222 -15.24 -6.67 -43.70
CA ARG F 222 -16.13 -5.51 -43.55
C ARG F 222 -17.26 -5.52 -44.56
N LEU F 223 -16.91 -5.70 -45.83
CA LEU F 223 -17.90 -5.73 -46.90
C LEU F 223 -19.12 -6.56 -46.55
N GLU F 224 -18.90 -7.80 -46.14
CA GLU F 224 -20.00 -8.74 -45.85
C GLU F 224 -20.72 -8.34 -44.53
N LEU F 225 -20.05 -7.56 -43.68
CA LEU F 225 -20.72 -6.87 -42.57
C LEU F 225 -21.63 -5.74 -43.08
N LEU F 226 -21.05 -4.80 -43.81
CA LEU F 226 -21.79 -3.67 -44.42
C LEU F 226 -23.03 -4.14 -45.18
N LYS F 227 -22.90 -5.28 -45.84
CA LYS F 227 -24.04 -5.98 -46.40
C LYS F 227 -25.03 -6.47 -45.34
N HIS F 228 -24.52 -7.19 -44.33
CA HIS F 228 -25.37 -7.76 -43.29
C HIS F 228 -26.04 -6.72 -42.40
N TYR F 229 -25.43 -5.53 -42.28
CA TYR F 229 -26.03 -4.42 -41.51
C TYR F 229 -26.84 -3.44 -42.38
N SER F 230 -26.63 -3.47 -43.69
CA SER F 230 -27.59 -2.89 -44.63
C SER F 230 -28.89 -3.72 -44.69
N SER F 231 -28.75 -5.06 -44.62
CA SER F 231 -29.86 -6.02 -44.51
C SER F 231 -31.24 -5.45 -44.81
N LYS F 232 -31.76 -4.66 -43.86
CA LYS F 232 -33.02 -3.96 -44.05
C LYS F 232 -32.96 -2.51 -43.56
N VAL F 233 -32.24 -1.69 -44.32
CA VAL F 233 -32.45 -0.25 -44.40
C VAL F 233 -32.40 0.11 -45.90
N LYS F 234 -33.52 0.59 -46.44
CA LYS F 234 -33.65 0.89 -47.88
C LYS F 234 -32.46 1.76 -48.30
N LEU F 235 -31.57 1.22 -49.14
CA LEU F 235 -30.21 1.75 -49.28
C LEU F 235 -29.97 2.81 -50.36
N ASP F 236 -30.74 2.82 -51.45
CA ASP F 236 -30.52 3.75 -52.57
C ASP F 236 -29.24 3.39 -53.32
N PRO F 237 -29.32 3.19 -54.66
CA PRO F 237 -28.05 3.08 -55.39
C PRO F 237 -27.17 4.34 -55.24
N ASN F 238 -25.99 4.34 -55.85
CA ASN F 238 -24.95 5.37 -55.64
C ASN F 238 -24.11 5.14 -54.39
N VAL F 239 -24.43 4.09 -53.64
CA VAL F 239 -23.86 3.83 -52.31
C VAL F 239 -22.60 2.97 -52.37
N ASN F 240 -22.61 1.96 -53.24
CA ASN F 240 -21.42 1.15 -53.53
C ASN F 240 -20.60 0.81 -52.29
N LEU F 241 -21.04 -0.26 -51.62
CA LEU F 241 -20.52 -0.68 -50.34
C LEU F 241 -19.02 -0.90 -50.39
N GLU F 242 -18.53 -1.46 -51.51
CA GLU F 242 -17.11 -1.75 -51.67
C GLU F 242 -16.19 -0.58 -51.28
N GLU F 243 -16.54 0.64 -51.70
CA GLU F 243 -15.69 1.81 -51.44
C GLU F 243 -15.81 2.27 -49.99
N LEU F 244 -16.92 1.91 -49.35
CA LEU F 244 -17.06 2.09 -47.91
C LEU F 244 -16.13 1.13 -47.17
N ALA F 245 -16.27 -0.16 -47.42
CA ALA F 245 -15.41 -1.15 -46.79
C ALA F 245 -13.97 -0.64 -46.69
N GLU F 246 -13.49 -0.06 -47.79
CA GLU F 246 -12.11 0.44 -47.85
C GLU F 246 -11.95 1.83 -47.21
N LEU F 247 -13.03 2.60 -47.16
CA LEU F 247 -13.06 3.83 -46.35
C LEU F 247 -13.04 3.55 -44.84
N THR F 248 -13.67 2.43 -44.45
CA THR F 248 -13.76 2.02 -43.05
C THR F 248 -12.55 1.13 -42.64
N ASP F 249 -11.35 1.58 -42.97
CA ASP F 249 -10.15 0.89 -42.54
C ASP F 249 -9.89 1.29 -41.11
N GLY F 250 -9.85 0.30 -40.22
CA GLY F 250 -9.48 0.55 -38.83
C GLY F 250 -10.62 0.53 -37.84
N TYR F 251 -11.84 0.34 -38.32
CA TYR F 251 -13.00 0.24 -37.45
C TYR F 251 -13.27 -1.21 -37.04
N THR F 252 -13.68 -1.41 -35.80
CA THR F 252 -14.09 -2.75 -35.39
C THR F 252 -15.46 -3.07 -36.00
N ALA F 253 -15.83 -4.35 -36.00
CA ALA F 253 -17.13 -4.77 -36.50
C ALA F 253 -18.28 -4.15 -35.71
N SER F 254 -18.04 -3.89 -34.42
CA SER F 254 -19.04 -3.25 -33.59
C SER F 254 -19.39 -1.88 -34.12
N ASP F 255 -18.37 -1.05 -34.33
CA ASP F 255 -18.62 0.31 -34.79
C ASP F 255 -18.75 0.41 -36.33
N ILE F 256 -19.22 -0.68 -36.94
CA ILE F 256 -19.75 -0.64 -38.29
C ILE F 256 -21.26 -0.55 -38.15
N ARG F 257 -21.84 -1.50 -37.41
CA ARG F 257 -23.25 -1.43 -37.04
C ARG F 257 -23.63 -0.02 -36.62
N ASP F 258 -22.75 0.60 -35.83
CA ASP F 258 -22.98 1.98 -35.40
C ASP F 258 -23.04 2.92 -36.59
N ILE F 259 -22.03 2.83 -37.46
CA ILE F 259 -21.93 3.76 -38.59
C ILE F 259 -23.19 3.73 -39.50
N VAL F 260 -23.67 2.55 -39.84
CA VAL F 260 -24.92 2.40 -40.62
C VAL F 260 -26.13 2.85 -39.82
N GLN F 261 -26.23 2.42 -38.58
CA GLN F 261 -27.38 2.80 -37.75
C GLN F 261 -27.51 4.31 -37.66
N SER F 262 -26.37 4.97 -37.44
CA SER F 262 -26.31 6.43 -37.37
C SER F 262 -26.46 7.13 -38.73
N ALA F 263 -26.12 6.44 -39.82
CA ALA F 263 -26.41 6.95 -41.16
C ALA F 263 -27.91 6.87 -41.47
N HIS F 264 -28.51 5.71 -41.18
CA HIS F 264 -29.95 5.56 -41.30
C HIS F 264 -30.69 6.54 -40.38
N MET F 265 -30.17 6.78 -39.17
CA MET F 265 -30.79 7.76 -38.26
C MET F 265 -30.78 9.15 -38.87
N ARG F 266 -29.72 9.45 -39.61
CA ARG F 266 -29.64 10.70 -40.35
C ARG F 266 -30.92 10.94 -41.17
N VAL F 267 -31.31 9.90 -41.91
CA VAL F 267 -32.48 9.94 -42.77
C VAL F 267 -33.82 10.06 -42.05
N VAL F 268 -33.92 9.44 -40.88
CA VAL F 268 -35.14 9.51 -40.10
C VAL F 268 -35.27 10.88 -39.48
N LYS F 269 -34.13 11.47 -39.08
CA LYS F 269 -34.12 12.85 -38.60
C LYS F 269 -34.77 13.73 -39.67
N GLU F 270 -34.38 13.53 -40.93
CA GLU F 270 -34.97 14.31 -41.99
C GLU F 270 -36.47 14.13 -41.96
N MET F 271 -36.98 12.92 -42.20
CA MET F 271 -38.46 12.72 -42.31
C MET F 271 -39.23 13.52 -41.24
N PHE F 272 -38.75 13.54 -40.01
CA PHE F 272 -39.46 14.20 -38.93
C PHE F 272 -39.45 15.72 -38.99
N GLU F 273 -38.26 16.29 -39.07
CA GLU F 273 -38.09 17.75 -39.05
C GLU F 273 -38.27 18.35 -40.45
N LYS F 274 -38.33 17.51 -41.46
CA LYS F 274 -38.82 17.90 -42.78
C LYS F 274 -40.33 17.71 -42.89
N ASN F 275 -40.83 16.70 -42.19
CA ASN F 275 -42.25 16.33 -42.17
C ASN F 275 -42.62 15.63 -43.45
N LEU F 276 -41.83 14.63 -43.79
CA LEU F 276 -42.09 13.75 -44.89
C LEU F 276 -42.85 12.52 -44.34
N GLN F 277 -43.55 11.82 -45.23
CA GLN F 277 -44.34 10.60 -44.89
C GLN F 277 -43.58 9.26 -44.83
N GLU F 278 -42.54 9.13 -45.66
CA GLU F 278 -41.60 8.01 -45.57
C GLU F 278 -40.30 8.62 -45.10
N PRO F 279 -39.33 7.79 -44.71
CA PRO F 279 -38.01 8.34 -44.57
C PRO F 279 -37.44 8.61 -45.94
N ARG F 280 -36.36 9.33 -45.95
CA ARG F 280 -35.67 9.59 -47.18
C ARG F 280 -34.91 8.32 -47.58
N ALA F 281 -34.58 8.17 -48.85
CA ALA F 281 -33.72 7.05 -49.26
C ALA F 281 -32.30 7.37 -48.82
N ILE F 282 -31.63 6.38 -48.23
CA ILE F 282 -30.37 6.66 -47.51
C ILE F 282 -29.24 6.79 -48.51
N ASN F 283 -28.55 7.92 -48.42
CA ASN F 283 -27.72 8.37 -49.52
C ASN F 283 -26.30 7.98 -49.18
N MET F 284 -25.39 8.16 -50.13
CA MET F 284 -23.96 7.95 -49.90
C MET F 284 -23.30 9.06 -49.10
N ASP F 285 -23.65 10.32 -49.39
CA ASP F 285 -23.12 11.46 -48.63
C ASP F 285 -23.64 11.43 -47.16
N ASP F 286 -24.55 10.51 -46.83
CA ASP F 286 -24.90 10.22 -45.44
C ASP F 286 -23.72 9.58 -44.77
N PHE F 287 -23.26 8.48 -45.35
CA PHE F 287 -22.07 7.80 -44.87
C PHE F 287 -20.89 8.74 -44.80
N ARG F 288 -20.74 9.60 -45.80
CA ARG F 288 -19.61 10.52 -45.82
C ARG F 288 -19.60 11.46 -44.61
N GLU F 289 -20.72 12.14 -44.34
CA GLU F 289 -20.76 13.12 -43.23
C GLU F 289 -20.78 12.42 -41.85
N VAL F 290 -21.38 11.22 -41.75
CA VAL F 290 -21.30 10.41 -40.52
C VAL F 290 -19.90 9.83 -40.29
N LEU F 291 -19.17 9.59 -41.38
CA LEU F 291 -17.81 9.06 -41.32
C LEU F 291 -16.76 10.13 -40.99
N LYS F 292 -17.11 11.42 -41.08
CA LYS F 292 -16.18 12.46 -40.62
C LYS F 292 -16.17 12.37 -39.09
N VAL F 293 -17.35 12.48 -38.50
CA VAL F 293 -17.50 12.54 -37.04
C VAL F 293 -17.17 11.24 -36.31
N ARG F 294 -17.69 10.09 -36.78
CA ARG F 294 -17.39 8.82 -36.10
C ARG F 294 -16.05 8.23 -36.52
N LYS F 295 -15.22 7.99 -35.51
CA LYS F 295 -13.87 7.49 -35.69
C LYS F 295 -13.82 6.04 -35.21
N PRO F 296 -12.69 5.35 -35.44
CA PRO F 296 -12.58 4.00 -34.91
C PRO F 296 -12.64 3.98 -33.38
N SER F 297 -13.31 2.99 -32.81
CA SER F 297 -13.49 2.90 -31.36
C SER F 297 -12.24 2.36 -30.69
N VAL F 298 -11.37 1.73 -31.46
CA VAL F 298 -10.10 1.23 -30.93
C VAL F 298 -8.97 2.20 -31.14
N ASN F 299 -8.58 2.82 -30.03
CA ASN F 299 -7.60 3.88 -29.97
C ASN F 299 -6.23 3.40 -30.42
N GLN F 300 -5.54 4.26 -31.15
CA GLN F 300 -4.21 3.95 -31.71
C GLN F 300 -3.18 3.42 -30.69
N ASP F 301 -3.37 3.76 -29.41
CA ASP F 301 -2.46 3.31 -28.34
C ASP F 301 -2.88 1.91 -27.85
N MET F 302 -4.19 1.66 -27.77
CA MET F 302 -4.69 0.34 -27.41
C MET F 302 -4.26 -0.65 -28.55
N LEU F 303 -4.19 -0.15 -29.78
CA LEU F 303 -3.63 -0.92 -30.89
C LEU F 303 -2.16 -1.30 -30.75
N LYS F 304 -1.34 -0.39 -30.22
CA LYS F 304 0.06 -0.70 -29.94
C LYS F 304 0.23 -1.57 -28.71
N ALA F 305 -0.68 -1.44 -27.74
CA ALA F 305 -0.67 -2.26 -26.51
C ALA F 305 -1.04 -3.73 -26.79
N TYR F 306 -2.05 -3.96 -27.61
CA TYR F 306 -2.35 -5.32 -28.09
C TYR F 306 -1.15 -5.88 -28.83
N ALA F 307 -0.73 -5.17 -29.87
CA ALA F 307 0.43 -5.56 -30.68
C ALA F 307 1.67 -5.96 -29.86
N ALA F 308 1.92 -5.24 -28.76
CA ALA F 308 3.02 -5.59 -27.85
C ALA F 308 2.74 -6.94 -27.19
N TRP F 309 1.67 -7.00 -26.41
CA TRP F 309 1.26 -8.23 -25.73
C TRP F 309 1.18 -9.41 -26.68
N HIS F 310 0.77 -9.16 -27.91
CA HIS F 310 0.71 -10.21 -28.93
C HIS F 310 2.07 -10.83 -29.20
N GLU F 311 3.07 -9.97 -29.42
CA GLU F 311 4.40 -10.45 -29.74
C GLU F 311 5.12 -11.10 -28.53
N LYS F 312 4.83 -10.64 -27.32
CA LYS F 312 5.49 -11.22 -26.13
C LYS F 312 4.75 -12.41 -25.48
N PHE F 313 3.58 -12.80 -26.00
CA PHE F 313 2.78 -13.90 -25.45
C PHE F 313 2.01 -14.52 -26.64
N LYS F 314 2.78 -14.97 -27.64
CA LYS F 314 2.35 -15.35 -29.00
C LYS F 314 1.67 -16.68 -28.92
N ALA F 315 2.48 -17.73 -28.79
CA ALA F 315 2.01 -19.11 -28.77
C ALA F 315 0.91 -19.44 -29.81
N LEU F 316 1.21 -19.18 -31.08
CA LEU F 316 0.34 -19.51 -32.21
C LEU F 316 -1.16 -19.29 -31.95
#